data_2VL4
#
_entry.id   2VL4
#
_cell.length_a   90.559
_cell.length_b   115.038
_cell.length_c   98.697
_cell.angle_alpha   90.00
_cell.angle_beta   112.59
_cell.angle_gamma   90.00
#
_symmetry.space_group_name_H-M   'P 1 21 1'
#
loop_
_entity.id
_entity.type
_entity.pdbx_description
1 polymer BETA-MANNOSIDASE
2 non-polymer (2S,3S,4R,5R)-2,3,4-TRIHYDROXY-5-HYDROXYMETHYL-PIPERIDINE
3 non-polymer 1,2-ETHANEDIOL
4 non-polymer 'BROMIDE ION'
5 non-polymer 'CHLORIDE ION'
6 water water
#
_entity_poly.entity_id   1
_entity_poly.type   'polypeptide(L)'
_entity_poly.pdbx_seq_one_letter_code
;QGNDTSEVMLLDTGWEFSQSGTEKWMPATVPGTVHQDLISHELLPNPFYGMNEKKIQWVENEDWEYRTSFIVSEEQLNRD
GIQLIFEGLDTYADVYLNGSLLLKADNMFVGYTLPVKSVLRKGENHLYIYFHSPIRQTLPQYASNGFNYPADNDHHEKHL
SVFSRKAPYSYGWDWGIRMVTSGVWRPVTLRFYDIATISDYYVRQLSLTDENARLSNELIVNQIVPQKIPAEVRVNVSLN
GTTVTEVKQQVTLQPGINHITLPAEVTNPVRWMPNGWGTPTLYDFSAQIACGDRIVAEQSHRIGLRTIRVVNEKDKDGES
FYFEVNGIPMFAKGANYIPQDALLPNVTTERYQTLFRDMKEANMNMVRIWGGGTYENNLFYDLADENGILVWQDFMFACT
PYPSDPTFLKRVEAEAVYNIRRLRNHASLAMWCGNNEILEALKYWGFEKKFTPEVYQGLMHGYDKLFRELLPSTVKEFDS
DRFYVHSSPYLANWGRPESWGTGDSHNWGVWYGKKPFESLDTDLPRFMSEFGFQSFPEMKTIAAFAAPEDYQIESEVMNA
HQKSSIGNSLIRTYMERDYIIPESFEDFVYVGLVLQGQGMRHGLEAHRRNRPYCMGTLYWQLNDSWPVVSWSSIDYYGNW
KALHYQAKRAFAPVLINPIQQNDSLSVYLISDRLDTMEQMTLEMKVVDFDGKTLGKKIQVHSLEVPANTSKCVYRAKLDG
WLTPEDCRRSFLKLILKDKSGHQVAESVHFFRKTKDLQLPPTSVSYQMKQTDGKCELTLFSSMLAKDIFIETPLQGARYS
DNFFDLLPGERKKVIITSPRIKKGEELPVNIKHIRETYKEHHHHHH
;
_entity_poly.pdbx_strand_id   A,B
#
loop_
_chem_comp.id
_chem_comp.type
_chem_comp.name
_chem_comp.formula
BR non-polymer 'BROMIDE ION' 'Br -1'
CL non-polymer 'CHLORIDE ION' 'Cl -1'
EDO non-polymer 1,2-ETHANEDIOL 'C2 H6 O2'
MNM non-polymer (2S,3S,4R,5R)-2,3,4-TRIHYDROXY-5-HYDROXYMETHYL-PIPERIDINE 'C6 H13 N O4'
#
# COMPACT_ATOMS: atom_id res chain seq x y z
N ASN A 3 10.42 -19.64 -6.96
CA ASN A 3 9.96 -20.80 -6.13
C ASN A 3 10.44 -22.21 -6.65
N ASP A 4 9.72 -22.94 -7.54
CA ASP A 4 10.17 -24.31 -7.92
C ASP A 4 9.73 -24.75 -9.33
N THR A 5 9.95 -26.01 -9.73
CA THR A 5 9.55 -26.41 -11.12
C THR A 5 8.10 -26.84 -11.32
N SER A 6 7.32 -26.84 -10.23
CA SER A 6 5.89 -27.21 -10.33
C SER A 6 5.12 -26.17 -11.16
N GLU A 7 4.01 -26.60 -11.75
CA GLU A 7 3.07 -25.69 -12.38
C GLU A 7 1.73 -25.78 -11.64
N VAL A 8 1.15 -24.63 -11.35
CA VAL A 8 -0.17 -24.60 -10.74
C VAL A 8 -1.24 -24.09 -11.70
N MET A 9 -2.33 -24.86 -11.82
CA MET A 9 -3.52 -24.43 -12.53
CA MET A 9 -3.52 -24.42 -12.53
C MET A 9 -4.63 -24.07 -11.53
N LEU A 10 -5.08 -22.81 -11.55
CA LEU A 10 -6.18 -22.40 -10.65
C LEU A 10 -7.49 -22.78 -11.29
N LEU A 11 -8.31 -23.57 -10.59
CA LEU A 11 -9.65 -23.92 -11.08
C LEU A 11 -10.68 -22.90 -10.56
N ASP A 12 -10.65 -21.70 -11.17
CA ASP A 12 -11.43 -20.57 -10.66
C ASP A 12 -12.32 -19.85 -11.70
N THR A 13 -12.44 -20.45 -12.87
CA THR A 13 -13.30 -19.95 -13.93
C THR A 13 -13.98 -21.16 -14.64
N GLY A 14 -15.07 -20.89 -15.38
CA GLY A 14 -15.79 -21.92 -16.12
C GLY A 14 -16.69 -22.81 -15.27
N TRP A 15 -16.93 -22.42 -14.02
CA TRP A 15 -17.80 -23.19 -13.16
C TRP A 15 -19.27 -22.91 -13.44
N GLU A 16 -20.07 -23.97 -13.36
CA GLU A 16 -21.53 -23.86 -13.35
C GLU A 16 -22.16 -24.54 -12.14
N PHE A 17 -23.38 -24.13 -11.81
CA PHE A 17 -24.09 -24.74 -10.71
C PHE A 17 -25.55 -25.07 -11.09
N SER A 18 -26.15 -25.96 -10.30
CA SER A 18 -27.53 -26.40 -10.56
C SER A 18 -28.18 -26.77 -9.23
N GLN A 19 -29.44 -26.38 -9.04
CA GLN A 19 -30.28 -26.91 -7.99
C GLN A 19 -30.60 -28.40 -8.29
N SER A 20 -30.22 -29.32 -7.40
CA SER A 20 -30.31 -30.77 -7.74
C SER A 20 -31.70 -31.15 -8.15
N GLY A 21 -31.77 -31.96 -9.20
CA GLY A 21 -33.06 -32.43 -9.73
C GLY A 21 -33.65 -31.51 -10.81
N THR A 22 -33.10 -30.33 -11.01
CA THR A 22 -33.73 -29.41 -11.97
C THR A 22 -33.10 -29.57 -13.34
N GLU A 23 -31.88 -30.09 -13.37
CA GLU A 23 -31.09 -30.24 -14.62
C GLU A 23 -30.85 -28.93 -15.35
N LYS A 24 -31.10 -27.84 -14.66
CA LYS A 24 -30.92 -26.50 -15.23
C LYS A 24 -29.62 -25.91 -14.66
N TRP A 25 -28.72 -25.49 -15.55
CA TRP A 25 -27.38 -25.01 -15.15
C TRP A 25 -27.14 -23.52 -15.46
N MET A 26 -26.39 -22.86 -14.56
CA MET A 26 -26.00 -21.44 -14.76
C MET A 26 -24.57 -21.21 -14.32
N PRO A 27 -23.93 -20.15 -14.84
CA PRO A 27 -22.57 -19.79 -14.39
C PRO A 27 -22.47 -19.57 -12.88
N ALA A 28 -21.37 -20.01 -12.30
CA ALA A 28 -21.10 -19.76 -10.90
C ALA A 28 -19.73 -19.09 -10.75
N THR A 29 -19.48 -18.57 -9.56
CA THR A 29 -18.23 -17.96 -9.22
C THR A 29 -17.62 -18.81 -8.12
N VAL A 30 -16.38 -19.22 -8.30
CA VAL A 30 -15.69 -20.10 -7.35
C VAL A 30 -14.29 -19.53 -7.09
N PRO A 31 -13.87 -19.35 -5.81
CA PRO A 31 -14.60 -19.62 -4.56
C PRO A 31 -15.87 -18.82 -4.48
N GLY A 32 -16.87 -19.39 -3.85
CA GLY A 32 -18.17 -18.77 -3.81
C GLY A 32 -19.08 -19.52 -2.91
N THR A 33 -20.37 -19.20 -2.99
CA THR A 33 -21.42 -19.82 -2.18
C THR A 33 -22.64 -19.99 -3.09
N VAL A 34 -23.46 -20.98 -2.79
CA VAL A 34 -24.77 -21.17 -3.46
C VAL A 34 -25.64 -19.88 -3.47
N HIS A 35 -25.73 -19.23 -2.31
CA HIS A 35 -26.52 -18.01 -2.15
C HIS A 35 -26.01 -16.88 -3.02
N GLN A 36 -24.72 -16.62 -2.99
CA GLN A 36 -24.17 -15.64 -3.92
C GLN A 36 -24.47 -15.96 -5.42
N ASP A 37 -24.29 -17.23 -5.82
CA ASP A 37 -24.52 -17.65 -7.20
C ASP A 37 -25.97 -17.36 -7.61
N LEU A 38 -26.88 -17.64 -6.71
CA LEU A 38 -28.31 -17.34 -6.88
C LEU A 38 -28.55 -15.84 -6.99
N ILE A 39 -28.00 -15.08 -6.04
CA ILE A 39 -28.06 -13.59 -6.06
C ILE A 39 -27.60 -13.04 -7.39
N SER A 40 -26.47 -13.55 -7.88
CA SER A 40 -25.87 -13.08 -9.12
C SER A 40 -26.80 -13.27 -10.33
N HIS A 41 -27.79 -14.17 -10.23
CA HIS A 41 -28.74 -14.38 -11.35
C HIS A 41 -30.16 -13.99 -10.94
N GLU A 42 -30.25 -13.11 -9.94
CA GLU A 42 -31.52 -12.62 -9.43
C GLU A 42 -32.51 -13.74 -9.06
N LEU A 43 -31.97 -14.85 -8.59
CA LEU A 43 -32.73 -16.03 -8.20
C LEU A 43 -32.94 -15.98 -6.71
N LEU A 44 -32.39 -14.95 -6.08
CA LEU A 44 -32.64 -14.59 -4.67
C LEU A 44 -32.55 -13.09 -4.59
N PRO A 45 -33.36 -12.49 -3.71
CA PRO A 45 -33.36 -11.08 -3.37
C PRO A 45 -32.22 -10.80 -2.39
N ASN A 46 -31.88 -9.53 -2.27
CA ASN A 46 -30.79 -9.13 -1.39
C ASN A 46 -31.11 -9.66 0.02
N PRO A 47 -30.35 -10.68 0.49
CA PRO A 47 -30.64 -11.32 1.76
C PRO A 47 -30.60 -10.33 2.97
N PHE A 48 -29.87 -9.24 2.85
CA PHE A 48 -29.67 -8.30 3.97
C PHE A 48 -30.74 -7.23 3.99
N TYR A 49 -31.46 -7.07 2.86
CA TYR A 49 -32.53 -6.05 2.76
C TYR A 49 -33.81 -6.42 3.48
N GLY A 50 -34.29 -5.48 4.29
CA GLY A 50 -35.62 -5.55 4.85
C GLY A 50 -35.98 -6.83 5.58
N MET A 51 -36.82 -7.63 4.95
CA MET A 51 -37.27 -8.83 5.63
C MET A 51 -36.97 -10.05 4.84
N ASN A 52 -35.98 -9.90 3.95
CA ASN A 52 -35.58 -10.95 3.05
C ASN A 52 -35.05 -12.21 3.74
N GLU A 53 -34.89 -12.20 5.07
CA GLU A 53 -34.26 -13.34 5.78
C GLU A 53 -35.11 -14.59 5.64
N LYS A 54 -36.42 -14.46 5.94
CA LYS A 54 -37.36 -15.58 5.79
C LYS A 54 -37.50 -16.07 4.35
N LYS A 55 -37.37 -15.14 3.39
CA LYS A 55 -37.47 -15.41 1.95
C LYS A 55 -36.32 -16.23 1.32
N ILE A 56 -35.21 -16.43 2.03
CA ILE A 56 -34.05 -17.10 1.46
C ILE A 56 -33.76 -18.45 2.13
N GLN A 57 -34.53 -18.81 3.16
CA GLN A 57 -34.30 -20.00 3.94
C GLN A 57 -34.44 -21.29 3.13
N TRP A 58 -35.24 -21.25 2.05
CA TRP A 58 -35.51 -22.45 1.26
C TRP A 58 -34.23 -23.10 0.70
N VAL A 59 -33.19 -22.28 0.50
CA VAL A 59 -31.92 -22.73 -0.08
C VAL A 59 -31.30 -23.91 0.70
N GLU A 60 -31.39 -23.85 2.03
CA GLU A 60 -30.69 -24.83 2.91
C GLU A 60 -31.37 -26.21 2.85
N ASN A 61 -32.57 -26.26 2.25
CA ASN A 61 -33.32 -27.51 2.06
C ASN A 61 -33.01 -28.24 0.74
N GLU A 62 -32.36 -27.56 -0.19
CA GLU A 62 -32.02 -28.18 -1.46
C GLU A 62 -30.59 -28.75 -1.49
N ASP A 63 -30.35 -29.68 -2.40
CA ASP A 63 -28.98 -30.09 -2.67
C ASP A 63 -28.54 -29.27 -3.86
N TRP A 64 -27.21 -29.14 -3.98
CA TRP A 64 -26.60 -28.30 -5.03
C TRP A 64 -25.41 -28.95 -5.70
N GLU A 65 -25.34 -28.88 -7.03
CA GLU A 65 -24.22 -29.46 -7.77
C GLU A 65 -23.44 -28.39 -8.50
N TYR A 66 -22.12 -28.60 -8.54
CA TYR A 66 -21.18 -27.72 -9.21
C TYR A 66 -20.38 -28.55 -10.21
N ARG A 67 -20.07 -27.97 -11.34
CA ARG A 67 -19.24 -28.67 -12.33
C ARG A 67 -18.31 -27.69 -13.04
N THR A 68 -17.16 -28.20 -13.46
CA THR A 68 -16.23 -27.48 -14.33
C THR A 68 -15.46 -28.48 -15.18
N SER A 69 -14.95 -28.01 -16.33
CA SER A 69 -14.16 -28.83 -17.26
C SER A 69 -12.82 -28.14 -17.40
N PHE A 70 -11.76 -28.89 -17.61
CA PHE A 70 -10.45 -28.30 -17.85
C PHE A 70 -9.63 -29.21 -18.76
N ILE A 71 -8.64 -28.62 -19.40
CA ILE A 71 -7.77 -29.33 -20.32
C ILE A 71 -6.44 -29.69 -19.68
N VAL A 72 -6.00 -30.90 -19.97
CA VAL A 72 -4.69 -31.32 -19.57
C VAL A 72 -3.97 -31.79 -20.84
N SER A 73 -2.77 -31.29 -20.99
CA SER A 73 -1.91 -31.65 -22.12
C SER A 73 -1.13 -32.94 -21.88
N GLU A 74 -0.69 -33.54 -22.98
CA GLU A 74 0.18 -34.71 -22.93
C GLU A 74 1.43 -34.43 -22.06
N GLU A 75 1.95 -33.19 -22.15
CA GLU A 75 3.12 -32.82 -21.36
C GLU A 75 2.83 -32.74 -19.85
N GLN A 76 1.68 -32.17 -19.49
CA GLN A 76 1.25 -32.10 -18.10
C GLN A 76 1.05 -33.48 -17.48
N LEU A 77 0.36 -34.35 -18.22
CA LEU A 77 0.09 -35.74 -17.82
C LEU A 77 1.34 -36.61 -17.65
N ASN A 78 2.45 -36.16 -18.22
CA ASN A 78 3.76 -36.80 -18.11
C ASN A 78 4.61 -36.28 -16.93
N ARG A 79 4.07 -35.33 -16.14
CA ARG A 79 4.77 -34.89 -14.91
C ARG A 79 4.74 -36.07 -13.92
N ASP A 80 5.65 -36.12 -12.96
CA ASP A 80 5.67 -37.28 -12.02
C ASP A 80 4.40 -37.37 -11.18
N GLY A 81 3.95 -36.21 -10.66
CA GLY A 81 2.78 -36.19 -9.78
C GLY A 81 1.82 -35.11 -10.20
N ILE A 82 0.54 -35.34 -9.94
CA ILE A 82 -0.52 -34.32 -10.12
C ILE A 82 -1.51 -34.40 -8.97
N GLN A 83 -1.64 -33.29 -8.29
CA GLN A 83 -2.34 -33.16 -7.04
C GLN A 83 -3.46 -32.12 -7.20
N LEU A 84 -4.67 -32.49 -6.79
CA LEU A 84 -5.80 -31.55 -6.67
C LEU A 84 -5.98 -31.19 -5.20
N ILE A 85 -6.04 -29.88 -4.94
CA ILE A 85 -6.15 -29.37 -3.60
C ILE A 85 -7.44 -28.54 -3.46
N PHE A 86 -8.26 -28.92 -2.49
CA PHE A 86 -9.42 -28.13 -2.10
C PHE A 86 -9.10 -27.47 -0.77
N GLU A 87 -8.87 -26.15 -0.74
CA GLU A 87 -8.70 -25.47 0.55
C GLU A 87 -9.94 -25.39 1.41
N GLY A 88 -11.13 -25.61 0.83
CA GLY A 88 -12.37 -25.59 1.64
C GLY A 88 -13.62 -25.99 0.90
N LEU A 89 -14.37 -26.93 1.46
CA LEU A 89 -15.65 -27.38 0.89
C LEU A 89 -16.64 -27.31 2.02
N ASP A 90 -17.73 -26.59 1.78
CA ASP A 90 -18.79 -26.35 2.75
C ASP A 90 -20.05 -27.11 2.25
N THR A 91 -20.35 -28.32 2.76
CA THR A 91 -19.61 -29.09 3.79
C THR A 91 -19.60 -30.58 3.41
N TYR A 92 -20.81 -31.10 3.20
CA TYR A 92 -20.96 -32.50 2.77
C TYR A 92 -20.93 -32.63 1.25
N ALA A 93 -19.73 -32.86 0.72
CA ALA A 93 -19.46 -32.75 -0.68
C ALA A 93 -18.86 -34.03 -1.23
N ASP A 94 -19.53 -34.58 -2.24
CA ASP A 94 -19.04 -35.76 -3.00
C ASP A 94 -18.35 -35.23 -4.23
N VAL A 95 -17.04 -35.49 -4.29
CA VAL A 95 -16.18 -34.93 -5.34
C VAL A 95 -15.88 -36.00 -6.38
N TYR A 96 -16.29 -35.75 -7.63
CA TYR A 96 -16.02 -36.69 -8.72
C TYR A 96 -15.14 -36.08 -9.81
N LEU A 97 -14.19 -36.88 -10.31
CA LEU A 97 -13.36 -36.47 -11.44
C LEU A 97 -13.31 -37.61 -12.44
N ASN A 98 -13.81 -37.42 -13.66
CA ASN A 98 -13.61 -38.46 -14.72
C ASN A 98 -14.10 -39.85 -14.27
N GLY A 99 -15.24 -39.90 -13.62
CA GLY A 99 -15.83 -41.17 -13.18
C GLY A 99 -15.38 -41.68 -11.81
N SER A 100 -14.33 -41.07 -11.25
CA SER A 100 -13.83 -41.47 -9.90
C SER A 100 -14.40 -40.60 -8.77
N LEU A 101 -14.94 -41.25 -7.74
CA LEU A 101 -15.24 -40.57 -6.45
C LEU A 101 -13.95 -40.35 -5.71
N LEU A 102 -13.45 -39.10 -5.74
CA LEU A 102 -12.13 -38.82 -5.16
C LEU A 102 -12.27 -38.64 -3.64
N LEU A 103 -13.43 -38.19 -3.18
CA LEU A 103 -13.53 -37.68 -1.82
C LEU A 103 -14.96 -37.49 -1.39
N LYS A 104 -15.28 -37.92 -0.17
CA LYS A 104 -16.55 -37.53 0.45
C LYS A 104 -16.19 -36.58 1.59
N ALA A 105 -16.21 -35.27 1.30
CA ALA A 105 -15.82 -34.25 2.27
C ALA A 105 -16.88 -34.10 3.38
N ASP A 106 -16.49 -33.67 4.57
CA ASP A 106 -17.51 -33.52 5.63
C ASP A 106 -17.05 -32.58 6.70
N ASN A 107 -16.13 -31.68 6.38
CA ASN A 107 -15.67 -30.75 7.39
C ASN A 107 -15.23 -29.49 6.70
N MET A 108 -16.01 -28.44 6.87
CA MET A 108 -15.76 -27.11 6.25
C MET A 108 -14.33 -26.53 6.55
N PHE A 109 -13.79 -26.94 7.69
CA PHE A 109 -12.53 -26.41 8.23
C PHE A 109 -11.25 -27.13 7.85
N VAL A 110 -11.37 -28.09 6.94
CA VAL A 110 -10.24 -28.92 6.54
C VAL A 110 -9.92 -28.73 5.06
N GLY A 111 -8.63 -28.65 4.74
CA GLY A 111 -8.24 -28.61 3.33
C GLY A 111 -7.93 -30.04 2.91
N TYR A 112 -8.24 -30.40 1.67
CA TYR A 112 -8.01 -31.80 1.18
C TYR A 112 -6.99 -31.77 0.03
N THR A 113 -5.97 -32.61 0.09
CA THR A 113 -5.01 -32.75 -1.01
C THR A 113 -5.17 -34.17 -1.60
N LEU A 114 -5.44 -34.26 -2.91
CA LEU A 114 -5.84 -35.51 -3.52
C LEU A 114 -4.89 -35.85 -4.67
N PRO A 115 -4.33 -37.09 -4.68
CA PRO A 115 -3.53 -37.51 -5.90
C PRO A 115 -4.41 -37.83 -7.10
N VAL A 116 -4.20 -37.18 -8.26
CA VAL A 116 -5.16 -37.42 -9.35
C VAL A 116 -4.50 -37.80 -10.70
N LYS A 117 -3.17 -37.90 -10.74
CA LYS A 117 -2.51 -38.16 -12.05
C LYS A 117 -3.16 -39.37 -12.78
N SER A 118 -3.34 -40.47 -12.05
CA SER A 118 -3.85 -41.68 -12.69
C SER A 118 -5.32 -41.60 -13.14
N VAL A 119 -6.03 -40.57 -12.69
CA VAL A 119 -7.44 -40.35 -13.01
C VAL A 119 -7.67 -39.31 -14.17
N LEU A 120 -6.68 -38.45 -14.39
CA LEU A 120 -6.75 -37.42 -15.41
C LEU A 120 -6.56 -38.02 -16.81
N ARG A 121 -7.13 -37.35 -17.82
CA ARG A 121 -7.06 -37.77 -19.21
C ARG A 121 -6.52 -36.61 -20.06
N LYS A 122 -5.81 -36.97 -21.12
CA LYS A 122 -5.36 -36.00 -22.11
C LYS A 122 -6.60 -35.37 -22.73
N GLY A 123 -6.60 -34.05 -22.88
CA GLY A 123 -7.80 -33.37 -23.40
C GLY A 123 -8.69 -32.91 -22.23
N GLU A 124 -10.00 -33.02 -22.43
CA GLU A 124 -11.04 -32.58 -21.48
C GLU A 124 -11.12 -33.47 -20.25
N ASN A 125 -11.26 -32.83 -19.09
CA ASN A 125 -11.39 -33.53 -17.79
C ASN A 125 -12.58 -32.89 -17.12
N HIS A 126 -13.40 -33.69 -16.44
CA HIS A 126 -14.68 -33.23 -15.89
C HIS A 126 -14.72 -33.41 -14.38
N LEU A 127 -14.76 -32.27 -13.67
CA LEU A 127 -14.90 -32.23 -12.22
C LEU A 127 -16.35 -31.88 -11.88
N TYR A 128 -16.91 -32.61 -10.91
CA TYR A 128 -18.27 -32.54 -10.59
C TYR A 128 -18.48 -32.71 -9.05
N ILE A 129 -19.12 -31.76 -8.38
CA ILE A 129 -19.23 -31.83 -6.92
C ILE A 129 -20.68 -31.78 -6.52
N TYR A 130 -21.10 -32.77 -5.72
CA TYR A 130 -22.46 -32.82 -5.24
C TYR A 130 -22.44 -32.40 -3.75
N PHE A 131 -23.12 -31.29 -3.42
CA PHE A 131 -23.28 -30.78 -2.04
C PHE A 131 -24.63 -31.20 -1.48
N HIS A 132 -24.59 -32.16 -0.57
CA HIS A 132 -25.76 -32.56 0.20
C HIS A 132 -26.13 -31.39 1.14
N SER A 133 -27.42 -31.08 1.21
CA SER A 133 -27.94 -30.13 2.17
C SER A 133 -27.44 -30.54 3.56
N PRO A 134 -26.82 -29.59 4.29
CA PRO A 134 -26.36 -29.95 5.63
C PRO A 134 -27.53 -30.18 6.58
N ILE A 135 -28.70 -29.62 6.27
CA ILE A 135 -29.92 -29.89 7.06
C ILE A 135 -30.39 -31.32 6.77
N ARG A 136 -30.59 -31.66 5.49
CA ARG A 136 -31.15 -33.00 5.23
C ARG A 136 -30.16 -34.12 5.52
N GLN A 137 -28.86 -33.80 5.42
CA GLN A 137 -27.81 -34.73 5.85
C GLN A 137 -27.90 -35.06 7.35
N THR A 138 -28.30 -34.07 8.15
CA THR A 138 -28.26 -34.22 9.61
C THR A 138 -29.62 -34.44 10.27
N LEU A 139 -30.71 -34.27 9.53
CA LEU A 139 -32.02 -34.64 10.12
C LEU A 139 -32.12 -36.10 10.67
N PRO A 140 -31.56 -37.09 9.96
CA PRO A 140 -31.55 -38.48 10.49
C PRO A 140 -30.64 -38.66 11.72
N GLN A 141 -29.58 -37.88 11.78
CA GLN A 141 -28.69 -37.91 12.93
C GLN A 141 -29.39 -37.32 14.17
N TYR A 142 -30.07 -36.20 13.96
CA TYR A 142 -30.89 -35.61 15.04
C TYR A 142 -32.02 -36.61 15.47
N ALA A 143 -32.68 -37.19 14.48
CA ALA A 143 -33.77 -38.16 14.78
C ALA A 143 -33.29 -39.35 15.64
N SER A 144 -32.06 -39.77 15.44
CA SER A 144 -31.41 -40.84 16.23
C SER A 144 -30.98 -40.43 17.66
N ASN A 145 -30.90 -39.11 17.91
CA ASN A 145 -30.21 -38.62 19.10
C ASN A 145 -31.07 -38.66 20.36
N GLY A 146 -32.37 -38.52 20.19
CA GLY A 146 -33.35 -38.54 21.29
C GLY A 146 -33.43 -37.31 22.17
N PHE A 147 -32.61 -36.30 21.91
CA PHE A 147 -32.71 -34.98 22.60
C PHE A 147 -32.24 -33.88 21.62
N ASN A 148 -32.56 -32.62 21.92
CA ASN A 148 -32.17 -31.50 21.09
C ASN A 148 -31.03 -30.80 21.91
N TYR A 149 -29.84 -30.70 21.35
CA TYR A 149 -28.78 -29.90 21.99
C TYR A 149 -29.25 -28.46 22.23
N PRO A 150 -28.82 -27.87 23.35
CA PRO A 150 -29.35 -26.53 23.71
C PRO A 150 -28.56 -25.37 23.04
N ALA A 151 -28.51 -25.40 21.71
CA ALA A 151 -27.83 -24.36 20.95
C ALA A 151 -28.86 -23.31 20.54
N ASP A 152 -29.19 -22.43 21.47
CA ASP A 152 -30.13 -21.36 21.26
C ASP A 152 -29.80 -20.41 20.15
N ASN A 153 -28.52 -20.30 19.78
CA ASN A 153 -28.20 -19.44 18.62
C ASN A 153 -28.47 -20.05 17.24
N ASP A 154 -28.77 -21.36 17.20
CA ASP A 154 -29.11 -22.09 15.99
C ASP A 154 -30.62 -21.81 15.76
N HIS A 155 -30.97 -20.98 14.77
CA HIS A 155 -32.35 -20.46 14.67
C HIS A 155 -33.24 -21.38 13.84
N HIS A 156 -33.57 -22.50 14.46
CA HIS A 156 -34.38 -23.54 13.87
C HIS A 156 -34.93 -24.28 15.04
N GLU A 157 -36.06 -24.95 14.84
CA GLU A 157 -36.58 -25.76 15.90
C GLU A 157 -35.62 -26.93 16.29
N LYS A 158 -34.99 -27.55 15.29
CA LYS A 158 -34.06 -28.63 15.50
C LYS A 158 -32.66 -28.02 15.46
N HIS A 159 -31.86 -28.27 16.48
CA HIS A 159 -30.52 -27.64 16.55
C HIS A 159 -29.44 -28.54 15.91
N LEU A 160 -29.41 -28.49 14.59
CA LEU A 160 -28.59 -29.39 13.74
C LEU A 160 -27.14 -28.97 13.63
N SER A 161 -26.87 -27.71 13.99
CA SER A 161 -25.51 -27.14 13.91
C SER A 161 -24.50 -28.03 14.60
N VAL A 162 -24.84 -28.56 15.76
CA VAL A 162 -23.88 -29.29 16.59
C VAL A 162 -23.40 -30.60 15.94
N PHE A 163 -24.13 -31.09 14.94
CA PHE A 163 -23.72 -32.31 14.22
C PHE A 163 -22.74 -32.10 13.07
N SER A 164 -22.59 -30.83 12.65
CA SER A 164 -21.75 -30.52 11.48
C SER A 164 -20.55 -29.65 11.87
N ARG A 165 -19.38 -29.99 11.30
CA ARG A 165 -18.17 -29.18 11.37
C ARG A 165 -18.31 -28.16 10.26
N LYS A 166 -19.13 -27.16 10.61
CA LYS A 166 -19.52 -26.07 9.73
C LYS A 166 -19.59 -24.85 10.64
N ALA A 167 -19.23 -23.66 10.13
CA ALA A 167 -19.26 -22.42 10.91
C ALA A 167 -20.55 -22.25 11.73
N PRO A 168 -20.44 -22.25 13.07
CA PRO A 168 -21.64 -22.18 13.92
C PRO A 168 -22.59 -21.00 13.59
N TYR A 169 -22.00 -19.83 13.38
CA TYR A 169 -22.78 -18.61 13.12
C TYR A 169 -23.65 -18.72 11.84
N SER A 170 -23.29 -19.63 10.90
CA SER A 170 -24.07 -19.74 9.66
C SER A 170 -25.53 -20.17 9.93
N TYR A 171 -25.76 -20.84 11.04
CA TYR A 171 -27.10 -21.21 11.46
C TYR A 171 -27.88 -20.07 12.14
N GLY A 172 -27.24 -18.91 12.28
CA GLY A 172 -27.83 -17.80 13.05
C GLY A 172 -26.95 -17.49 14.25
N TRP A 173 -27.09 -16.26 14.76
CA TRP A 173 -26.49 -15.93 16.04
C TRP A 173 -27.26 -14.71 16.62
N ASP A 174 -26.88 -14.25 17.81
CA ASP A 174 -27.62 -13.09 18.42
C ASP A 174 -27.22 -11.70 17.83
N TRP A 175 -26.38 -11.70 16.77
CA TRP A 175 -26.11 -10.53 15.91
C TRP A 175 -26.15 -10.92 14.44
N GLY A 176 -26.65 -12.12 14.14
CA GLY A 176 -26.47 -12.68 12.81
C GLY A 176 -27.70 -13.25 12.10
N ILE A 177 -27.69 -13.13 10.77
CA ILE A 177 -28.68 -13.72 9.88
C ILE A 177 -28.41 -15.24 9.70
N ARG A 178 -29.48 -16.02 9.60
CA ARG A 178 -29.35 -17.41 9.20
C ARG A 178 -29.19 -17.57 7.69
N MET A 179 -28.02 -18.06 7.27
CA MET A 179 -27.75 -18.38 5.86
C MET A 179 -26.85 -19.60 5.81
N VAL A 180 -27.51 -20.76 5.87
CA VAL A 180 -26.85 -22.06 5.96
C VAL A 180 -26.45 -22.37 4.50
N THR A 181 -25.25 -21.95 4.12
CA THR A 181 -24.84 -21.98 2.71
C THR A 181 -24.01 -23.21 2.45
N SER A 182 -23.62 -23.40 1.20
CA SER A 182 -22.74 -24.49 0.75
C SER A 182 -21.89 -23.95 -0.37
N GLY A 183 -20.83 -24.66 -0.72
CA GLY A 183 -20.05 -24.34 -1.87
C GLY A 183 -18.56 -24.54 -1.69
N VAL A 184 -17.84 -24.22 -2.76
CA VAL A 184 -16.37 -24.32 -2.79
C VAL A 184 -15.94 -22.98 -2.24
N TRP A 185 -15.75 -22.94 -0.92
CA TRP A 185 -15.61 -21.66 -0.18
C TRP A 185 -14.16 -21.11 -0.12
N ARG A 186 -13.18 -21.92 -0.52
CA ARG A 186 -11.78 -21.51 -0.65
C ARG A 186 -11.23 -22.11 -1.93
N PRO A 187 -10.05 -21.68 -2.37
CA PRO A 187 -9.60 -22.02 -3.74
C PRO A 187 -9.36 -23.50 -4.05
N VAL A 188 -9.45 -23.83 -5.34
CA VAL A 188 -9.19 -25.15 -5.85
C VAL A 188 -8.02 -25.04 -6.80
N THR A 189 -6.97 -25.84 -6.56
N THR A 189 -6.94 -25.77 -6.52
CA THR A 189 -5.75 -25.76 -7.34
CA THR A 189 -5.76 -25.74 -7.38
C THR A 189 -5.27 -27.15 -7.78
C THR A 189 -5.32 -27.14 -7.81
N LEU A 190 -4.73 -27.21 -9.00
CA LEU A 190 -4.16 -28.43 -9.53
C LEU A 190 -2.68 -28.15 -9.67
N ARG A 191 -1.87 -29.00 -9.04
CA ARG A 191 -0.42 -28.80 -9.10
C ARG A 191 0.22 -30.01 -9.83
N PHE A 192 1.04 -29.69 -10.83
CA PHE A 192 1.74 -30.66 -11.72
C PHE A 192 3.22 -30.52 -11.35
N TYR A 193 3.81 -31.57 -10.85
CA TYR A 193 5.16 -31.42 -10.28
C TYR A 193 6.03 -32.64 -10.51
N ASP A 194 7.31 -32.52 -10.23
CA ASP A 194 8.17 -33.68 -10.32
C ASP A 194 8.69 -34.06 -8.97
N ILE A 195 8.86 -35.37 -8.80
CA ILE A 195 9.57 -36.00 -7.65
C ILE A 195 8.76 -35.99 -6.35
N ALA A 196 8.48 -34.80 -5.81
CA ALA A 196 7.89 -34.69 -4.48
C ALA A 196 7.20 -33.34 -4.30
N THR A 197 6.39 -33.26 -3.26
CA THR A 197 5.93 -31.95 -2.73
C THR A 197 6.31 -31.82 -1.25
N ILE A 198 6.45 -30.59 -0.77
CA ILE A 198 6.60 -30.35 0.66
C ILE A 198 5.16 -30.32 1.24
N SER A 199 4.77 -31.34 2.01
CA SER A 199 3.43 -31.40 2.61
C SER A 199 3.31 -30.45 3.82
N ASP A 200 4.43 -30.25 4.54
CA ASP A 200 4.42 -29.32 5.67
C ASP A 200 5.81 -28.82 5.88
N TYR A 201 5.90 -27.54 6.25
CA TYR A 201 7.14 -26.91 6.69
C TYR A 201 6.80 -26.17 7.99
N TYR A 202 7.45 -26.61 9.06
CA TYR A 202 7.35 -26.05 10.37
C TYR A 202 8.69 -25.45 10.85
N VAL A 203 8.73 -24.15 11.12
CA VAL A 203 9.90 -23.53 11.72
C VAL A 203 9.70 -23.47 13.21
N ARG A 204 10.36 -24.38 13.92
CA ARG A 204 10.14 -24.53 15.34
C ARG A 204 11.26 -23.79 16.07
N GLN A 205 10.89 -22.82 16.88
CA GLN A 205 11.85 -22.02 17.59
C GLN A 205 12.21 -22.80 18.85
N LEU A 206 13.48 -23.14 18.98
CA LEU A 206 14.00 -23.89 20.13
C LEU A 206 14.37 -22.99 21.32
N SER A 207 14.98 -21.84 21.04
CA SER A 207 15.32 -20.90 22.07
C SER A 207 15.50 -19.54 21.41
N LEU A 208 15.44 -18.49 22.22
CA LEU A 208 15.64 -17.13 21.73
C LEU A 208 16.26 -16.29 22.83
N THR A 209 17.42 -15.69 22.55
CA THR A 209 17.97 -14.70 23.49
C THR A 209 18.32 -13.49 22.66
N ASP A 210 18.71 -12.37 23.28
CA ASP A 210 19.24 -11.21 22.51
C ASP A 210 20.42 -11.60 21.60
N GLU A 211 21.17 -12.63 22.02
CA GLU A 211 22.36 -13.07 21.30
C GLU A 211 22.13 -14.07 20.19
N ASN A 212 21.12 -14.92 20.31
CA ASN A 212 20.96 -16.02 19.36
C ASN A 212 19.55 -16.59 19.32
N ALA A 213 19.07 -16.91 18.12
CA ALA A 213 17.83 -17.64 17.95
C ALA A 213 18.18 -19.00 17.40
N ARG A 214 17.67 -20.04 18.06
CA ARG A 214 17.90 -21.40 17.55
C ARG A 214 16.61 -22.00 17.02
N LEU A 215 16.66 -22.45 15.76
CA LEU A 215 15.50 -22.96 15.04
C LEU A 215 15.72 -24.37 14.55
N SER A 216 14.61 -25.08 14.48
CA SER A 216 14.59 -26.37 13.86
C SER A 216 13.59 -26.35 12.72
N ASN A 217 14.10 -26.55 11.51
CA ASN A 217 13.31 -26.57 10.31
C ASN A 217 12.84 -27.99 10.04
N GLU A 218 11.55 -28.20 10.24
CA GLU A 218 10.96 -29.54 10.18
C GLU A 218 10.11 -29.68 8.93
N LEU A 219 10.55 -30.55 8.01
CA LEU A 219 9.82 -30.75 6.77
C LEU A 219 9.23 -32.14 6.66
N ILE A 220 8.04 -32.21 6.07
CA ILE A 220 7.46 -33.45 5.65
C ILE A 220 7.36 -33.36 4.13
N VAL A 221 8.01 -34.31 3.45
CA VAL A 221 8.14 -34.37 1.97
C VAL A 221 7.44 -35.63 1.49
N ASN A 222 6.52 -35.49 0.54
CA ASN A 222 5.83 -36.66 0.04
C ASN A 222 6.38 -36.96 -1.37
N GLN A 223 7.18 -38.01 -1.50
N GLN A 223 7.12 -38.06 -1.49
CA GLN A 223 7.72 -38.30 -2.81
CA GLN A 223 7.70 -38.43 -2.76
C GLN A 223 6.93 -39.37 -3.54
C GLN A 223 6.81 -39.37 -3.51
N ILE A 224 6.58 -39.03 -4.78
CA ILE A 224 5.57 -39.66 -5.57
C ILE A 224 6.07 -40.67 -6.59
N VAL A 225 7.39 -40.81 -6.72
CA VAL A 225 7.96 -41.71 -7.74
C VAL A 225 8.40 -43.01 -7.05
N PRO A 226 8.54 -44.13 -7.81
CA PRO A 226 8.94 -45.41 -7.18
C PRO A 226 10.42 -45.58 -6.81
N GLN A 227 11.29 -44.77 -7.39
CA GLN A 227 12.73 -44.87 -7.18
C GLN A 227 13.17 -44.07 -5.96
N LYS A 228 14.35 -44.38 -5.45
CA LYS A 228 15.04 -43.63 -4.40
C LYS A 228 15.77 -42.45 -5.05
N ILE A 229 15.60 -41.26 -4.49
CA ILE A 229 15.99 -40.02 -5.19
C ILE A 229 16.89 -39.21 -4.29
N PRO A 230 18.19 -39.12 -4.65
CA PRO A 230 19.12 -38.23 -4.01
C PRO A 230 18.65 -36.77 -4.12
N ALA A 231 18.69 -36.07 -3.00
CA ALA A 231 18.21 -34.71 -2.97
C ALA A 231 19.05 -33.93 -1.98
N GLU A 232 19.10 -32.61 -2.19
CA GLU A 232 19.67 -31.77 -1.19
C GLU A 232 18.54 -30.84 -0.69
N VAL A 233 18.30 -30.88 0.61
CA VAL A 233 17.39 -29.92 1.26
C VAL A 233 18.15 -28.71 1.75
N ARG A 234 17.64 -27.53 1.37
CA ARG A 234 18.27 -26.25 1.66
C ARG A 234 17.25 -25.36 2.36
N VAL A 235 17.70 -24.67 3.39
CA VAL A 235 16.87 -23.65 4.03
C VAL A 235 17.65 -22.34 3.95
N ASN A 236 16.98 -21.32 3.45
CA ASN A 236 17.55 -19.98 3.34
C ASN A 236 16.75 -19.04 4.24
N VAL A 237 17.48 -18.31 5.08
CA VAL A 237 16.87 -17.33 5.95
C VAL A 237 17.32 -15.96 5.48
N SER A 238 16.33 -15.14 5.16
CA SER A 238 16.62 -13.79 4.67
CA SER A 238 16.60 -13.80 4.64
C SER A 238 15.77 -12.72 5.34
N LEU A 239 16.23 -11.49 5.22
CA LEU A 239 15.53 -10.36 5.75
C LEU A 239 15.56 -9.29 4.66
N ASN A 240 14.38 -8.84 4.20
CA ASN A 240 14.28 -7.77 3.21
CA ASN A 240 14.31 -7.79 3.18
C ASN A 240 15.14 -8.13 1.96
N GLY A 241 15.20 -9.41 1.61
CA GLY A 241 15.89 -9.86 0.38
C GLY A 241 17.35 -10.18 0.51
N THR A 242 17.90 -10.07 1.71
CA THR A 242 19.30 -10.37 1.98
C THR A 242 19.43 -11.56 2.88
N THR A 243 20.21 -12.53 2.41
CA THR A 243 20.48 -13.75 3.20
C THR A 243 21.14 -13.46 4.54
N VAL A 244 20.59 -14.05 5.58
CA VAL A 244 21.15 -13.95 6.92
C VAL A 244 21.87 -15.25 7.27
N THR A 245 21.27 -16.38 6.93
CA THR A 245 21.90 -17.68 7.10
C THR A 245 21.35 -18.73 6.12
N GLU A 246 22.17 -19.73 5.81
CA GLU A 246 21.75 -20.76 4.89
C GLU A 246 22.30 -22.08 5.38
N VAL A 247 21.47 -23.11 5.35
CA VAL A 247 21.88 -24.45 5.77
C VAL A 247 21.39 -25.46 4.73
N LYS A 248 22.05 -26.61 4.69
CA LYS A 248 21.69 -27.69 3.78
C LYS A 248 21.95 -29.10 4.36
N GLN A 249 21.35 -30.08 3.72
CA GLN A 249 21.43 -31.43 4.18
C GLN A 249 21.30 -32.34 2.99
N GLN A 250 22.23 -33.28 2.83
CA GLN A 250 22.09 -34.32 1.80
C GLN A 250 21.16 -35.40 2.29
N VAL A 251 20.25 -35.82 1.44
CA VAL A 251 19.34 -36.96 1.77
C VAL A 251 19.10 -37.82 0.58
N THR A 252 18.57 -39.01 0.79
CA THR A 252 17.98 -39.75 -0.32
C THR A 252 16.52 -39.95 -0.05
N LEU A 253 15.65 -39.28 -0.83
CA LEU A 253 14.23 -39.40 -0.62
C LEU A 253 13.71 -40.76 -1.02
N GLN A 254 13.02 -41.39 -0.09
CA GLN A 254 12.32 -42.66 -0.28
C GLN A 254 10.91 -42.43 -0.80
N PRO A 255 10.35 -43.39 -1.57
CA PRO A 255 8.91 -43.32 -1.86
C PRO A 255 8.03 -43.09 -0.63
N GLY A 256 7.01 -42.23 -0.79
CA GLY A 256 6.16 -41.83 0.31
C GLY A 256 6.67 -40.68 1.16
N ILE A 257 6.27 -40.71 2.44
CA ILE A 257 6.59 -39.63 3.41
C ILE A 257 8.04 -39.68 3.86
N ASN A 258 8.71 -38.52 3.88
CA ASN A 258 10.04 -38.35 4.39
C ASN A 258 10.02 -37.23 5.41
N HIS A 259 10.70 -37.43 6.53
CA HIS A 259 10.81 -36.42 7.58
C HIS A 259 12.22 -35.90 7.59
N ILE A 260 12.36 -34.60 7.40
CA ILE A 260 13.65 -33.97 7.31
C ILE A 260 13.72 -32.90 8.38
N THR A 261 14.82 -32.83 9.13
CA THR A 261 15.02 -31.81 10.16
C THR A 261 16.37 -31.10 9.96
N LEU A 262 16.34 -29.78 9.71
CA LEU A 262 17.58 -29.01 9.57
C LEU A 262 17.60 -27.88 10.57
N PRO A 263 18.59 -27.90 11.46
CA PRO A 263 18.75 -26.81 12.39
C PRO A 263 19.30 -25.54 11.70
N ALA A 264 18.92 -24.37 12.21
CA ALA A 264 19.50 -23.12 11.73
C ALA A 264 19.57 -22.14 12.88
N GLU A 265 20.53 -21.23 12.85
CA GLU A 265 20.60 -20.24 13.93
C GLU A 265 20.66 -18.85 13.32
N VAL A 266 20.18 -17.87 14.08
CA VAL A 266 20.21 -16.47 13.66
C VAL A 266 20.85 -15.73 14.81
N THR A 267 22.08 -15.27 14.61
CA THR A 267 22.78 -14.52 15.64
C THR A 267 22.23 -13.09 15.71
N ASN A 268 22.27 -12.50 16.90
CA ASN A 268 21.71 -11.18 17.15
C ASN A 268 20.37 -10.95 16.46
N PRO A 269 19.36 -11.80 16.79
CA PRO A 269 18.09 -11.77 16.05
C PRO A 269 17.34 -10.45 16.24
N VAL A 270 16.67 -9.99 15.19
CA VAL A 270 15.82 -8.77 15.29
C VAL A 270 14.42 -9.26 15.66
N ARG A 271 14.01 -8.93 16.88
CA ARG A 271 12.73 -9.48 17.40
C ARG A 271 11.47 -8.88 16.81
N TRP A 272 10.46 -9.74 16.66
CA TRP A 272 9.08 -9.34 16.33
C TRP A 272 8.48 -8.70 17.58
N MET A 273 8.02 -7.46 17.46
CA MET A 273 7.35 -6.81 18.59
C MET A 273 5.89 -6.52 18.25
N PRO A 274 5.00 -6.54 19.27
CA PRO A 274 3.60 -6.18 19.05
C PRO A 274 3.34 -4.69 18.88
N ASN A 275 2.17 -4.38 18.27
CA ASN A 275 1.77 -3.01 18.00
C ASN A 275 1.91 -2.13 19.23
N GLY A 276 2.68 -1.06 19.12
CA GLY A 276 2.87 -0.18 20.26
C GLY A 276 4.25 -0.31 20.86
N TRP A 277 4.87 -1.47 20.70
CA TRP A 277 6.19 -1.70 21.32
C TRP A 277 7.34 -1.81 20.35
N GLY A 278 7.09 -1.61 19.06
CA GLY A 278 8.20 -1.62 18.11
C GLY A 278 7.79 -2.17 16.77
N THR A 279 8.75 -2.70 16.02
CA THR A 279 8.47 -3.18 14.68
CA THR A 279 8.53 -3.18 14.66
C THR A 279 8.11 -4.67 14.67
N PRO A 280 7.11 -5.05 13.83
CA PRO A 280 6.73 -6.47 13.76
C PRO A 280 7.61 -7.18 12.71
N THR A 281 8.90 -7.29 13.01
CA THR A 281 9.90 -7.80 12.08
C THR A 281 9.63 -9.25 11.68
N LEU A 282 9.63 -9.49 10.36
CA LEU A 282 9.42 -10.83 9.86
C LEU A 282 10.55 -11.26 8.94
N TYR A 283 11.18 -12.39 9.27
CA TYR A 283 12.16 -13.05 8.41
C TYR A 283 11.46 -13.85 7.34
N ASP A 284 12.14 -14.06 6.23
CA ASP A 284 11.67 -15.01 5.24
C ASP A 284 12.48 -16.33 5.32
N PHE A 285 11.77 -17.40 5.65
CA PHE A 285 12.37 -18.76 5.68
C PHE A 285 11.86 -19.52 4.49
N SER A 286 12.79 -19.93 3.62
CA SER A 286 12.48 -20.68 2.41
C SER A 286 13.14 -22.08 2.48
N ALA A 287 12.34 -23.12 2.34
CA ALA A 287 12.85 -24.48 2.22
C ALA A 287 12.68 -24.96 0.78
N GLN A 288 13.76 -25.53 0.23
CA GLN A 288 13.79 -26.05 -1.14
C GLN A 288 14.27 -27.50 -1.11
N ILE A 289 13.68 -28.32 -1.97
CA ILE A 289 14.23 -29.63 -2.35
C ILE A 289 14.86 -29.59 -3.74
N ALA A 290 16.17 -29.84 -3.82
CA ALA A 290 16.91 -29.79 -5.07
C ALA A 290 17.36 -31.19 -5.46
N CYS A 291 16.96 -31.58 -6.66
CA CYS A 291 17.34 -32.87 -7.24
C CYS A 291 18.20 -32.55 -8.43
N GLY A 292 19.51 -32.60 -8.23
CA GLY A 292 20.45 -32.18 -9.26
C GLY A 292 20.39 -30.68 -9.45
N ASP A 293 20.14 -30.26 -10.69
CA ASP A 293 20.03 -28.83 -11.00
C ASP A 293 18.70 -28.23 -10.46
N ARG A 294 17.63 -28.99 -10.59
CA ARG A 294 16.27 -28.47 -10.50
C ARG A 294 15.76 -28.39 -9.04
N ILE A 295 15.08 -27.30 -8.74
CA ILE A 295 14.35 -27.17 -7.49
C ILE A 295 12.97 -27.73 -7.75
N VAL A 296 12.72 -28.94 -7.25
CA VAL A 296 11.46 -29.62 -7.56
C VAL A 296 10.31 -29.16 -6.65
N ALA A 297 10.66 -28.66 -5.47
CA ALA A 297 9.67 -28.19 -4.48
C ALA A 297 10.22 -27.09 -3.61
N GLU A 298 9.41 -26.07 -3.33
CA GLU A 298 9.84 -25.01 -2.42
C GLU A 298 8.61 -24.58 -1.59
N GLN A 299 8.85 -24.20 -0.36
CA GLN A 299 7.83 -23.62 0.49
C GLN A 299 8.50 -22.58 1.41
N SER A 300 7.83 -21.43 1.57
CA SER A 300 8.34 -20.40 2.49
CA SER A 300 8.32 -20.33 2.42
C SER A 300 7.29 -19.95 3.49
N HIS A 301 7.78 -19.45 4.62
CA HIS A 301 6.95 -18.77 5.63
C HIS A 301 7.63 -17.49 6.07
N ARG A 302 6.80 -16.50 6.41
CA ARG A 302 7.31 -15.34 7.11
C ARG A 302 7.32 -15.72 8.58
N ILE A 303 8.44 -15.44 9.24
CA ILE A 303 8.68 -15.89 10.61
C ILE A 303 9.07 -14.70 11.50
N GLY A 304 8.37 -14.56 12.63
CA GLY A 304 8.70 -13.55 13.61
C GLY A 304 9.40 -14.20 14.80
N LEU A 305 10.51 -13.60 15.24
CA LEU A 305 11.27 -14.24 16.29
C LEU A 305 10.92 -13.53 17.58
N ARG A 306 10.23 -14.24 18.46
CA ARG A 306 9.73 -13.59 19.71
C ARG A 306 9.40 -14.72 20.65
N THR A 307 9.29 -14.38 21.95
CA THR A 307 8.68 -15.34 22.85
C THR A 307 7.32 -14.78 23.28
N ILE A 308 6.35 -15.67 23.36
CA ILE A 308 5.03 -15.41 23.97
C ILE A 308 4.78 -16.49 25.04
N ARG A 309 4.65 -16.04 26.27
CA ARG A 309 4.25 -16.93 27.34
C ARG A 309 2.94 -16.44 27.94
N VAL A 310 1.98 -17.35 28.11
CA VAL A 310 0.77 -17.01 28.82
C VAL A 310 0.96 -17.45 30.26
N VAL A 311 0.83 -16.49 31.18
CA VAL A 311 1.06 -16.74 32.60
C VAL A 311 -0.33 -16.85 33.25
N ASN A 312 -0.63 -18.06 33.67
CA ASN A 312 -1.88 -18.45 34.27
C ASN A 312 -1.54 -19.30 35.52
N GLU A 313 -1.37 -18.59 36.63
CA GLU A 313 -0.77 -19.14 37.83
C GLU A 313 -1.52 -18.67 39.07
N LYS A 314 -1.70 -19.60 40.02
CA LYS A 314 -2.14 -19.23 41.36
C LYS A 314 -1.36 -18.05 41.94
N ASP A 315 -2.09 -17.10 42.51
CA ASP A 315 -1.49 -15.99 43.20
C ASP A 315 -2.41 -15.53 44.32
N LYS A 316 -1.97 -14.50 45.04
CA LYS A 316 -2.68 -13.96 46.21
C LYS A 316 -4.10 -13.48 45.85
N ASP A 317 -4.28 -13.09 44.59
CA ASP A 317 -5.56 -12.56 44.16
C ASP A 317 -6.50 -13.62 43.56
N GLY A 318 -5.97 -14.81 43.28
CA GLY A 318 -6.72 -15.93 42.73
C GLY A 318 -5.83 -16.62 41.70
N GLU A 319 -6.13 -16.45 40.42
CA GLU A 319 -5.28 -17.00 39.33
C GLU A 319 -5.09 -15.94 38.25
N SER A 320 -3.82 -15.56 38.02
CA SER A 320 -3.47 -14.57 37.02
C SER A 320 -3.81 -15.08 35.64
N PHE A 321 -3.90 -14.14 34.69
CA PHE A 321 -4.08 -14.55 33.30
C PHE A 321 -3.53 -13.41 32.48
N TYR A 322 -2.28 -13.53 32.02
CA TYR A 322 -1.70 -12.48 31.22
C TYR A 322 -0.65 -12.94 30.20
N PHE A 323 -0.34 -12.05 29.27
CA PHE A 323 0.62 -12.34 28.25
C PHE A 323 1.97 -11.63 28.54
N GLU A 324 3.03 -12.43 28.43
CA GLU A 324 4.40 -11.96 28.51
CA GLU A 324 4.40 -11.96 28.51
C GLU A 324 5.00 -12.04 27.11
N VAL A 325 5.37 -10.88 26.56
CA VAL A 325 5.89 -10.86 25.21
C VAL A 325 7.36 -10.42 25.21
N ASN A 326 8.22 -11.30 24.70
CA ASN A 326 9.68 -11.03 24.75
C ASN A 326 10.10 -10.71 26.18
N GLY A 327 9.52 -11.46 27.13
CA GLY A 327 9.88 -11.34 28.52
C GLY A 327 9.24 -10.21 29.31
N ILE A 328 8.32 -9.46 28.68
CA ILE A 328 7.74 -8.31 29.31
C ILE A 328 6.21 -8.49 29.37
N PRO A 329 5.61 -8.35 30.57
CA PRO A 329 4.14 -8.35 30.71
C PRO A 329 3.53 -7.28 29.83
N MET A 330 2.59 -7.71 29.00
CA MET A 330 1.98 -6.86 27.99
C MET A 330 0.49 -6.82 28.28
N PHE A 331 0.04 -5.65 28.71
CA PHE A 331 -1.39 -5.39 28.83
C PHE A 331 -2.08 -5.51 27.46
N ALA A 332 -3.02 -6.46 27.37
CA ALA A 332 -3.74 -6.69 26.11
C ALA A 332 -4.81 -5.65 25.87
N LYS A 333 -4.87 -5.16 24.66
CA LYS A 333 -5.87 -4.16 24.27
C LYS A 333 -6.42 -4.56 22.90
N GLY A 334 -7.70 -4.89 22.84
CA GLY A 334 -8.22 -5.30 21.56
C GLY A 334 -9.69 -5.63 21.63
N ALA A 335 -10.09 -6.59 20.79
CA ALA A 335 -11.51 -6.89 20.62
C ALA A 335 -11.72 -8.33 20.08
N ASN A 336 -12.96 -8.80 20.22
CA ASN A 336 -13.41 -10.08 19.64
C ASN A 336 -13.82 -9.95 18.17
N TYR A 337 -13.25 -10.82 17.34
CA TYR A 337 -13.49 -10.78 15.90
C TYR A 337 -14.48 -11.89 15.53
N ILE A 338 -15.49 -11.54 14.73
CA ILE A 338 -16.50 -12.50 14.18
C ILE A 338 -16.33 -12.47 12.65
N PRO A 339 -16.99 -13.38 11.90
CA PRO A 339 -16.91 -13.38 10.44
C PRO A 339 -17.31 -12.02 9.85
N GLN A 340 -16.58 -11.59 8.83
CA GLN A 340 -16.86 -10.29 8.22
C GLN A 340 -18.08 -10.32 7.34
N ASP A 341 -18.60 -11.51 7.05
CA ASP A 341 -19.76 -11.60 6.15
C ASP A 341 -20.52 -12.90 6.41
N ALA A 342 -21.82 -12.87 6.09
CA ALA A 342 -22.65 -14.04 6.04
C ALA A 342 -22.17 -15.03 4.98
N LEU A 343 -21.54 -14.51 3.92
CA LEU A 343 -21.00 -15.32 2.86
C LEU A 343 -19.51 -15.06 2.81
N LEU A 344 -18.77 -16.00 3.38
CA LEU A 344 -17.31 -15.83 3.57
C LEU A 344 -16.47 -15.48 2.33
N PRO A 345 -16.72 -16.15 1.17
CA PRO A 345 -15.89 -15.84 0.00
C PRO A 345 -16.09 -14.39 -0.50
N ASN A 346 -17.10 -13.68 -0.02
CA ASN A 346 -17.35 -12.29 -0.47
C ASN A 346 -16.37 -11.31 0.21
N VAL A 347 -15.68 -11.79 1.25
CA VAL A 347 -14.72 -10.95 1.99
C VAL A 347 -13.43 -10.86 1.17
N THR A 348 -13.18 -9.67 0.63
CA THR A 348 -12.02 -9.44 -0.24
C THR A 348 -10.74 -9.17 0.55
N THR A 349 -9.61 -9.23 -0.15
CA THR A 349 -8.34 -8.85 0.37
C THR A 349 -8.39 -7.43 0.94
N GLU A 350 -9.05 -6.53 0.21
CA GLU A 350 -9.13 -5.12 0.64
C GLU A 350 -9.90 -4.99 1.95
N ARG A 351 -10.96 -5.80 2.10
CA ARG A 351 -11.72 -5.76 3.34
C ARG A 351 -10.86 -6.26 4.52
N TYR A 352 -10.10 -7.34 4.30
CA TYR A 352 -9.18 -7.81 5.37
C TYR A 352 -8.13 -6.73 5.72
N GLN A 353 -7.52 -6.13 4.70
CA GLN A 353 -6.56 -5.07 4.93
C GLN A 353 -7.14 -3.91 5.75
N THR A 354 -8.33 -3.45 5.38
CA THR A 354 -9.01 -2.36 6.09
C THR A 354 -9.30 -2.70 7.53
N LEU A 355 -9.78 -3.93 7.82
CA LEU A 355 -10.08 -4.31 9.21
C LEU A 355 -8.81 -4.25 10.05
N PHE A 356 -7.68 -4.66 9.48
CA PHE A 356 -6.42 -4.55 10.22
C PHE A 356 -5.92 -3.14 10.41
N ARG A 357 -6.08 -2.32 9.38
CA ARG A 357 -5.84 -0.89 9.52
C ARG A 357 -6.69 -0.33 10.68
N ASP A 358 -7.94 -0.79 10.81
CA ASP A 358 -8.83 -0.30 11.89
C ASP A 358 -8.33 -0.73 13.26
N MET A 359 -7.82 -1.96 13.37
CA MET A 359 -7.29 -2.42 14.65
C MET A 359 -6.02 -1.68 15.01
N LYS A 360 -5.10 -1.58 14.05
CA LYS A 360 -3.80 -0.96 14.29
C LYS A 360 -4.01 0.51 14.68
N GLU A 361 -4.90 1.20 13.96
CA GLU A 361 -5.09 2.62 14.19
C GLU A 361 -5.75 2.86 15.54
N ALA A 362 -6.46 1.87 16.06
CA ALA A 362 -7.10 2.05 17.36
C ALA A 362 -6.17 1.60 18.51
N ASN A 363 -4.88 1.41 18.22
CA ASN A 363 -3.88 1.10 19.24
C ASN A 363 -4.01 -0.30 19.82
N MET A 364 -4.68 -1.16 19.07
CA MET A 364 -4.83 -2.55 19.53
C MET A 364 -3.55 -3.41 19.39
N ASN A 365 -3.41 -4.41 20.26
CA ASN A 365 -2.29 -5.35 20.16
C ASN A 365 -2.77 -6.79 20.20
N MET A 366 -4.09 -7.01 20.23
CA MET A 366 -4.64 -8.37 20.31
C MET A 366 -6.02 -8.45 19.69
N VAL A 367 -6.30 -9.61 19.09
CA VAL A 367 -7.62 -9.92 18.57
C VAL A 367 -7.98 -11.37 18.93
N ARG A 368 -9.22 -11.57 19.37
CA ARG A 368 -9.70 -12.92 19.65
C ARG A 368 -10.56 -13.40 18.49
N ILE A 369 -10.14 -14.53 17.85
CA ILE A 369 -10.90 -15.12 16.77
C ILE A 369 -11.86 -16.09 17.46
N TRP A 370 -13.03 -15.57 17.70
CA TRP A 370 -14.09 -16.23 18.48
C TRP A 370 -14.62 -17.51 17.84
N GLY A 371 -14.91 -18.47 18.68
CA GLY A 371 -15.18 -19.85 18.25
C GLY A 371 -16.50 -20.20 17.60
N GLY A 372 -17.35 -19.23 17.31
CA GLY A 372 -18.51 -19.48 16.44
C GLY A 372 -18.38 -19.10 14.98
N GLY A 373 -17.17 -18.74 14.55
CA GLY A 373 -16.90 -18.32 13.19
C GLY A 373 -16.18 -19.41 12.36
N THR A 374 -15.02 -19.05 11.81
CA THR A 374 -14.12 -20.02 11.12
C THR A 374 -12.70 -19.87 11.66
N TYR A 375 -11.86 -20.89 11.43
CA TYR A 375 -10.39 -20.64 11.53
C TYR A 375 -10.14 -19.77 10.30
N GLU A 376 -9.56 -18.60 10.51
CA GLU A 376 -9.54 -17.60 9.44
C GLU A 376 -8.58 -17.96 8.29
N ASN A 377 -8.72 -17.24 7.20
CA ASN A 377 -7.88 -17.58 6.09
C ASN A 377 -6.45 -17.17 6.37
N ASN A 378 -5.56 -17.63 5.54
CA ASN A 378 -4.16 -17.36 5.73
C ASN A 378 -3.83 -15.87 5.72
N LEU A 379 -4.53 -15.10 4.88
CA LEU A 379 -4.34 -13.65 4.78
C LEU A 379 -4.58 -12.96 6.11
N PHE A 380 -5.65 -13.34 6.81
CA PHE A 380 -5.91 -12.80 8.12
C PHE A 380 -4.69 -12.89 9.05
N TYR A 381 -4.07 -14.06 9.13
CA TYR A 381 -2.96 -14.24 10.04
C TYR A 381 -1.70 -13.53 9.52
N ASP A 382 -1.51 -13.54 8.21
CA ASP A 382 -0.41 -12.75 7.61
C ASP A 382 -0.49 -11.23 7.99
N LEU A 383 -1.71 -10.68 7.99
CA LEU A 383 -1.95 -9.28 8.33
C LEU A 383 -1.75 -9.06 9.84
N ALA A 384 -2.22 -10.00 10.64
CA ALA A 384 -1.90 -9.96 12.08
C ALA A 384 -0.39 -9.94 12.30
N ASP A 385 0.35 -10.80 11.57
CA ASP A 385 1.83 -10.86 11.67
C ASP A 385 2.44 -9.48 11.40
N GLU A 386 2.05 -8.87 10.29
CA GLU A 386 2.67 -7.62 9.85
C GLU A 386 2.13 -6.34 10.52
N ASN A 387 1.03 -6.46 11.29
CA ASN A 387 0.53 -5.34 12.06
C ASN A 387 0.87 -5.45 13.56
N GLY A 388 1.54 -6.51 13.93
CA GLY A 388 1.93 -6.77 15.32
C GLY A 388 0.73 -6.99 16.23
N ILE A 389 -0.24 -7.77 15.74
CA ILE A 389 -1.45 -7.97 16.51
C ILE A 389 -1.41 -9.42 16.96
N LEU A 390 -1.33 -9.67 18.27
CA LEU A 390 -1.43 -11.05 18.78
C LEU A 390 -2.82 -11.68 18.51
N VAL A 391 -2.82 -12.97 18.25
CA VAL A 391 -4.04 -13.66 17.94
C VAL A 391 -4.33 -14.75 18.99
N TRP A 392 -5.49 -14.62 19.65
CA TRP A 392 -6.09 -15.62 20.48
C TRP A 392 -7.08 -16.46 19.62
N GLN A 393 -6.76 -17.74 19.42
CA GLN A 393 -7.50 -18.58 18.50
C GLN A 393 -8.37 -19.58 19.27
N ASP A 394 -9.70 -19.41 19.23
CA ASP A 394 -10.63 -20.44 19.72
C ASP A 394 -10.65 -21.55 18.68
N PHE A 395 -10.86 -22.78 19.11
CA PHE A 395 -11.38 -23.78 18.21
C PHE A 395 -12.88 -23.46 17.99
N MET A 396 -13.43 -23.97 16.90
CA MET A 396 -14.76 -23.60 16.46
C MET A 396 -15.92 -24.37 17.14
N PHE A 397 -16.05 -24.13 18.45
CA PHE A 397 -17.11 -24.64 19.31
C PHE A 397 -17.63 -23.48 20.17
N ALA A 398 -18.95 -23.27 20.23
CA ALA A 398 -19.39 -22.08 21.00
C ALA A 398 -20.77 -22.26 21.61
N CYS A 399 -20.86 -22.02 22.91
CA CYS A 399 -22.13 -21.83 23.66
C CYS A 399 -23.05 -23.03 23.84
N THR A 400 -22.68 -24.18 23.32
CA THR A 400 -23.48 -25.38 23.51
C THR A 400 -22.54 -26.54 23.78
N PRO A 401 -22.94 -27.52 24.63
CA PRO A 401 -22.14 -28.72 24.49
C PRO A 401 -22.31 -29.32 23.08
N TYR A 402 -21.36 -30.18 22.70
CA TYR A 402 -21.33 -30.82 21.40
C TYR A 402 -21.33 -32.34 21.64
N PRO A 403 -21.63 -33.11 20.57
CA PRO A 403 -21.43 -34.58 20.66
C PRO A 403 -19.96 -34.94 20.98
N SER A 404 -19.74 -36.14 21.46
CA SER A 404 -18.41 -36.61 21.78
C SER A 404 -18.21 -38.09 21.46
N ASP A 405 -19.02 -38.61 20.54
CA ASP A 405 -18.87 -40.00 20.06
C ASP A 405 -17.56 -40.17 19.26
N PRO A 406 -17.05 -41.42 19.18
CA PRO A 406 -15.75 -41.66 18.59
C PRO A 406 -15.61 -41.10 17.18
N THR A 407 -16.60 -41.33 16.34
N THR A 407 -16.59 -41.29 16.33
CA THR A 407 -16.60 -40.83 14.96
CA THR A 407 -16.47 -40.82 14.96
C THR A 407 -16.44 -39.30 14.91
C THR A 407 -16.48 -39.28 14.85
N PHE A 408 -17.23 -38.60 15.72
CA PHE A 408 -17.22 -37.12 15.75
C PHE A 408 -15.83 -36.64 16.20
N LEU A 409 -15.28 -37.25 17.25
CA LEU A 409 -14.00 -36.83 17.80
C LEU A 409 -12.90 -37.05 16.77
N LYS A 410 -12.97 -38.14 16.02
CA LYS A 410 -12.00 -38.35 14.95
C LYS A 410 -12.05 -37.28 13.86
N ARG A 411 -13.27 -36.83 13.50
N ARG A 411 -13.25 -36.79 13.52
CA ARG A 411 -13.49 -35.68 12.59
CA ARG A 411 -13.42 -35.71 12.55
C ARG A 411 -12.82 -34.43 13.13
C ARG A 411 -12.96 -34.34 13.08
N VAL A 412 -13.12 -34.12 14.39
CA VAL A 412 -12.60 -32.93 15.05
C VAL A 412 -11.08 -33.01 15.14
N GLU A 413 -10.56 -34.20 15.44
CA GLU A 413 -9.12 -34.39 15.45
C GLU A 413 -8.43 -33.97 14.13
N ALA A 414 -8.97 -34.42 12.99
CA ALA A 414 -8.54 -33.99 11.64
C ALA A 414 -8.51 -32.47 11.46
N GLU A 415 -9.61 -31.81 11.82
CA GLU A 415 -9.65 -30.35 11.76
C GLU A 415 -8.62 -29.68 12.70
N ALA A 416 -8.38 -30.23 13.89
CA ALA A 416 -7.46 -29.60 14.84
C ALA A 416 -6.06 -29.75 14.28
N VAL A 417 -5.70 -30.95 13.83
CA VAL A 417 -4.38 -31.17 13.21
C VAL A 417 -4.18 -30.28 11.99
N TYR A 418 -5.16 -30.23 11.11
CA TYR A 418 -5.04 -29.42 9.88
C TYR A 418 -4.76 -27.92 10.22
N ASN A 419 -5.61 -27.35 11.05
CA ASN A 419 -5.52 -25.91 11.32
C ASN A 419 -4.32 -25.58 12.21
N ILE A 420 -3.98 -26.47 13.15
CA ILE A 420 -2.74 -26.25 13.93
C ILE A 420 -1.52 -26.17 12.99
N ARG A 421 -1.33 -27.16 12.12
CA ARG A 421 -0.18 -27.10 11.19
C ARG A 421 -0.28 -25.92 10.24
N ARG A 422 -1.49 -25.58 9.82
CA ARG A 422 -1.70 -24.43 8.95
C ARG A 422 -1.26 -23.12 9.61
N LEU A 423 -1.48 -22.96 10.92
CA LEU A 423 -1.34 -21.66 11.61
C LEU A 423 -0.11 -21.49 12.52
N ARG A 424 0.54 -22.62 12.84
CA ARG A 424 1.61 -22.62 13.82
C ARG A 424 2.87 -21.88 13.45
N ASN A 425 3.02 -21.46 12.19
CA ASN A 425 4.20 -20.66 11.83
C ASN A 425 3.99 -19.17 11.97
N HIS A 426 2.79 -18.77 12.37
CA HIS A 426 2.52 -17.32 12.44
C HIS A 426 3.01 -16.65 13.72
N ALA A 427 3.79 -15.57 13.57
CA ALA A 427 4.30 -14.81 14.70
C ALA A 427 3.16 -14.36 15.63
N SER A 428 2.03 -14.02 14.99
CA SER A 428 0.89 -13.45 15.72
C SER A 428 0.16 -14.48 16.60
N LEU A 429 0.24 -15.76 16.25
CA LEU A 429 -0.46 -16.78 17.01
C LEU A 429 0.09 -16.88 18.45
N ALA A 430 -0.78 -16.56 19.41
CA ALA A 430 -0.45 -16.46 20.83
C ALA A 430 -0.94 -17.60 21.71
N MET A 431 -2.15 -18.10 21.43
CA MET A 431 -2.73 -19.17 22.22
C MET A 431 -3.92 -19.83 21.52
N TRP A 432 -4.32 -21.00 22.05
CA TRP A 432 -5.47 -21.74 21.58
C TRP A 432 -6.46 -21.84 22.74
N CYS A 433 -7.75 -21.76 22.43
CA CYS A 433 -8.79 -21.89 23.47
C CYS A 433 -9.81 -22.90 22.99
N GLY A 434 -10.13 -23.91 23.82
CA GLY A 434 -10.99 -25.02 23.32
C GLY A 434 -12.37 -24.59 22.83
N ASN A 435 -12.96 -23.55 23.46
CA ASN A 435 -14.30 -23.14 23.04
C ASN A 435 -14.66 -21.83 23.72
N ASN A 436 -15.78 -21.25 23.28
CA ASN A 436 -16.45 -20.12 23.90
C ASN A 436 -17.64 -20.54 24.75
N GLU A 437 -17.50 -20.31 26.06
CA GLU A 437 -18.64 -20.32 27.02
C GLU A 437 -19.31 -21.65 27.24
N ILE A 438 -18.68 -22.75 26.81
CA ILE A 438 -19.38 -24.06 26.91
C ILE A 438 -19.42 -24.54 28.37
N LEU A 439 -18.34 -24.41 29.10
CA LEU A 439 -18.39 -24.89 30.47
C LEU A 439 -19.33 -23.98 31.34
N GLU A 440 -19.27 -22.68 31.10
CA GLU A 440 -20.18 -21.74 31.75
C GLU A 440 -21.62 -22.11 31.44
N ALA A 441 -21.91 -22.44 30.18
CA ALA A 441 -23.21 -22.91 29.76
C ALA A 441 -23.65 -24.16 30.52
N LEU A 442 -22.73 -25.13 30.62
CA LEU A 442 -23.04 -26.41 31.26
C LEU A 442 -23.35 -26.25 32.76
N LYS A 443 -22.65 -25.33 33.41
CA LYS A 443 -22.76 -25.08 34.84
C LYS A 443 -23.90 -24.13 35.20
N TYR A 444 -24.12 -23.11 34.38
CA TYR A 444 -24.92 -21.98 34.84
C TYR A 444 -26.13 -21.66 34.00
N TRP A 445 -26.28 -22.25 32.81
CA TRP A 445 -27.38 -21.78 31.94
C TRP A 445 -28.65 -22.64 32.08
N GLY A 446 -28.66 -23.50 33.10
CA GLY A 446 -29.89 -24.21 33.48
C GLY A 446 -30.18 -25.49 32.71
N PHE A 447 -29.17 -26.05 32.05
CA PHE A 447 -29.35 -27.29 31.26
C PHE A 447 -29.84 -28.50 32.06
N GLU A 448 -29.49 -28.54 33.34
CA GLU A 448 -29.87 -29.59 34.25
C GLU A 448 -31.39 -29.66 34.51
N LYS A 449 -32.12 -28.60 34.14
CA LYS A 449 -33.58 -28.66 34.13
C LYS A 449 -34.15 -29.03 32.75
N LYS A 450 -33.28 -29.12 31.73
CA LYS A 450 -33.74 -29.34 30.36
C LYS A 450 -33.60 -30.80 29.86
N PHE A 451 -32.77 -31.57 30.56
CA PHE A 451 -32.43 -32.93 30.15
C PHE A 451 -32.52 -33.86 31.33
N THR A 452 -32.62 -35.16 31.05
CA THR A 452 -32.54 -36.14 32.12
C THR A 452 -31.18 -36.07 32.83
N PRO A 453 -31.13 -36.56 34.09
CA PRO A 453 -29.79 -36.63 34.73
C PRO A 453 -28.79 -37.42 33.88
N GLU A 454 -29.27 -38.47 33.22
CA GLU A 454 -28.43 -39.33 32.38
C GLU A 454 -27.82 -38.58 31.21
N VAL A 455 -28.64 -37.84 30.48
CA VAL A 455 -28.19 -37.06 29.32
C VAL A 455 -27.29 -35.96 29.79
N TYR A 456 -27.63 -35.31 30.92
CA TYR A 456 -26.75 -34.27 31.46
C TYR A 456 -25.33 -34.76 31.84
N GLN A 457 -25.28 -35.95 32.44
CA GLN A 457 -24.02 -36.57 32.83
C GLN A 457 -23.22 -36.89 31.58
N GLY A 458 -23.93 -37.36 30.57
CA GLY A 458 -23.31 -37.63 29.29
C GLY A 458 -22.69 -36.38 28.69
N LEU A 459 -23.40 -35.25 28.78
CA LEU A 459 -22.85 -33.97 28.29
C LEU A 459 -21.60 -33.54 29.06
N MET A 460 -21.62 -33.73 30.39
CA MET A 460 -20.48 -33.39 31.24
C MET A 460 -19.24 -34.24 30.91
N HIS A 461 -19.43 -35.55 30.76
CA HIS A 461 -18.33 -36.42 30.38
C HIS A 461 -17.87 -36.09 28.95
N GLY A 462 -18.81 -35.78 28.06
CA GLY A 462 -18.50 -35.43 26.64
C GLY A 462 -17.67 -34.15 26.54
N TYR A 463 -17.94 -33.20 27.43
CA TYR A 463 -17.11 -32.02 27.55
C TYR A 463 -15.61 -32.37 27.77
N ASP A 464 -15.34 -33.21 28.79
CA ASP A 464 -13.97 -33.57 29.11
C ASP A 464 -13.27 -34.24 27.94
N LYS A 465 -13.98 -35.13 27.24
CA LYS A 465 -13.40 -35.96 26.19
C LYS A 465 -12.83 -35.07 25.07
N LEU A 466 -13.59 -34.03 24.76
CA LEU A 466 -13.21 -33.11 23.72
C LEU A 466 -12.24 -32.01 24.19
N PHE A 467 -12.61 -31.26 25.22
CA PHE A 467 -11.89 -30.04 25.60
C PHE A 467 -10.80 -30.19 26.65
N ARG A 468 -10.86 -31.28 27.42
CA ARG A 468 -9.85 -31.55 28.46
C ARG A 468 -8.94 -32.70 28.05
N GLU A 469 -9.23 -33.32 26.91
CA GLU A 469 -8.45 -34.47 26.44
C GLU A 469 -7.98 -34.33 24.99
N LEU A 470 -8.89 -34.50 24.03
CA LEU A 470 -8.51 -34.50 22.61
C LEU A 470 -7.80 -33.17 22.21
N LEU A 471 -8.45 -32.04 22.48
CA LEU A 471 -7.88 -30.76 21.97
C LEU A 471 -6.55 -30.37 22.67
N PRO A 472 -6.47 -30.40 24.04
CA PRO A 472 -5.17 -30.12 24.62
C PRO A 472 -4.07 -31.11 24.16
N SER A 473 -4.38 -32.40 23.98
CA SER A 473 -3.36 -33.38 23.55
CA SER A 473 -3.34 -33.37 23.57
C SER A 473 -2.87 -33.06 22.16
N THR A 474 -3.78 -32.59 21.30
CA THR A 474 -3.41 -32.30 19.93
C THR A 474 -2.54 -31.05 19.92
N VAL A 475 -2.88 -30.07 20.77
CA VAL A 475 -2.03 -28.87 20.84
C VAL A 475 -0.68 -29.30 21.36
N LYS A 476 -0.64 -30.18 22.38
CA LYS A 476 0.63 -30.60 22.95
C LYS A 476 1.55 -31.24 21.90
N GLU A 477 0.97 -32.09 21.06
CA GLU A 477 1.72 -32.75 19.99
C GLU A 477 2.23 -31.83 18.86
N PHE A 478 1.37 -30.94 18.38
CA PHE A 478 1.68 -30.19 17.16
C PHE A 478 2.09 -28.72 17.34
N ASP A 479 1.88 -28.18 18.54
CA ASP A 479 2.21 -26.77 18.83
C ASP A 479 2.59 -26.69 20.32
N SER A 480 3.66 -27.41 20.68
CA SER A 480 3.93 -27.75 22.06
C SER A 480 4.38 -26.57 22.90
N ASP A 481 4.77 -25.48 22.27
CA ASP A 481 5.10 -24.32 23.10
C ASP A 481 4.03 -23.21 23.13
N ARG A 482 2.83 -23.50 22.65
CA ARG A 482 1.75 -22.52 22.73
C ARG A 482 0.76 -22.92 23.78
N PHE A 483 0.27 -21.93 24.51
CA PHE A 483 -0.70 -22.14 25.59
C PHE A 483 -2.05 -22.61 25.06
N TYR A 484 -2.68 -23.51 25.80
CA TYR A 484 -4.07 -23.89 25.57
C TYR A 484 -4.85 -23.74 26.87
N VAL A 485 -6.07 -23.23 26.76
CA VAL A 485 -7.02 -23.24 27.87
C VAL A 485 -8.31 -23.88 27.36
N HIS A 486 -9.00 -24.68 28.19
CA HIS A 486 -10.14 -25.45 27.72
C HIS A 486 -11.38 -24.62 27.28
N SER A 487 -11.54 -23.41 27.87
CA SER A 487 -12.75 -22.60 27.59
C SER A 487 -12.49 -21.17 28.01
N SER A 488 -13.24 -20.26 27.42
CA SER A 488 -13.24 -18.82 27.79
C SER A 488 -14.69 -18.44 28.09
N PRO A 489 -14.96 -17.96 29.30
CA PRO A 489 -14.11 -17.85 30.46
C PRO A 489 -13.89 -19.25 31.10
N TYR A 490 -12.71 -19.54 31.57
CA TYR A 490 -12.49 -20.89 32.09
C TYR A 490 -13.12 -21.21 33.44
N LEU A 491 -13.25 -20.21 34.31
CA LEU A 491 -13.90 -20.37 35.64
C LEU A 491 -14.82 -19.21 36.06
N ALA A 492 -14.38 -17.99 35.84
CA ALA A 492 -15.15 -16.83 36.29
C ALA A 492 -16.51 -16.78 35.61
N ASN A 493 -17.50 -16.36 36.40
CA ASN A 493 -18.88 -16.17 35.93
C ASN A 493 -19.38 -14.77 36.39
N TRP A 494 -20.10 -14.04 35.52
CA TRP A 494 -20.40 -12.63 35.84
C TRP A 494 -21.35 -12.47 37.06
N GLY A 495 -22.12 -13.50 37.37
CA GLY A 495 -23.04 -13.42 38.52
C GLY A 495 -22.38 -13.77 39.86
N ARG A 496 -21.08 -14.10 39.83
CA ARG A 496 -20.44 -14.74 41.00
C ARG A 496 -19.12 -14.03 41.29
N PRO A 497 -19.19 -12.90 42.04
CA PRO A 497 -18.03 -12.02 42.30
C PRO A 497 -16.87 -12.77 42.92
N GLU A 498 -17.15 -13.88 43.58
CA GLU A 498 -16.11 -14.66 44.26
C GLU A 498 -15.17 -15.35 43.24
N SER A 499 -15.61 -15.44 41.98
CA SER A 499 -14.89 -16.14 40.92
C SER A 499 -14.08 -15.17 40.07
N TRP A 500 -14.27 -13.86 40.26
CA TRP A 500 -13.67 -12.85 39.37
C TRP A 500 -12.15 -12.71 39.47
N GLY A 501 -11.56 -13.12 40.58
CA GLY A 501 -10.08 -13.17 40.68
C GLY A 501 -9.46 -14.39 40.06
N THR A 502 -10.25 -15.24 39.42
CA THR A 502 -9.73 -16.46 38.82
C THR A 502 -9.78 -16.45 37.32
N GLY A 503 -8.65 -16.20 36.67
CA GLY A 503 -8.60 -16.28 35.20
C GLY A 503 -9.39 -15.18 34.49
N ASP A 504 -9.86 -15.48 33.28
CA ASP A 504 -10.49 -14.45 32.40
C ASP A 504 -12.02 -14.33 32.64
N SER A 505 -12.57 -13.15 32.33
CA SER A 505 -14.02 -12.96 32.57
C SER A 505 -14.72 -12.57 31.29
N HIS A 506 -15.94 -13.07 31.10
CA HIS A 506 -16.85 -12.40 30.20
C HIS A 506 -17.83 -11.65 31.08
N ASN A 507 -17.55 -10.39 31.44
CA ASN A 507 -18.47 -9.72 32.36
C ASN A 507 -19.68 -9.15 31.62
N TRP A 508 -20.75 -9.91 31.60
CA TRP A 508 -21.95 -9.46 30.95
C TRP A 508 -22.93 -8.91 32.00
N GLY A 509 -22.38 -8.45 33.12
CA GLY A 509 -23.18 -7.69 34.11
C GLY A 509 -23.72 -6.43 33.45
N VAL A 510 -22.84 -5.70 32.79
CA VAL A 510 -23.25 -4.66 31.89
C VAL A 510 -23.90 -5.32 30.62
N TRP A 511 -25.02 -4.75 30.19
CA TRP A 511 -25.91 -5.36 29.16
C TRP A 511 -26.83 -6.43 29.79
N TYR A 512 -26.45 -7.71 29.80
CA TYR A 512 -27.32 -8.79 30.32
C TYR A 512 -27.75 -8.63 31.77
N GLY A 513 -26.88 -8.15 32.66
CA GLY A 513 -27.30 -7.93 34.06
C GLY A 513 -27.84 -6.53 34.34
N LYS A 514 -27.97 -5.71 33.30
CA LYS A 514 -28.43 -4.31 33.38
C LYS A 514 -27.60 -3.39 34.28
N LYS A 515 -26.42 -3.83 34.68
CA LYS A 515 -25.60 -3.03 35.59
C LYS A 515 -25.13 -1.71 34.91
N PRO A 516 -25.08 -0.61 35.66
CA PRO A 516 -24.58 0.62 35.01
C PRO A 516 -23.09 0.55 34.66
N PHE A 517 -22.66 1.40 33.72
CA PHE A 517 -21.26 1.38 33.27
C PHE A 517 -20.30 1.64 34.43
N GLU A 518 -20.78 2.32 35.46
CA GLU A 518 -19.95 2.58 36.65
C GLU A 518 -19.58 1.31 37.40
N SER A 519 -20.38 0.25 37.22
CA SER A 519 -20.07 -1.05 37.80
C SER A 519 -18.68 -1.57 37.34
N LEU A 520 -18.23 -1.09 36.18
CA LEU A 520 -16.98 -1.56 35.57
C LEU A 520 -15.76 -1.06 36.35
N ASP A 521 -15.96 -0.01 37.17
CA ASP A 521 -14.92 0.51 38.05
C ASP A 521 -14.73 -0.35 39.30
N THR A 522 -15.77 -1.07 39.69
CA THR A 522 -15.72 -1.90 40.88
C THR A 522 -15.63 -3.40 40.61
N ASP A 523 -16.16 -3.88 39.47
CA ASP A 523 -16.24 -5.33 39.22
C ASP A 523 -15.08 -5.77 38.30
N LEU A 524 -13.90 -5.94 38.89
CA LEU A 524 -12.69 -6.10 38.12
C LEU A 524 -12.32 -7.54 37.83
N PRO A 525 -11.90 -7.83 36.58
CA PRO A 525 -11.43 -9.16 36.27
C PRO A 525 -9.88 -9.17 36.28
N ARG A 526 -9.30 -10.37 36.23
CA ARG A 526 -7.85 -10.56 36.03
C ARG A 526 -7.48 -10.32 34.58
N PHE A 527 -8.46 -10.58 33.70
CA PHE A 527 -8.34 -10.31 32.26
C PHE A 527 -9.76 -10.27 31.70
N MET A 528 -10.12 -9.20 30.99
CA MET A 528 -11.49 -9.15 30.39
C MET A 528 -11.49 -9.68 28.95
N SER A 529 -11.91 -10.92 28.77
CA SER A 529 -11.97 -11.49 27.41
C SER A 529 -13.27 -11.15 26.67
N GLU A 530 -14.31 -10.74 27.40
CA GLU A 530 -15.52 -10.17 26.75
C GLU A 530 -16.21 -9.20 27.69
N PHE A 531 -16.62 -8.06 27.13
CA PHE A 531 -17.70 -7.26 27.77
C PHE A 531 -18.23 -6.33 26.66
N GLY A 532 -19.44 -5.81 26.75
CA GLY A 532 -19.97 -5.17 25.55
C GLY A 532 -21.30 -4.43 25.72
N PHE A 533 -21.69 -3.68 24.69
CA PHE A 533 -22.94 -2.90 24.72
C PHE A 533 -23.34 -2.66 23.28
N GLN A 534 -24.63 -2.79 22.99
CA GLN A 534 -25.14 -2.61 21.63
C GLN A 534 -25.34 -1.16 21.20
N SER A 535 -25.28 -0.97 19.89
CA SER A 535 -25.80 0.23 19.23
C SER A 535 -26.42 -0.03 17.84
N PHE A 536 -27.48 0.72 17.51
CA PHE A 536 -27.94 0.79 16.12
C PHE A 536 -26.77 1.40 15.35
N PRO A 537 -26.46 0.87 14.16
CA PRO A 537 -25.51 1.55 13.28
C PRO A 537 -26.08 2.87 12.74
N GLU A 538 -25.22 3.74 12.23
CA GLU A 538 -25.66 5.07 11.78
C GLU A 538 -26.65 5.01 10.62
N MET A 539 -27.26 6.15 10.32
CA MET A 539 -28.37 6.18 9.37
C MET A 539 -28.06 5.67 7.96
N LYS A 540 -26.88 5.96 7.41
CA LYS A 540 -26.60 5.46 6.06
C LYS A 540 -26.58 3.93 6.00
N THR A 541 -26.25 3.30 7.12
CA THR A 541 -26.27 1.83 7.17
C THR A 541 -27.69 1.29 7.33
N ILE A 542 -28.46 1.89 8.24
CA ILE A 542 -29.90 1.62 8.30
C ILE A 542 -30.59 1.80 6.91
N ALA A 543 -30.25 2.86 6.19
CA ALA A 543 -30.82 3.06 4.84
C ALA A 543 -30.47 1.95 3.84
N ALA A 544 -29.35 1.23 4.07
CA ALA A 544 -28.99 0.14 3.19
C ALA A 544 -29.88 -1.13 3.35
N PHE A 545 -30.60 -1.24 4.47
CA PHE A 545 -31.47 -2.39 4.73
C PHE A 545 -32.96 -2.01 4.91
N ALA A 546 -33.25 -0.72 4.99
CA ALA A 546 -34.60 -0.25 5.28
C ALA A 546 -35.00 0.94 4.35
N ALA A 547 -36.25 0.95 3.93
CA ALA A 547 -36.86 2.13 3.30
C ALA A 547 -37.25 3.14 4.43
N PRO A 548 -37.41 4.44 4.09
CA PRO A 548 -37.64 5.45 5.15
C PRO A 548 -38.88 5.23 6.03
N GLU A 549 -39.92 4.60 5.47
CA GLU A 549 -41.11 4.26 6.26
C GLU A 549 -40.77 3.29 7.37
N ASP A 550 -39.63 2.58 7.25
CA ASP A 550 -39.27 1.61 8.30
C ASP A 550 -38.06 1.96 9.19
N TYR A 551 -37.38 3.12 9.16
CA TYR A 551 -37.01 4.03 10.31
C TYR A 551 -38.00 4.26 11.42
N GLN A 552 -38.52 3.21 12.05
CA GLN A 552 -38.53 3.09 13.52
C GLN A 552 -37.83 1.95 14.24
N ILE A 553 -37.76 2.07 15.58
CA ILE A 553 -37.10 1.08 16.39
C ILE A 553 -37.80 -0.26 16.20
N GLU A 554 -39.11 -0.22 16.19
CA GLU A 554 -39.83 -1.46 16.17
C GLU A 554 -40.61 -1.64 14.88
N SER A 555 -40.13 -1.07 13.78
CA SER A 555 -40.71 -1.55 12.50
C SER A 555 -40.40 -3.03 12.25
N GLU A 556 -41.18 -3.63 11.38
CA GLU A 556 -41.02 -5.04 11.14
C GLU A 556 -39.70 -5.50 10.44
N VAL A 557 -39.31 -4.93 9.30
CA VAL A 557 -38.06 -4.20 9.05
C VAL A 557 -36.78 -3.91 9.84
N MET A 558 -36.60 -2.81 10.56
CA MET A 558 -36.28 -2.86 11.97
C MET A 558 -36.04 -4.15 12.71
N ASN A 559 -37.11 -4.80 13.17
N ASN A 559 -37.07 -4.83 13.18
CA ASN A 559 -36.99 -5.98 14.05
CA ASN A 559 -36.59 -5.88 14.01
C ASN A 559 -36.26 -7.19 13.46
C ASN A 559 -36.34 -7.28 13.49
N ALA A 560 -36.39 -7.36 12.15
CA ALA A 560 -35.65 -8.35 11.39
C ALA A 560 -34.11 -8.14 11.49
N HIS A 561 -33.69 -6.97 12.00
CA HIS A 561 -32.27 -6.60 12.03
C HIS A 561 -31.81 -6.32 13.43
N GLN A 562 -32.52 -6.92 14.38
CA GLN A 562 -32.19 -6.92 15.78
C GLN A 562 -32.35 -8.36 16.24
N LYS A 563 -31.22 -9.03 16.46
CA LYS A 563 -31.26 -10.48 16.71
C LYS A 563 -31.23 -10.70 18.19
N SER A 564 -31.22 -9.64 18.92
CA SER A 564 -31.49 -9.91 20.31
C SER A 564 -32.60 -9.07 20.94
N SER A 565 -33.31 -9.59 21.94
CA SER A 565 -34.68 -10.07 21.79
C SER A 565 -35.32 -8.91 22.64
N ILE A 566 -34.57 -8.00 23.28
CA ILE A 566 -33.94 -7.84 24.63
C ILE A 566 -33.36 -6.46 24.38
N GLY A 567 -32.82 -6.32 23.17
CA GLY A 567 -31.88 -5.29 22.88
C GLY A 567 -32.45 -3.90 22.84
N ASN A 568 -33.52 -3.73 22.09
CA ASN A 568 -33.97 -2.37 21.83
C ASN A 568 -34.37 -1.71 23.11
N SER A 569 -35.11 -2.45 23.93
CA SER A 569 -35.55 -1.94 25.24
C SER A 569 -34.37 -1.62 26.18
N LEU A 570 -33.35 -2.48 26.24
N LEU A 570 -33.36 -2.47 26.21
CA LEU A 570 -32.12 -2.23 27.02
CA LEU A 570 -32.13 -2.22 26.98
C LEU A 570 -31.40 -0.96 26.59
C LEU A 570 -31.43 -0.94 26.59
N ILE A 571 -31.30 -0.69 25.28
CA ILE A 571 -30.66 0.53 24.80
C ILE A 571 -31.38 1.79 25.40
N ARG A 572 -32.70 1.83 25.22
CA ARG A 572 -33.48 2.95 25.78
CA ARG A 572 -33.56 2.88 25.79
C ARG A 572 -33.32 3.07 27.32
N THR A 573 -33.35 1.94 28.03
CA THR A 573 -33.16 1.88 29.50
C THR A 573 -31.84 2.51 29.91
N TYR A 574 -30.76 2.11 29.23
CA TYR A 574 -29.46 2.67 29.57
C TYR A 574 -29.38 4.13 29.15
N MET A 575 -29.91 4.47 27.97
CA MET A 575 -29.87 5.85 27.47
C MET A 575 -30.52 6.81 28.45
N GLU A 576 -31.64 6.38 29.02
CA GLU A 576 -32.40 7.27 29.93
C GLU A 576 -31.59 7.61 31.16
N ARG A 577 -30.70 6.70 31.57
CA ARG A 577 -29.87 6.94 32.75
C ARG A 577 -28.91 8.12 32.60
N ASP A 578 -28.45 8.43 31.38
CA ASP A 578 -27.37 9.41 31.16
C ASP A 578 -27.65 10.51 30.14
N TYR A 579 -28.70 10.34 29.35
CA TYR A 579 -29.05 11.24 28.24
C TYR A 579 -30.53 11.53 28.24
N ILE A 580 -30.91 12.63 27.62
CA ILE A 580 -32.32 12.86 27.31
C ILE A 580 -32.62 12.00 26.09
N ILE A 581 -33.65 11.15 26.16
CA ILE A 581 -34.04 10.30 25.01
C ILE A 581 -34.67 11.18 23.93
N PRO A 582 -34.02 11.30 22.73
CA PRO A 582 -34.56 12.17 21.68
C PRO A 582 -35.87 11.63 21.11
N GLU A 583 -36.72 12.54 20.63
CA GLU A 583 -38.02 12.16 20.07
C GLU A 583 -37.92 11.57 18.68
N SER A 584 -36.98 12.05 17.87
CA SER A 584 -36.81 11.47 16.54
C SER A 584 -35.89 10.26 16.50
N PHE A 585 -36.22 9.33 15.60
CA PHE A 585 -35.43 8.11 15.38
C PHE A 585 -33.98 8.42 14.99
N GLU A 586 -33.78 9.37 14.08
CA GLU A 586 -32.40 9.73 13.67
CA GLU A 586 -32.42 9.76 13.67
C GLU A 586 -31.57 10.26 14.86
N ASP A 587 -32.20 11.01 15.75
CA ASP A 587 -31.47 11.54 16.92
C ASP A 587 -31.23 10.47 17.96
N PHE A 588 -32.18 9.56 18.11
CA PHE A 588 -32.00 8.42 19.00
C PHE A 588 -30.80 7.60 18.49
N VAL A 589 -30.75 7.36 17.18
CA VAL A 589 -29.62 6.57 16.64
C VAL A 589 -28.29 7.24 17.03
N TYR A 590 -28.19 8.57 16.79
CA TYR A 590 -26.98 9.33 17.08
C TYR A 590 -26.59 9.25 18.58
N VAL A 591 -27.56 9.51 19.47
CA VAL A 591 -27.28 9.37 20.89
C VAL A 591 -26.93 7.91 21.35
N GLY A 592 -27.55 6.90 20.75
CA GLY A 592 -27.17 5.52 21.03
C GLY A 592 -25.71 5.23 20.63
N LEU A 593 -25.24 5.87 19.57
CA LEU A 593 -23.84 5.68 19.23
C LEU A 593 -22.94 6.31 20.34
N VAL A 594 -23.27 7.54 20.70
CA VAL A 594 -22.55 8.27 21.71
C VAL A 594 -22.53 7.48 23.01
N LEU A 595 -23.69 6.96 23.37
CA LEU A 595 -23.89 6.16 24.61
C LEU A 595 -22.95 4.91 24.66
N GLN A 596 -23.04 4.08 23.62
CA GLN A 596 -22.22 2.88 23.48
C GLN A 596 -20.74 3.26 23.65
N GLY A 597 -20.31 4.34 23.01
CA GLY A 597 -18.91 4.77 23.02
C GLY A 597 -18.50 5.24 24.41
N GLN A 598 -19.32 6.10 25.02
CA GLN A 598 -18.99 6.63 26.36
C GLN A 598 -18.94 5.58 27.45
N GLY A 599 -19.95 4.73 27.49
CA GLY A 599 -20.04 3.65 28.48
C GLY A 599 -18.91 2.66 28.42
N MET A 600 -18.65 2.21 27.19
CA MET A 600 -17.60 1.24 26.95
C MET A 600 -16.21 1.76 27.23
N ARG A 601 -15.94 3.00 26.81
CA ARG A 601 -14.61 3.54 27.07
C ARG A 601 -14.39 3.69 28.58
N HIS A 602 -15.45 3.94 29.36
CA HIS A 602 -15.33 3.97 30.85
C HIS A 602 -14.80 2.62 31.40
N GLY A 603 -15.28 1.51 30.83
CA GLY A 603 -14.76 0.19 31.18
C GLY A 603 -13.33 -0.05 30.72
N LEU A 604 -13.02 0.26 29.46
CA LEU A 604 -11.65 0.10 28.92
C LEU A 604 -10.64 0.83 29.83
N GLU A 605 -11.05 2.03 30.26
CA GLU A 605 -10.25 2.90 31.14
C GLU A 605 -10.04 2.25 32.48
N ALA A 606 -11.11 1.68 33.06
CA ALA A 606 -11.01 0.99 34.38
C ALA A 606 -10.06 -0.17 34.32
N HIS A 607 -10.10 -0.88 33.18
CA HIS A 607 -9.32 -2.09 33.08
C HIS A 607 -7.87 -1.73 33.10
N ARG A 608 -7.46 -0.76 32.27
CA ARG A 608 -6.07 -0.31 32.22
C ARG A 608 -5.67 0.36 33.50
N ARG A 609 -6.61 1.06 34.14
CA ARG A 609 -6.27 1.79 35.39
C ARG A 609 -5.92 0.81 36.51
N ASN A 610 -6.54 -0.37 36.45
CA ASN A 610 -6.40 -1.39 37.45
C ASN A 610 -5.38 -2.48 37.15
N ARG A 611 -4.45 -2.19 36.23
CA ARG A 611 -3.22 -2.98 36.10
C ARG A 611 -2.36 -2.79 37.37
N PRO A 612 -1.73 -3.88 37.92
CA PRO A 612 -1.61 -5.21 37.32
C PRO A 612 -2.67 -6.24 37.71
N TYR A 613 -3.62 -5.89 38.58
CA TYR A 613 -4.72 -6.82 38.94
C TYR A 613 -5.38 -7.32 37.66
N CYS A 614 -5.66 -6.37 36.77
CA CYS A 614 -6.24 -6.65 35.45
C CYS A 614 -5.15 -6.49 34.41
N MET A 615 -5.03 -7.46 33.51
CA MET A 615 -3.94 -7.47 32.56
C MET A 615 -4.42 -7.47 31.10
N GLY A 616 -5.69 -7.18 30.87
CA GLY A 616 -6.14 -7.10 29.49
C GLY A 616 -7.62 -6.84 29.36
N THR A 617 -8.00 -6.26 28.24
CA THR A 617 -9.40 -6.06 27.87
C THR A 617 -9.64 -6.25 26.35
N LEU A 618 -10.55 -7.16 26.03
CA LEU A 618 -10.96 -7.43 24.66
C LEU A 618 -12.46 -7.19 24.66
N TYR A 619 -12.90 -6.08 24.09
CA TYR A 619 -14.36 -5.90 24.04
C TYR A 619 -15.12 -6.79 23.07
N TRP A 620 -16.40 -7.00 23.37
CA TRP A 620 -17.31 -7.67 22.47
C TRP A 620 -18.12 -6.53 21.79
N GLN A 621 -17.98 -6.26 20.48
CA GLN A 621 -17.31 -7.03 19.46
C GLN A 621 -16.73 -6.00 18.48
N LEU A 622 -15.73 -6.42 17.70
CA LEU A 622 -15.10 -5.51 16.75
C LEU A 622 -16.03 -5.12 15.59
N ASN A 623 -16.66 -6.11 14.97
CA ASN A 623 -17.12 -5.97 13.57
C ASN A 623 -18.44 -6.69 13.39
N ASP A 624 -19.08 -6.52 12.22
CA ASP A 624 -20.41 -7.14 11.98
C ASP A 624 -20.35 -7.98 10.69
N SER A 625 -21.18 -9.01 10.57
CA SER A 625 -21.27 -9.88 9.37
C SER A 625 -22.31 -9.44 8.33
N TRP A 626 -23.12 -8.45 8.69
CA TRP A 626 -24.23 -7.95 7.85
C TRP A 626 -24.77 -6.66 8.51
N PRO A 627 -25.66 -5.93 7.81
CA PRO A 627 -26.29 -4.75 8.47
C PRO A 627 -27.23 -5.15 9.59
N VAL A 628 -26.91 -4.71 10.80
CA VAL A 628 -27.62 -5.17 11.98
C VAL A 628 -27.37 -4.27 13.15
N VAL A 629 -28.22 -4.41 14.17
CA VAL A 629 -28.01 -3.77 15.44
C VAL A 629 -27.15 -4.73 16.28
N SER A 630 -25.99 -4.28 16.77
CA SER A 630 -25.10 -5.19 17.49
C SER A 630 -24.14 -4.46 18.43
N TRP A 631 -23.32 -5.26 19.13
CA TRP A 631 -22.25 -4.76 19.98
C TRP A 631 -21.02 -4.21 19.24
N SER A 632 -21.01 -4.17 17.91
CA SER A 632 -19.77 -3.88 17.19
C SER A 632 -19.31 -2.41 17.38
N SER A 633 -18.02 -2.15 17.16
CA SER A 633 -17.47 -0.80 17.12
C SER A 633 -17.36 -0.30 15.68
N ILE A 634 -17.45 -1.24 14.72
CA ILE A 634 -17.39 -0.96 13.26
C ILE A 634 -18.56 -1.72 12.59
N ASP A 635 -19.44 -0.98 11.90
CA ASP A 635 -20.57 -1.62 11.24
C ASP A 635 -20.16 -2.39 9.96
N TYR A 636 -21.13 -3.08 9.38
CA TYR A 636 -20.86 -4.01 8.24
C TYR A 636 -20.18 -3.30 7.10
N TYR A 637 -20.52 -2.01 6.90
CA TYR A 637 -19.96 -1.21 5.81
C TYR A 637 -18.61 -0.57 6.08
N GLY A 638 -18.02 -0.88 7.24
CA GLY A 638 -16.70 -0.35 7.60
C GLY A 638 -16.74 1.05 8.29
N ASN A 639 -17.93 1.58 8.58
CA ASN A 639 -18.06 2.87 9.27
C ASN A 639 -17.69 2.72 10.74
N TRP A 640 -16.74 3.54 11.22
CA TRP A 640 -16.47 3.54 12.68
C TRP A 640 -17.68 4.16 13.41
N LYS A 641 -18.22 3.41 14.38
CA LYS A 641 -19.11 3.94 15.42
C LYS A 641 -18.29 4.78 16.40
N ALA A 642 -18.98 5.53 17.27
CA ALA A 642 -18.30 6.31 18.31
C ALA A 642 -17.37 5.41 19.12
N LEU A 643 -17.79 4.18 19.36
CA LEU A 643 -17.00 3.27 20.16
C LEU A 643 -15.59 3.02 19.58
N HIS A 644 -15.45 3.01 18.24
CA HIS A 644 -14.12 2.76 17.67
C HIS A 644 -13.16 3.95 17.93
N TYR A 645 -13.66 5.17 17.85
CA TYR A 645 -12.85 6.33 18.22
C TYR A 645 -12.57 6.31 19.70
N GLN A 646 -13.56 5.93 20.51
CA GLN A 646 -13.37 5.93 21.97
C GLN A 646 -12.37 4.86 22.34
N ALA A 647 -12.41 3.69 21.67
CA ALA A 647 -11.44 2.59 21.97
C ALA A 647 -10.01 3.06 21.60
N LYS A 648 -9.89 3.68 20.45
CA LYS A 648 -8.61 4.28 20.09
C LYS A 648 -8.01 5.22 21.19
N ARG A 649 -8.82 6.16 21.67
CA ARG A 649 -8.45 7.05 22.79
C ARG A 649 -8.10 6.31 24.11
N ALA A 650 -8.94 5.37 24.48
CA ALA A 650 -8.75 4.62 25.71
C ALA A 650 -7.52 3.69 25.64
N PHE A 651 -7.06 3.38 24.43
CA PHE A 651 -5.94 2.44 24.26
C PHE A 651 -4.66 3.20 23.91
N ALA A 652 -4.74 4.53 23.81
CA ALA A 652 -3.53 5.30 23.57
C ALA A 652 -2.39 4.88 24.51
N PRO A 653 -1.18 4.69 23.96
CA PRO A 653 -0.02 4.22 24.78
C PRO A 653 0.14 4.99 26.12
N VAL A 654 -0.01 6.31 26.09
CA VAL A 654 -0.09 7.16 27.30
C VAL A 654 -1.48 7.80 27.39
N LEU A 655 -2.11 7.65 28.56
CA LEU A 655 -3.47 8.11 28.75
C LEU A 655 -3.58 8.85 30.06
N ILE A 656 -4.18 10.04 30.02
CA ILE A 656 -4.56 10.69 31.26
C ILE A 656 -5.98 10.22 31.56
N ASN A 657 -6.17 9.58 32.71
CA ASN A 657 -7.46 9.09 33.13
C ASN A 657 -8.01 9.77 34.42
N PRO A 658 -8.86 10.80 34.25
CA PRO A 658 -9.64 11.34 35.39
C PRO A 658 -10.78 10.36 35.77
N ILE A 659 -10.90 10.00 37.04
CA ILE A 659 -12.01 9.15 37.50
C ILE A 659 -12.64 9.84 38.76
N GLN A 660 -13.93 10.11 38.67
CA GLN A 660 -14.66 10.79 39.73
C GLN A 660 -15.67 9.83 40.30
N GLN A 661 -15.53 9.58 41.61
CA GLN A 661 -16.42 8.74 42.39
C GLN A 661 -16.52 9.39 43.76
N ASN A 662 -17.69 9.24 44.39
CA ASN A 662 -17.91 9.70 45.77
C ASN A 662 -17.64 11.20 45.92
N ASP A 663 -18.00 12.00 44.91
CA ASP A 663 -17.85 13.46 44.94
C ASP A 663 -16.36 13.90 45.03
N SER A 664 -15.51 13.07 44.45
CA SER A 664 -14.07 13.31 44.44
C SER A 664 -13.50 12.89 43.08
N LEU A 665 -12.44 13.60 42.67
CA LEU A 665 -11.72 13.36 41.42
C LEU A 665 -10.34 12.83 41.68
N SER A 666 -9.98 11.73 41.03
CA SER A 666 -8.58 11.30 40.97
C SER A 666 -8.11 11.38 39.55
N VAL A 667 -6.80 11.57 39.35
CA VAL A 667 -6.23 11.53 38.00
C VAL A 667 -5.13 10.51 37.97
N TYR A 668 -5.30 9.50 37.10
CA TYR A 668 -4.25 8.49 36.93
C TYR A 668 -3.51 8.77 35.64
N LEU A 669 -2.23 8.47 35.66
CA LEU A 669 -1.46 8.43 34.45
C LEU A 669 -1.17 6.97 34.12
N ILE A 670 -1.55 6.61 32.90
CA ILE A 670 -1.46 5.21 32.46
C ILE A 670 -0.57 5.11 31.24
N SER A 671 0.43 4.26 31.32
CA SER A 671 1.38 4.12 30.22
C SER A 671 1.66 2.67 29.84
N ASP A 672 1.52 2.36 28.55
CA ASP A 672 2.01 1.07 28.00
C ASP A 672 3.32 1.22 27.24
N ARG A 673 4.02 2.35 27.42
CA ARG A 673 5.34 2.47 26.78
C ARG A 673 6.36 1.55 27.45
N LEU A 674 7.41 1.24 26.72
CA LEU A 674 8.53 0.47 27.25
C LEU A 674 9.58 1.32 27.99
N ASP A 675 9.57 2.64 27.75
CA ASP A 675 10.48 3.60 28.42
C ASP A 675 9.70 4.38 29.50
N THR A 676 10.37 4.73 30.59
CA THR A 676 9.82 5.62 31.60
C THR A 676 9.96 7.09 31.22
N MET A 677 8.92 7.87 31.51
CA MET A 677 8.94 9.30 31.30
C MET A 677 9.17 10.01 32.64
N GLU A 678 10.11 10.95 32.61
CA GLU A 678 10.57 11.67 33.81
C GLU A 678 10.35 13.15 33.67
N GLN A 679 10.22 13.84 34.81
CA GLN A 679 10.08 15.32 34.84
C GLN A 679 8.87 15.83 34.08
N MET A 680 7.73 15.18 34.28
CA MET A 680 6.47 15.52 33.61
C MET A 680 5.62 16.45 34.46
N THR A 681 4.83 17.25 33.77
CA THR A 681 3.88 18.14 34.39
C THR A 681 2.46 17.83 33.91
N LEU A 682 1.60 17.51 34.87
CA LEU A 682 0.16 17.49 34.62
C LEU A 682 -0.38 18.88 34.82
N GLU A 683 -1.04 19.42 33.82
CA GLU A 683 -1.74 20.69 33.92
C GLU A 683 -3.27 20.54 33.73
N MET A 684 -4.04 21.13 34.67
CA MET A 684 -5.50 21.12 34.53
C MET A 684 -6.17 22.50 34.61
N LYS A 685 -7.30 22.69 33.93
CA LYS A 685 -8.14 23.84 34.19
C LYS A 685 -9.63 23.67 33.91
N VAL A 686 -10.44 24.34 34.73
CA VAL A 686 -11.87 24.29 34.65
C VAL A 686 -12.33 25.38 33.72
N VAL A 687 -13.04 25.00 32.66
CA VAL A 687 -13.53 25.96 31.67
C VAL A 687 -15.06 25.89 31.63
N ASP A 688 -15.76 27.01 31.56
CA ASP A 688 -17.20 26.94 31.29
C ASP A 688 -17.52 26.72 29.81
N PHE A 689 -18.79 26.45 29.54
CA PHE A 689 -19.29 26.15 28.19
C PHE A 689 -19.22 27.36 27.23
N ASP A 690 -18.94 28.54 27.77
CA ASP A 690 -18.73 29.78 26.99
C ASP A 690 -17.23 30.00 26.77
N GLY A 691 -16.40 29.16 27.38
CA GLY A 691 -14.96 29.22 27.16
C GLY A 691 -14.16 29.97 28.20
N LYS A 692 -14.82 30.34 29.30
CA LYS A 692 -14.22 31.18 30.32
C LYS A 692 -13.63 30.28 31.38
N THR A 693 -12.36 30.51 31.69
CA THR A 693 -11.68 29.76 32.75
C THR A 693 -12.29 30.12 34.09
N LEU A 694 -12.56 29.08 34.89
CA LEU A 694 -13.00 29.25 36.26
C LEU A 694 -11.82 28.96 37.19
N GLY A 695 -11.55 29.91 38.08
CA GLY A 695 -10.41 29.81 38.99
C GLY A 695 -9.12 29.95 38.22
N LYS A 696 -8.08 29.29 38.68
CA LYS A 696 -6.82 29.29 37.94
C LYS A 696 -6.41 27.86 37.58
N LYS A 697 -5.44 27.76 36.66
CA LYS A 697 -4.81 26.49 36.32
C LYS A 697 -4.30 25.79 37.56
N ILE A 698 -4.36 24.45 37.53
CA ILE A 698 -3.75 23.64 38.54
C ILE A 698 -2.54 22.99 37.86
N GLN A 699 -1.40 23.07 38.52
CA GLN A 699 -0.19 22.41 38.06
C GLN A 699 0.38 21.40 39.06
N VAL A 700 0.73 20.22 38.53
CA VAL A 700 1.42 19.17 39.30
C VAL A 700 2.69 18.82 38.54
N HIS A 701 3.82 19.22 39.11
CA HIS A 701 5.14 19.10 38.49
C HIS A 701 5.85 17.87 39.03
N SER A 702 7.05 17.62 38.50
CA SER A 702 7.96 16.54 38.95
C SER A 702 7.38 15.11 38.86
N LEU A 703 6.56 14.86 37.83
CA LEU A 703 5.92 13.53 37.73
C LEU A 703 6.72 12.52 36.94
N GLU A 704 6.71 11.29 37.44
CA GLU A 704 7.29 10.21 36.68
C GLU A 704 6.11 9.33 36.18
N VAL A 705 6.30 8.71 35.02
CA VAL A 705 5.32 7.78 34.44
C VAL A 705 6.16 6.59 34.02
N PRO A 706 6.36 5.64 34.95
CA PRO A 706 7.15 4.45 34.63
C PRO A 706 6.50 3.60 33.55
N ALA A 707 7.35 2.89 32.83
CA ALA A 707 6.94 1.97 31.79
C ALA A 707 5.88 1.03 32.30
N ASN A 708 4.83 0.82 31.50
CA ASN A 708 3.88 -0.24 31.78
C ASN A 708 3.24 -0.17 33.17
N THR A 709 2.73 1.01 33.53
CA THR A 709 2.10 1.30 34.83
C THR A 709 0.89 2.23 34.73
N SER A 710 0.08 2.18 35.79
CA SER A 710 -1.04 3.06 36.06
C SER A 710 -0.77 3.53 37.50
N LYS A 711 -0.66 4.85 37.67
CA LYS A 711 -0.42 5.47 38.98
C LYS A 711 -1.29 6.71 39.19
N CYS A 712 -1.80 6.90 40.41
CA CYS A 712 -2.54 8.11 40.76
C CYS A 712 -1.53 9.23 41.05
N VAL A 713 -1.78 10.41 40.51
CA VAL A 713 -0.85 11.55 40.67
C VAL A 713 -1.58 12.79 41.21
N TYR A 714 -2.89 12.69 41.42
CA TYR A 714 -3.72 13.84 41.78
C TYR A 714 -5.08 13.43 42.29
N ARG A 715 -5.48 14.03 43.41
CA ARG A 715 -6.76 13.73 44.04
C ARG A 715 -7.33 15.00 44.66
N ALA A 716 -8.62 15.26 44.48
CA ALA A 716 -9.28 16.40 45.12
C ALA A 716 -10.77 16.18 45.30
N LYS A 717 -11.31 16.54 46.47
CA LYS A 717 -12.76 16.56 46.72
C LYS A 717 -13.40 17.64 45.84
N LEU A 718 -14.63 17.41 45.37
CA LEU A 718 -15.34 18.48 44.65
C LEU A 718 -15.89 19.57 45.59
N ASP A 719 -16.20 19.20 46.82
CA ASP A 719 -16.81 20.17 47.74
C ASP A 719 -15.77 21.21 48.20
N GLY A 720 -16.11 22.47 48.00
CA GLY A 720 -15.20 23.56 48.30
C GLY A 720 -14.43 23.99 47.08
N TRP A 721 -14.42 23.14 46.04
CA TRP A 721 -13.72 23.47 44.77
C TRP A 721 -14.73 23.90 43.73
N LEU A 722 -15.77 23.10 43.53
CA LEU A 722 -16.80 23.41 42.54
C LEU A 722 -18.17 23.22 43.15
N THR A 723 -19.07 24.16 42.91
CA THR A 723 -20.43 24.02 43.41
C THR A 723 -21.28 23.12 42.48
N PRO A 724 -22.43 22.60 42.97
CA PRO A 724 -23.26 21.77 42.09
C PRO A 724 -23.58 22.53 40.80
N GLU A 725 -23.65 23.85 40.90
CA GLU A 725 -23.95 24.68 39.75
C GLU A 725 -22.80 24.66 38.75
N ASP A 726 -21.56 24.79 39.24
CA ASP A 726 -20.36 24.74 38.37
C ASP A 726 -20.20 23.40 37.64
N CYS A 727 -20.48 22.31 38.35
CA CYS A 727 -20.44 20.91 37.80
C CYS A 727 -21.39 20.67 36.65
N ARG A 728 -22.49 21.41 36.63
CA ARG A 728 -23.43 21.35 35.52
C ARG A 728 -23.04 22.21 34.33
N ARG A 729 -22.07 23.11 34.46
CA ARG A 729 -21.90 24.18 33.47
C ARG A 729 -20.45 24.34 33.00
N SER A 730 -19.58 23.44 33.45
CA SER A 730 -18.16 23.49 33.12
C SER A 730 -17.58 22.07 32.86
N PHE A 731 -16.34 22.05 32.35
CA PHE A 731 -15.58 20.79 32.14
C PHE A 731 -14.14 21.00 32.55
N LEU A 732 -13.41 19.90 32.71
CA LEU A 732 -12.00 19.95 33.06
C LEU A 732 -11.11 19.56 31.89
N LYS A 733 -10.17 20.44 31.55
CA LYS A 733 -9.17 20.15 30.55
C LYS A 733 -7.97 19.62 31.29
N LEU A 734 -7.39 18.54 30.78
CA LEU A 734 -6.17 17.96 31.35
C LEU A 734 -5.18 17.74 30.24
N ILE A 735 -3.93 18.11 30.54
CA ILE A 735 -2.85 18.07 29.60
C ILE A 735 -1.62 17.57 30.34
N LEU A 736 -0.84 16.72 29.68
CA LEU A 736 0.42 16.24 30.24
C LEU A 736 1.55 16.66 29.33
N LYS A 737 2.64 17.15 29.92
CA LYS A 737 3.79 17.57 29.13
C LYS A 737 5.12 17.17 29.75
N ASP A 738 6.11 16.98 28.88
CA ASP A 738 7.49 16.67 29.27
C ASP A 738 8.19 17.93 29.83
N LYS A 739 9.47 17.79 30.20
CA LYS A 739 10.17 18.88 30.91
C LYS A 739 10.20 20.19 30.10
N SER A 740 10.49 20.06 28.81
CA SER A 740 10.47 21.19 27.86
C SER A 740 9.08 21.76 27.48
N GLY A 741 8.01 21.22 28.07
CA GLY A 741 6.64 21.70 27.80
C GLY A 741 6.00 21.19 26.51
N HIS A 742 6.56 20.12 25.92
CA HIS A 742 5.91 19.43 24.80
C HIS A 742 4.75 18.53 25.29
N GLN A 743 3.56 18.74 24.72
CA GLN A 743 2.36 18.00 25.12
C GLN A 743 2.38 16.55 24.64
N VAL A 744 2.29 15.62 25.58
CA VAL A 744 2.28 14.21 25.21
C VAL A 744 0.91 13.53 25.34
N ALA A 745 -0.02 14.16 26.04
CA ALA A 745 -1.35 13.60 26.23
C ALA A 745 -2.32 14.71 26.61
N GLU A 746 -3.59 14.47 26.34
CA GLU A 746 -4.65 15.34 26.79
C GLU A 746 -5.95 14.58 26.98
N SER A 747 -6.73 15.03 27.96
CA SER A 747 -8.06 14.49 28.19
CA SER A 747 -8.05 14.48 28.20
C SER A 747 -9.03 15.61 28.51
N VAL A 748 -10.34 15.32 28.40
CA VAL A 748 -11.39 16.18 28.95
CA VAL A 748 -11.41 16.19 28.90
C VAL A 748 -12.29 15.40 29.89
N HIS A 749 -12.73 16.08 30.95
CA HIS A 749 -13.57 15.47 31.96
C HIS A 749 -14.85 16.28 32.28
N PHE A 750 -15.98 15.59 32.32
CA PHE A 750 -17.22 16.22 32.71
C PHE A 750 -17.63 15.73 34.08
N PHE A 751 -18.24 16.63 34.87
CA PHE A 751 -18.49 16.37 36.29
C PHE A 751 -19.87 15.81 36.58
N ARG A 752 -20.75 15.89 35.57
CA ARG A 752 -22.13 15.40 35.68
C ARG A 752 -22.48 14.56 34.45
N LYS A 753 -23.56 13.79 34.57
CA LYS A 753 -24.13 13.04 33.46
C LYS A 753 -24.56 14.03 32.38
N THR A 754 -24.43 13.62 31.13
CA THR A 754 -24.78 14.48 30.04
C THR A 754 -26.21 15.09 30.13
N LYS A 755 -27.20 14.28 30.53
CA LYS A 755 -28.57 14.75 30.69
C LYS A 755 -28.67 15.86 31.74
N ASP A 756 -27.68 15.96 32.62
CA ASP A 756 -27.71 16.94 33.72
C ASP A 756 -26.94 18.20 33.40
N LEU A 757 -26.23 18.20 32.27
CA LEU A 757 -25.44 19.36 31.85
C LEU A 757 -26.34 20.45 31.28
N GLN A 758 -25.98 21.71 31.53
CA GLN A 758 -26.75 22.81 31.01
C GLN A 758 -26.13 23.29 29.70
N LEU A 759 -26.26 22.47 28.65
CA LEU A 759 -25.60 22.76 27.39
C LEU A 759 -26.27 23.93 26.68
N PRO A 760 -25.48 24.91 26.23
CA PRO A 760 -26.08 26.02 25.49
C PRO A 760 -26.45 25.65 24.04
N PRO A 761 -27.58 26.20 23.56
CA PRO A 761 -27.85 26.21 22.13
C PRO A 761 -26.63 26.77 21.35
N THR A 762 -26.21 26.06 20.31
CA THR A 762 -25.03 26.48 19.54
C THR A 762 -25.03 25.97 18.10
N SER A 763 -24.35 26.72 17.25
CA SER A 763 -24.14 26.31 15.86
C SER A 763 -22.71 25.87 15.73
N VAL A 764 -22.50 24.69 15.16
CA VAL A 764 -21.15 24.34 14.72
C VAL A 764 -21.04 24.78 13.26
N SER A 765 -20.14 25.73 13.02
CA SER A 765 -19.85 26.17 11.66
C SER A 765 -18.56 25.49 11.17
N TYR A 766 -18.45 25.34 9.85
CA TYR A 766 -17.25 24.76 9.24
C TYR A 766 -16.82 25.42 7.93
N GLN A 767 -15.52 25.35 7.68
CA GLN A 767 -14.92 25.63 6.36
C GLN A 767 -14.40 24.29 5.82
N MET A 768 -14.62 24.07 4.52
CA MET A 768 -14.35 22.79 3.84
C MET A 768 -13.38 22.95 2.66
N LYS A 769 -12.18 22.38 2.78
CA LYS A 769 -11.19 22.35 1.69
C LYS A 769 -11.12 20.96 1.02
N GLN A 770 -11.81 20.80 -0.10
CA GLN A 770 -11.88 19.53 -0.78
C GLN A 770 -10.88 19.34 -1.95
N THR A 771 -10.00 18.35 -1.80
CA THR A 771 -9.13 17.86 -2.88
C THR A 771 -9.53 16.44 -3.37
N ASP A 772 -8.67 15.76 -4.12
CA ASP A 772 -9.03 14.42 -4.64
C ASP A 772 -8.96 13.43 -3.50
N GLY A 773 -10.04 12.67 -3.29
CA GLY A 773 -10.11 11.68 -2.21
C GLY A 773 -10.02 12.22 -0.78
N LYS A 774 -10.16 13.53 -0.61
CA LYS A 774 -9.89 14.19 0.66
C LYS A 774 -10.80 15.38 0.90
N CYS A 775 -11.22 15.53 2.16
CA CYS A 775 -11.97 16.69 2.57
CA CYS A 775 -12.05 16.65 2.61
C CYS A 775 -11.51 17.18 3.94
N GLU A 776 -11.00 18.40 3.95
CA GLU A 776 -10.53 18.97 5.17
C GLU A 776 -11.55 19.94 5.68
N LEU A 777 -12.11 19.66 6.87
CA LEU A 777 -13.07 20.56 7.52
C LEU A 777 -12.37 21.25 8.68
N THR A 778 -12.69 22.53 8.88
CA THR A 778 -12.20 23.24 10.04
C THR A 778 -13.48 23.66 10.74
N LEU A 779 -13.63 23.23 11.99
CA LEU A 779 -14.89 23.40 12.73
C LEU A 779 -14.72 24.41 13.84
N PHE A 780 -15.77 25.20 14.01
CA PHE A 780 -15.74 26.22 15.03
C PHE A 780 -17.08 26.35 15.72
N SER A 781 -17.03 26.48 17.04
CA SER A 781 -18.22 26.82 17.82
C SER A 781 -17.79 27.70 18.98
N SER A 782 -18.50 28.81 19.18
CA SER A 782 -18.11 29.75 20.23
C SER A 782 -18.38 29.16 21.63
N MET A 783 -19.32 28.21 21.69
CA MET A 783 -19.71 27.50 22.89
C MET A 783 -19.50 25.97 22.75
N LEU A 784 -19.42 25.27 23.88
CA LEU A 784 -19.29 23.82 23.83
C LEU A 784 -20.38 23.14 23.01
N ALA A 785 -19.95 22.27 22.08
CA ALA A 785 -20.86 21.38 21.37
C ALA A 785 -20.43 19.93 21.73
N LYS A 786 -21.38 19.21 22.31
CA LYS A 786 -21.10 17.98 23.06
C LYS A 786 -21.17 16.75 22.12
N ASP A 787 -20.17 15.86 22.18
CA ASP A 787 -20.18 14.61 21.41
C ASP A 787 -20.59 14.82 19.95
N ILE A 788 -19.89 15.68 19.23
CA ILE A 788 -20.33 15.98 17.86
C ILE A 788 -20.14 14.77 16.96
N PHE A 789 -21.11 14.60 16.06
CA PHE A 789 -21.08 13.57 15.04
C PHE A 789 -21.08 14.26 13.65
N ILE A 790 -19.94 14.15 12.96
CA ILE A 790 -19.85 14.63 11.59
C ILE A 790 -20.30 13.55 10.64
N GLU A 791 -21.47 13.76 10.04
CA GLU A 791 -22.16 12.70 9.29
C GLU A 791 -22.15 13.01 7.79
N THR A 792 -21.76 12.02 7.00
CA THR A 792 -21.71 12.11 5.55
C THR A 792 -22.44 10.89 4.94
N PRO A 793 -23.06 11.04 3.74
CA PRO A 793 -23.76 9.86 3.23
C PRO A 793 -22.84 8.83 2.54
N LEU A 794 -21.56 9.17 2.43
CA LEU A 794 -20.60 8.35 1.68
C LEU A 794 -20.18 7.11 2.48
N GLN A 795 -20.62 5.94 2.03
CA GLN A 795 -20.33 4.69 2.73
C GLN A 795 -18.82 4.45 2.87
N GLY A 796 -18.42 4.00 4.07
CA GLY A 796 -17.03 3.73 4.43
C GLY A 796 -16.04 4.91 4.52
N ALA A 797 -16.53 6.14 4.39
CA ALA A 797 -15.66 7.31 4.53
C ALA A 797 -14.86 7.25 5.87
N ARG A 798 -13.57 7.59 5.83
CA ARG A 798 -12.72 7.56 7.00
C ARG A 798 -12.53 8.99 7.55
N TYR A 799 -12.47 9.08 8.89
CA TYR A 799 -12.31 10.40 9.58
C TYR A 799 -11.05 10.44 10.45
N SER A 800 -10.34 11.58 10.49
CA SER A 800 -9.18 11.67 11.35
C SER A 800 -9.66 11.67 12.79
N ASP A 801 -10.86 12.22 13.02
CA ASP A 801 -11.55 12.13 14.35
C ASP A 801 -13.05 12.37 14.15
N ASN A 802 -13.87 11.93 15.12
CA ASN A 802 -15.33 12.05 15.07
C ASN A 802 -15.80 11.71 16.47
N PHE A 803 -17.03 12.08 16.83
CA PHE A 803 -17.54 11.75 18.14
C PHE A 803 -16.66 12.29 19.27
N PHE A 804 -16.39 13.60 19.20
CA PHE A 804 -15.56 14.30 20.19
C PHE A 804 -16.31 15.59 20.62
N ASP A 805 -15.91 16.15 21.75
CA ASP A 805 -16.51 17.41 22.20
C ASP A 805 -15.80 18.55 21.48
N LEU A 806 -16.55 19.41 20.82
CA LEU A 806 -15.92 20.58 20.24
C LEU A 806 -15.94 21.67 21.30
N LEU A 807 -14.75 22.12 21.68
CA LEU A 807 -14.57 23.00 22.82
C LEU A 807 -14.76 24.47 22.45
N PRO A 808 -15.36 25.25 23.39
CA PRO A 808 -15.77 26.64 23.08
C PRO A 808 -14.61 27.41 22.47
N GLY A 809 -14.83 27.98 21.29
CA GLY A 809 -13.84 28.85 20.66
C GLY A 809 -12.50 28.19 20.36
N GLU A 810 -12.48 26.86 20.27
CA GLU A 810 -11.25 26.16 19.92
C GLU A 810 -11.42 25.43 18.60
N ARG A 811 -10.79 25.94 17.55
CA ARG A 811 -10.89 25.37 16.22
C ARG A 811 -10.46 23.89 16.20
N LYS A 812 -11.03 23.11 15.30
CA LYS A 812 -10.66 21.70 15.20
C LYS A 812 -10.68 21.25 13.75
N LYS A 813 -9.58 20.66 13.34
CA LYS A 813 -9.42 20.23 11.96
C LYS A 813 -9.76 18.74 11.91
N VAL A 814 -10.58 18.36 10.93
CA VAL A 814 -10.95 16.94 10.67
C VAL A 814 -10.83 16.65 9.18
N ILE A 815 -10.04 15.64 8.86
CA ILE A 815 -9.88 15.21 7.46
C ILE A 815 -10.72 13.96 7.23
N ILE A 816 -11.61 14.05 6.25
CA ILE A 816 -12.41 12.95 5.76
C ILE A 816 -11.79 12.40 4.46
N THR A 817 -11.61 11.08 4.38
CA THR A 817 -11.06 10.50 3.15
C THR A 817 -11.95 9.41 2.62
N SER A 818 -11.98 9.28 1.30
CA SER A 818 -12.69 8.23 0.58
C SER A 818 -12.21 8.28 -0.88
N PRO A 819 -12.01 7.11 -1.51
CA PRO A 819 -11.68 7.10 -2.96
C PRO A 819 -12.72 7.82 -3.82
N ARG A 820 -13.90 8.10 -3.24
CA ARG A 820 -15.01 8.70 -3.96
C ARG A 820 -15.18 10.22 -3.78
N ILE A 821 -14.21 10.83 -3.10
CA ILE A 821 -14.18 12.29 -2.98
C ILE A 821 -13.38 12.94 -4.15
N LYS A 822 -14.08 13.73 -4.95
CA LYS A 822 -13.54 14.35 -6.18
C LYS A 822 -13.20 15.84 -6.02
N LYS A 823 -12.06 16.25 -6.58
CA LYS A 823 -11.43 17.59 -6.37
C LYS A 823 -12.37 18.81 -6.36
N GLU A 825 -15.21 20.89 -4.90
CA GLU A 825 -16.44 20.26 -4.37
C GLU A 825 -16.59 20.58 -2.86
N GLU A 826 -17.57 20.03 -2.12
CA GLU A 826 -18.78 19.38 -2.64
C GLU A 826 -19.38 18.30 -1.69
N LEU A 827 -18.64 17.82 -0.70
CA LEU A 827 -19.13 16.68 0.13
C LEU A 827 -20.25 17.08 1.09
N PRO A 828 -21.42 16.38 1.04
CA PRO A 828 -22.53 16.61 1.98
C PRO A 828 -22.16 16.27 3.41
N VAL A 829 -22.32 17.23 4.30
CA VAL A 829 -21.92 17.11 5.69
C VAL A 829 -23.09 17.56 6.59
N ASN A 830 -23.46 16.71 7.55
CA ASN A 830 -24.45 17.02 8.59
C ASN A 830 -23.83 16.90 9.98
N ILE A 831 -23.76 18.00 10.73
CA ILE A 831 -23.07 17.95 12.03
C ILE A 831 -24.10 17.90 13.18
N LYS A 832 -24.07 16.82 13.98
CA LYS A 832 -25.04 16.72 15.06
C LYS A 832 -24.29 16.90 16.38
N HIS A 833 -24.99 17.45 17.38
CA HIS A 833 -24.42 17.49 18.73
C HIS A 833 -25.59 17.38 19.73
N ILE A 834 -25.25 17.13 20.99
CA ILE A 834 -26.27 16.62 21.94
C ILE A 834 -27.46 17.59 22.14
N ARG A 835 -27.14 18.86 22.32
CA ARG A 835 -28.16 19.88 22.65
CA ARG A 835 -28.14 19.90 22.64
C ARG A 835 -29.24 19.96 21.58
N GLU A 836 -28.88 19.67 20.33
CA GLU A 836 -29.81 19.74 19.20
C GLU A 836 -30.90 18.68 19.25
N THR A 837 -30.68 17.65 20.06
CA THR A 837 -31.57 16.50 20.13
C THR A 837 -32.85 16.66 20.97
N TYR A 838 -32.96 17.78 21.68
CA TYR A 838 -34.16 18.09 22.49
C TYR A 838 -34.37 19.61 22.64
N LYS A 839 -35.54 19.98 23.12
CA LYS A 839 -35.89 21.43 23.35
C LYS A 839 -35.81 21.81 24.82
N GLY B 2 17.88 14.20 12.92
CA GLY B 2 18.06 12.73 13.16
C GLY B 2 17.48 12.38 14.51
N ASN B 3 17.75 11.16 15.01
CA ASN B 3 17.47 10.82 16.41
CA ASN B 3 17.47 10.86 16.40
C ASN B 3 18.58 11.46 17.27
N ASP B 4 18.33 12.69 17.68
CA ASP B 4 19.23 13.47 18.51
C ASP B 4 18.35 14.34 19.43
N THR B 5 18.93 15.25 20.18
CA THR B 5 18.17 16.06 21.12
C THR B 5 17.54 17.29 20.46
N SER B 6 17.73 17.46 19.17
CA SER B 6 17.13 18.65 18.52
C SER B 6 15.63 18.47 18.46
N GLU B 7 14.93 19.57 18.31
CA GLU B 7 13.53 19.53 18.15
C GLU B 7 13.28 20.23 16.82
N VAL B 8 12.32 19.71 16.08
CA VAL B 8 11.91 20.33 14.83
C VAL B 8 10.48 20.81 14.96
N MET B 9 10.17 21.98 14.40
CA MET B 9 8.82 22.43 14.31
C MET B 9 8.55 22.65 12.81
N LEU B 10 7.48 22.06 12.31
CA LEU B 10 7.11 22.17 10.91
C LEU B 10 6.22 23.37 10.70
N LEU B 11 6.57 24.30 9.80
CA LEU B 11 5.69 25.45 9.55
C LEU B 11 4.80 25.20 8.37
N ASP B 12 3.79 24.36 8.58
CA ASP B 12 2.94 23.89 7.47
C ASP B 12 1.47 24.21 7.72
N THR B 13 1.20 25.08 8.69
CA THR B 13 -0.18 25.42 8.98
C THR B 13 -0.25 26.93 9.25
N GLY B 14 -1.46 27.48 9.17
CA GLY B 14 -1.68 28.88 9.46
C GLY B 14 -1.17 29.89 8.45
N TRP B 15 -0.86 29.47 7.22
CA TRP B 15 -0.36 30.41 6.22
C TRP B 15 -1.48 31.13 5.54
N GLU B 16 -1.24 32.38 5.13
CA GLU B 16 -2.18 33.15 4.34
C GLU B 16 -1.42 33.78 3.19
N PHE B 17 -2.13 34.11 2.13
CA PHE B 17 -1.53 34.75 0.98
C PHE B 17 -2.36 35.95 0.51
N SER B 18 -1.71 36.86 -0.20
CA SER B 18 -2.34 38.07 -0.72
C SER B 18 -1.72 38.45 -2.08
N GLN B 19 -2.55 38.84 -3.06
CA GLN B 19 -2.08 39.49 -4.26
C GLN B 19 -1.59 40.86 -3.78
N SER B 20 -0.32 41.14 -4.00
N SER B 20 -0.32 41.15 -4.01
CA SER B 20 0.31 42.37 -3.51
CA SER B 20 0.30 42.39 -3.54
C SER B 20 -0.42 43.61 -4.02
C SER B 20 -0.49 43.59 -4.02
N GLY B 21 -0.71 44.54 -3.10
CA GLY B 21 -1.36 45.80 -3.43
C GLY B 21 -2.83 45.78 -3.08
N THR B 22 -3.37 44.60 -2.75
CA THR B 22 -4.80 44.44 -2.54
C THR B 22 -5.19 44.48 -1.06
N GLU B 23 -4.21 44.19 -0.19
CA GLU B 23 -4.40 44.10 1.28
C GLU B 23 -5.48 43.08 1.70
N LYS B 24 -5.77 42.13 0.80
CA LYS B 24 -6.76 41.11 1.10
C LYS B 24 -6.06 39.78 1.24
N TRP B 25 -6.38 39.07 2.32
CA TRP B 25 -5.73 37.83 2.68
C TRP B 25 -6.70 36.66 2.70
N MET B 26 -6.19 35.48 2.31
CA MET B 26 -6.96 34.24 2.34
C MET B 26 -6.05 33.07 2.69
N PRO B 27 -6.64 31.98 3.23
CA PRO B 27 -5.84 30.82 3.66
C PRO B 27 -5.00 30.31 2.51
N ALA B 28 -3.81 29.83 2.82
CA ALA B 28 -2.94 29.22 1.83
C ALA B 28 -2.54 27.85 2.34
N THR B 29 -2.05 26.98 1.45
CA THR B 29 -1.51 25.69 1.81
C THR B 29 0.00 25.74 1.50
N VAL B 30 0.82 25.37 2.48
CA VAL B 30 2.28 25.36 2.31
C VAL B 30 2.85 23.98 2.80
N PRO B 31 3.70 23.31 1.99
CA PRO B 31 4.19 23.74 0.68
C PRO B 31 3.04 23.89 -0.32
N GLY B 32 3.17 24.84 -1.22
CA GLY B 32 2.16 24.98 -2.27
C GLY B 32 2.59 26.03 -3.27
N THR B 33 1.62 26.48 -4.05
CA THR B 33 1.84 27.43 -5.14
C THR B 33 0.74 28.48 -5.09
N VAL B 34 1.05 29.68 -5.59
CA VAL B 34 0.06 30.74 -5.81
C VAL B 34 -1.11 30.23 -6.63
N HIS B 35 -0.82 29.54 -7.75
CA HIS B 35 -1.90 29.02 -8.61
C HIS B 35 -2.84 28.07 -7.89
N GLN B 36 -2.31 27.15 -7.10
CA GLN B 36 -3.20 26.22 -6.41
C GLN B 36 -3.97 26.98 -5.32
N ASP B 37 -3.28 27.90 -4.65
CA ASP B 37 -3.99 28.72 -3.62
C ASP B 37 -5.16 29.51 -4.21
N LEU B 38 -4.99 30.04 -5.40
CA LEU B 38 -6.06 30.71 -6.13
C LEU B 38 -7.11 29.72 -6.60
N ILE B 39 -6.69 28.57 -7.11
CA ILE B 39 -7.65 27.51 -7.46
C ILE B 39 -8.48 27.08 -6.27
N SER B 40 -7.85 26.94 -5.11
CA SER B 40 -8.53 26.49 -3.89
CA SER B 40 -8.56 26.46 -3.93
C SER B 40 -9.71 27.40 -3.52
N HIS B 41 -9.63 28.67 -3.92
CA HIS B 41 -10.67 29.65 -3.62
C HIS B 41 -11.50 30.03 -4.84
N GLU B 42 -11.40 29.20 -5.89
CA GLU B 42 -12.09 29.45 -7.17
C GLU B 42 -11.79 30.84 -7.76
N LEU B 43 -10.55 31.32 -7.58
CA LEU B 43 -10.05 32.58 -8.19
C LEU B 43 -9.32 32.36 -9.50
N LEU B 44 -9.19 31.08 -9.88
CA LEU B 44 -8.75 30.66 -11.20
C LEU B 44 -9.67 29.53 -11.64
N PRO B 45 -9.96 29.44 -12.95
CA PRO B 45 -10.64 28.25 -13.44
C PRO B 45 -9.64 27.07 -13.46
N ASN B 46 -10.16 25.85 -13.66
CA ASN B 46 -9.30 24.69 -13.89
C ASN B 46 -8.33 24.99 -15.00
N PRO B 47 -7.02 25.13 -14.70
CA PRO B 47 -6.06 25.57 -15.72
C PRO B 47 -5.86 24.56 -16.89
N PHE B 48 -6.17 23.30 -16.63
CA PHE B 48 -5.95 22.21 -17.59
C PHE B 48 -7.15 22.04 -18.55
N TYR B 49 -8.26 22.73 -18.25
CA TYR B 49 -9.48 22.56 -19.06
C TYR B 49 -9.55 23.41 -20.33
N GLY B 50 -9.89 22.76 -21.45
CA GLY B 50 -10.11 23.45 -22.74
C GLY B 50 -9.12 24.53 -23.17
N MET B 51 -9.63 25.76 -23.24
CA MET B 51 -8.87 26.93 -23.69
C MET B 51 -8.40 27.79 -22.50
N ASN B 52 -8.50 27.23 -21.29
CA ASN B 52 -8.13 27.97 -20.05
C ASN B 52 -6.68 28.45 -19.89
N GLU B 53 -5.74 27.92 -20.67
CA GLU B 53 -4.34 28.36 -20.52
C GLU B 53 -4.18 29.90 -20.61
N LYS B 54 -4.81 30.51 -21.62
CA LYS B 54 -4.82 31.96 -21.83
C LYS B 54 -5.36 32.71 -20.60
N LYS B 55 -6.32 32.10 -19.94
CA LYS B 55 -7.06 32.72 -18.85
C LYS B 55 -6.34 32.80 -17.52
N ILE B 56 -5.18 32.12 -17.38
CA ILE B 56 -4.52 32.05 -16.06
C ILE B 56 -3.19 32.78 -16.13
N GLN B 57 -2.85 33.31 -17.30
CA GLN B 57 -1.56 33.93 -17.53
C GLN B 57 -1.33 35.20 -16.68
N TRP B 58 -2.43 35.86 -16.27
CA TRP B 58 -2.32 37.13 -15.51
C TRP B 58 -1.47 37.01 -14.24
N VAL B 59 -1.53 35.85 -13.61
CA VAL B 59 -0.92 35.59 -12.31
C VAL B 59 0.58 35.91 -12.32
N GLU B 60 1.28 35.60 -13.43
CA GLU B 60 2.73 35.73 -13.52
C GLU B 60 3.16 37.19 -13.52
N ASN B 61 2.21 38.09 -13.77
CA ASN B 61 2.47 39.53 -13.73
C ASN B 61 2.26 40.17 -12.36
N GLU B 62 1.65 39.46 -11.43
CA GLU B 62 1.42 40.04 -10.09
C GLU B 62 2.57 39.67 -9.12
N ASP B 63 2.75 40.47 -8.06
CA ASP B 63 3.54 40.02 -6.89
C ASP B 63 2.59 39.40 -5.88
N TRP B 64 3.14 38.50 -5.07
CA TRP B 64 2.38 37.67 -4.11
C TRP B 64 3.07 37.65 -2.74
N GLU B 65 2.29 37.85 -1.69
CA GLU B 65 2.80 37.86 -0.31
C GLU B 65 2.18 36.72 0.51
N TYR B 66 3.01 36.08 1.34
CA TYR B 66 2.66 34.94 2.24
C TYR B 66 3.05 35.31 3.65
N ARG B 67 2.22 34.91 4.61
CA ARG B 67 2.48 35.17 6.02
C ARG B 67 2.01 34.03 6.85
N THR B 68 2.73 33.85 7.94
CA THR B 68 2.30 32.98 9.01
C THR B 68 2.81 33.45 10.38
N SER B 69 2.17 32.98 11.45
CA SER B 69 2.68 33.18 12.82
CA SER B 69 2.69 33.20 12.81
C SER B 69 2.87 31.88 13.54
N PHE B 70 3.73 31.90 14.56
CA PHE B 70 4.06 30.72 15.31
C PHE B 70 4.52 31.09 16.71
N ILE B 71 4.38 30.18 17.67
CA ILE B 71 4.72 30.43 19.05
C ILE B 71 6.07 29.82 19.35
N VAL B 72 6.90 30.57 20.05
CA VAL B 72 8.16 30.05 20.58
C VAL B 72 8.13 30.17 22.12
N SER B 73 8.58 29.12 22.79
CA SER B 73 8.53 29.06 24.25
C SER B 73 9.84 29.55 24.83
N GLU B 74 9.81 29.78 26.14
CA GLU B 74 10.98 30.17 26.89
C GLU B 74 12.06 29.10 26.81
N GLU B 75 11.66 27.84 26.91
CA GLU B 75 12.64 26.77 26.91
C GLU B 75 13.23 26.57 25.49
N GLN B 76 12.40 26.77 24.46
CA GLN B 76 12.84 26.80 23.05
C GLN B 76 13.85 27.91 22.82
N LEU B 77 13.60 29.07 23.41
CA LEU B 77 14.53 30.19 23.31
C LEU B 77 15.83 29.98 24.06
N ASN B 78 15.86 29.03 24.97
CA ASN B 78 17.11 28.72 25.65
C ASN B 78 18.02 27.73 24.97
N ARG B 79 17.57 27.10 23.88
CA ARG B 79 18.45 26.16 23.13
C ARG B 79 19.64 26.97 22.60
N ASP B 80 20.78 26.32 22.36
CA ASP B 80 22.00 26.97 21.92
C ASP B 80 21.84 27.67 20.55
N GLY B 81 21.02 27.07 19.69
CA GLY B 81 20.90 27.58 18.31
C GLY B 81 19.54 27.26 17.78
N ILE B 82 19.03 28.11 16.91
CA ILE B 82 17.74 27.88 16.27
C ILE B 82 17.86 28.28 14.81
N GLN B 83 17.48 27.36 13.89
CA GLN B 83 17.63 27.57 12.43
C GLN B 83 16.26 27.62 11.81
N LEU B 84 16.10 28.47 10.80
CA LEU B 84 14.93 28.44 9.96
C LEU B 84 15.37 27.87 8.60
N ILE B 85 14.76 26.77 8.21
CA ILE B 85 15.19 26.05 7.00
C ILE B 85 14.08 26.08 5.90
N PHE B 86 14.44 26.60 4.73
CA PHE B 86 13.56 26.59 3.57
C PHE B 86 14.14 25.60 2.58
N GLU B 87 13.46 24.47 2.34
CA GLU B 87 13.93 23.54 1.33
C GLU B 87 13.71 24.03 -0.11
N GLY B 88 12.86 25.03 -0.31
CA GLY B 88 12.62 25.57 -1.64
C GLY B 88 11.72 26.80 -1.63
N LEU B 89 12.21 27.85 -2.24
CA LEU B 89 11.46 29.05 -2.49
C LEU B 89 11.49 29.35 -3.99
N ASP B 90 10.32 29.54 -4.59
CA ASP B 90 10.17 29.74 -6.05
C ASP B 90 9.61 31.20 -6.25
N THR B 91 10.44 32.21 -6.53
CA THR B 91 11.89 32.16 -6.68
C THR B 91 12.54 33.40 -6.05
N TYR B 92 12.08 34.56 -6.47
CA TYR B 92 12.59 35.85 -5.95
C TYR B 92 11.77 36.24 -4.71
N ALA B 93 12.23 35.76 -3.56
CA ALA B 93 11.48 35.87 -2.28
C ALA B 93 12.30 36.62 -1.26
N ASP B 94 11.70 37.69 -0.72
CA ASP B 94 12.28 38.38 0.40
C ASP B 94 11.64 37.89 1.66
N VAL B 95 12.45 37.31 2.55
CA VAL B 95 11.96 36.60 3.70
C VAL B 95 12.18 37.46 4.99
N TYR B 96 11.08 37.87 5.62
CA TYR B 96 11.11 38.77 6.81
C TYR B 96 10.68 38.02 8.04
N LEU B 97 11.45 38.12 9.11
CA LEU B 97 10.98 37.52 10.36
C LEU B 97 11.13 38.57 11.48
N ASN B 98 10.03 38.99 12.11
CA ASN B 98 10.10 39.91 13.29
C ASN B 98 10.90 41.17 12.95
N GLY B 99 10.67 41.71 11.75
CA GLY B 99 11.34 42.94 11.26
C GLY B 99 12.75 42.80 10.71
N SER B 100 13.27 41.57 10.63
CA SER B 100 14.60 41.28 10.07
C SER B 100 14.41 40.72 8.66
N LEU B 101 15.11 41.29 7.68
CA LEU B 101 15.19 40.64 6.36
C LEU B 101 16.23 39.51 6.46
N LEU B 102 15.75 38.27 6.51
CA LEU B 102 16.65 37.12 6.68
C LEU B 102 17.44 36.75 5.41
N LEU B 103 16.84 36.98 4.25
CA LEU B 103 17.26 36.35 3.01
C LEU B 103 16.53 37.02 1.85
N LYS B 104 17.27 37.28 0.80
CA LYS B 104 16.72 37.63 -0.53
C LYS B 104 16.98 36.42 -1.43
N ALA B 105 16.01 35.52 -1.51
CA ALA B 105 16.26 34.23 -2.22
C ALA B 105 16.16 34.47 -3.74
N ASP B 106 16.82 33.66 -4.56
CA ASP B 106 16.88 33.89 -6.01
C ASP B 106 17.20 32.60 -6.75
N ASN B 107 16.89 31.46 -6.14
CA ASN B 107 17.14 30.18 -6.78
C ASN B 107 16.20 29.09 -6.28
N MET B 108 15.30 28.68 -7.17
CA MET B 108 14.28 27.68 -6.89
C MET B 108 14.92 26.37 -6.38
N PHE B 109 16.14 26.11 -6.85
CA PHE B 109 16.82 24.81 -6.73
C PHE B 109 17.74 24.69 -5.51
N VAL B 110 17.76 25.71 -4.65
CA VAL B 110 18.65 25.77 -3.49
C VAL B 110 17.83 25.73 -2.18
N GLY B 111 18.31 24.96 -1.22
CA GLY B 111 17.72 24.97 0.12
C GLY B 111 18.44 26.03 0.93
N TYR B 112 17.75 26.72 1.83
CA TYR B 112 18.43 27.76 2.62
C TYR B 112 18.31 27.49 4.11
N THR B 113 19.41 27.60 4.86
CA THR B 113 19.37 27.38 6.30
C THR B 113 19.79 28.68 7.00
N LEU B 114 18.92 29.26 7.84
CA LEU B 114 19.12 30.62 8.37
C LEU B 114 19.21 30.63 9.90
N PRO B 115 20.30 31.22 10.46
CA PRO B 115 20.34 31.30 11.96
C PRO B 115 19.36 32.35 12.45
N VAL B 116 18.41 32.00 13.33
CA VAL B 116 17.36 32.94 13.76
C VAL B 116 17.15 33.09 15.32
N LYS B 117 17.99 32.47 16.13
CA LYS B 117 17.79 32.57 17.59
C LYS B 117 17.68 34.01 18.08
N SER B 118 18.56 34.91 17.64
N SER B 118 18.58 34.90 17.66
CA SER B 118 18.55 36.30 18.09
CA SER B 118 18.57 36.34 18.03
C SER B 118 17.50 37.22 17.44
C SER B 118 17.31 37.09 17.64
N VAL B 119 16.67 36.70 16.54
CA VAL B 119 15.55 37.46 16.03
C VAL B 119 14.21 36.95 16.56
N LEU B 120 14.20 35.74 17.11
CA LEU B 120 12.98 35.16 17.61
C LEU B 120 12.62 35.84 18.94
N ARG B 121 11.34 35.82 19.25
CA ARG B 121 10.79 36.37 20.51
C ARG B 121 9.94 35.31 21.26
N LYS B 122 9.90 35.37 22.59
CA LYS B 122 8.97 34.53 23.37
C LYS B 122 7.55 34.89 22.99
N GLY B 123 6.72 33.89 22.72
CA GLY B 123 5.35 34.16 22.32
C GLY B 123 5.23 34.17 20.80
N GLU B 124 4.43 35.10 20.30
CA GLU B 124 4.15 35.27 18.86
C GLU B 124 5.35 35.73 18.04
N ASN B 125 5.57 35.04 16.92
CA ASN B 125 6.59 35.40 15.91
C ASN B 125 5.87 35.51 14.56
N HIS B 126 6.32 36.41 13.70
CA HIS B 126 5.62 36.73 12.45
C HIS B 126 6.58 36.55 11.29
N LEU B 127 6.23 35.64 10.38
CA LEU B 127 7.09 35.35 9.22
C LEU B 127 6.34 35.90 8.00
N TYR B 128 7.02 36.68 7.16
CA TYR B 128 6.36 37.26 6.03
C TYR B 128 7.27 37.12 4.82
N ILE B 129 6.72 36.68 3.68
CA ILE B 129 7.56 36.44 2.49
C ILE B 129 6.92 37.17 1.33
N TYR B 130 7.72 38.04 0.69
CA TYR B 130 7.29 38.82 -0.47
C TYR B 130 7.90 38.13 -1.71
N PHE B 131 7.04 37.53 -2.54
CA PHE B 131 7.47 36.96 -3.87
C PHE B 131 7.35 37.98 -5.03
N HIS B 132 8.50 38.44 -5.51
CA HIS B 132 8.51 39.29 -6.68
C HIS B 132 8.15 38.40 -7.88
N SER B 133 7.26 38.89 -8.73
CA SER B 133 7.02 38.30 -10.02
C SER B 133 8.35 37.99 -10.77
N PRO B 134 8.56 36.71 -11.17
CA PRO B 134 9.80 36.41 -11.87
C PRO B 134 9.83 37.10 -13.24
N ILE B 135 8.67 37.42 -13.81
CA ILE B 135 8.60 38.20 -15.07
C ILE B 135 9.07 39.65 -14.83
N ARG B 136 8.39 40.35 -13.93
CA ARG B 136 8.74 41.75 -13.69
C ARG B 136 10.13 41.94 -13.10
N GLN B 137 10.64 40.90 -12.41
CA GLN B 137 11.99 40.95 -11.90
C GLN B 137 13.03 40.90 -13.01
N THR B 138 12.76 40.17 -14.11
CA THR B 138 13.78 39.97 -15.13
C THR B 138 13.51 40.80 -16.41
N LEU B 139 12.36 41.46 -16.48
CA LEU B 139 12.13 42.42 -17.56
C LEU B 139 13.27 43.44 -17.72
N PRO B 140 13.79 44.01 -16.61
CA PRO B 140 14.88 44.97 -16.79
C PRO B 140 16.14 44.26 -17.18
N GLN B 141 16.35 43.02 -16.69
CA GLN B 141 17.53 42.24 -17.09
C GLN B 141 17.53 42.02 -18.61
N TYR B 142 16.38 41.63 -19.11
CA TYR B 142 16.14 41.40 -20.56
C TYR B 142 16.45 42.70 -21.37
N ALA B 143 15.88 43.80 -20.91
CA ALA B 143 16.07 45.12 -21.54
C ALA B 143 17.56 45.50 -21.65
N SER B 144 18.36 45.13 -20.64
CA SER B 144 19.77 45.43 -20.66
C SER B 144 20.60 44.51 -21.60
N ASN B 145 20.00 43.38 -22.01
CA ASN B 145 20.75 42.35 -22.73
C ASN B 145 21.04 42.63 -24.20
N GLY B 146 20.16 43.36 -24.86
CA GLY B 146 20.32 43.73 -26.26
C GLY B 146 20.15 42.62 -27.29
N PHE B 147 19.66 41.45 -26.86
CA PHE B 147 19.17 40.38 -27.76
C PHE B 147 18.26 39.45 -26.97
N ASN B 148 17.55 38.55 -27.68
CA ASN B 148 16.58 37.65 -27.07
C ASN B 148 17.16 36.23 -27.18
N TYR B 149 17.41 35.57 -26.03
CA TYR B 149 17.93 34.19 -26.07
C TYR B 149 16.93 33.30 -26.83
N PRO B 150 17.44 32.39 -27.66
CA PRO B 150 16.56 31.56 -28.52
C PRO B 150 15.89 30.37 -27.79
N ALA B 151 15.20 30.65 -26.69
CA ALA B 151 14.50 29.64 -25.89
C ALA B 151 13.08 29.49 -26.45
N ASP B 152 12.96 28.79 -27.55
CA ASP B 152 11.64 28.61 -28.22
C ASP B 152 10.58 27.95 -27.32
N ASN B 153 11.03 27.17 -26.34
CA ASN B 153 10.11 26.53 -25.40
C ASN B 153 9.53 27.52 -24.34
N ASP B 154 10.11 28.70 -24.23
CA ASP B 154 9.62 29.72 -23.29
C ASP B 154 8.48 30.47 -24.04
N HIS B 155 7.23 30.27 -23.64
CA HIS B 155 6.10 30.67 -24.47
C HIS B 155 5.68 32.12 -24.23
N HIS B 156 6.53 33.05 -24.65
CA HIS B 156 6.36 34.48 -24.44
C HIS B 156 7.18 35.15 -25.49
N GLU B 157 6.78 36.36 -25.94
CA GLU B 157 7.64 37.18 -26.81
C GLU B 157 9.07 37.33 -26.29
N LYS B 158 9.19 37.57 -24.98
CA LYS B 158 10.49 37.76 -24.38
C LYS B 158 10.89 36.48 -23.61
N HIS B 159 12.05 35.93 -23.89
CA HIS B 159 12.46 34.65 -23.32
C HIS B 159 13.21 34.88 -21.98
N LEU B 160 12.42 35.10 -20.92
CA LEU B 160 12.95 35.51 -19.60
C LEU B 160 13.45 34.32 -18.78
N SER B 161 13.04 33.13 -19.19
CA SER B 161 13.41 31.95 -18.42
C SER B 161 14.89 31.85 -18.18
N VAL B 162 15.71 32.19 -19.20
CA VAL B 162 17.16 31.97 -19.13
C VAL B 162 17.78 32.84 -18.02
N PHE B 163 17.06 33.87 -17.61
CA PHE B 163 17.61 34.75 -16.58
C PHE B 163 17.37 34.22 -15.15
N SER B 164 16.43 33.29 -15.01
CA SER B 164 16.09 32.83 -13.64
C SER B 164 16.44 31.36 -13.42
N ARG B 165 16.96 31.06 -12.24
CA ARG B 165 17.15 29.70 -11.79
C ARG B 165 15.80 29.24 -11.25
N LYS B 166 14.96 28.82 -12.21
CA LYS B 166 13.61 28.40 -11.99
C LYS B 166 13.31 27.31 -13.03
N ALA B 167 12.45 26.35 -12.70
CA ALA B 167 12.18 25.19 -13.53
C ALA B 167 11.88 25.68 -14.96
N PRO B 168 12.73 25.30 -15.93
CA PRO B 168 12.51 25.74 -17.33
C PRO B 168 11.12 25.52 -17.88
N TYR B 169 10.58 24.31 -17.69
CA TYR B 169 9.25 23.90 -18.22
C TYR B 169 8.11 24.76 -17.67
N SER B 170 8.32 25.44 -16.55
CA SER B 170 7.23 26.26 -16.00
C SER B 170 6.87 27.42 -16.97
N TYR B 171 7.82 27.82 -17.82
CA TYR B 171 7.55 28.86 -18.83
C TYR B 171 6.85 28.33 -20.07
N GLY B 172 6.55 27.03 -20.05
CA GLY B 172 5.98 26.30 -21.20
C GLY B 172 7.00 25.28 -21.68
N TRP B 173 6.52 24.29 -22.45
CA TRP B 173 7.43 23.39 -23.17
C TRP B 173 6.64 22.79 -24.36
N ASP B 174 7.30 21.98 -25.19
CA ASP B 174 6.58 21.42 -26.36
C ASP B 174 5.64 20.24 -26.03
N TRP B 175 5.47 19.95 -24.72
CA TRP B 175 4.40 19.05 -24.21
C TRP B 175 3.74 19.72 -23.00
N GLY B 176 4.02 21.01 -22.80
CA GLY B 176 3.62 21.62 -21.50
C GLY B 176 2.85 22.93 -21.47
N ILE B 177 2.05 23.12 -20.43
CA ILE B 177 1.32 24.37 -20.20
C ILE B 177 2.24 25.41 -19.54
N ARG B 178 2.03 26.68 -19.86
CA ARG B 178 2.77 27.74 -19.20
C ARG B 178 2.05 28.17 -17.94
N MET B 179 2.71 27.89 -16.82
CA MET B 179 2.23 28.29 -15.49
C MET B 179 3.43 28.74 -14.69
N VAL B 180 3.79 30.00 -14.90
CA VAL B 180 4.95 30.57 -14.23
C VAL B 180 4.51 30.88 -12.77
N THR B 181 4.68 29.90 -11.87
CA THR B 181 4.12 30.01 -10.53
C THR B 181 5.19 30.51 -9.57
N SER B 182 4.78 30.68 -8.31
CA SER B 182 5.61 31.13 -7.22
C SER B 182 5.13 30.49 -5.94
N GLY B 183 6.02 30.48 -4.96
CA GLY B 183 5.62 30.10 -3.64
C GLY B 183 6.64 29.29 -2.86
N VAL B 184 6.19 28.80 -1.73
CA VAL B 184 7.02 28.05 -0.82
C VAL B 184 6.80 26.62 -1.28
N TRP B 185 7.65 26.16 -2.18
CA TRP B 185 7.35 24.92 -2.94
C TRP B 185 7.81 23.63 -2.28
N ARG B 186 8.66 23.77 -1.26
CA ARG B 186 9.08 22.64 -0.43
C ARG B 186 8.99 23.01 1.07
N PRO B 187 9.16 22.04 1.98
CA PRO B 187 8.86 22.33 3.40
C PRO B 187 9.71 23.42 4.08
N VAL B 188 9.12 24.05 5.09
CA VAL B 188 9.74 25.06 5.92
C VAL B 188 9.74 24.51 7.35
N THR B 189 10.91 24.54 7.98
CA THR B 189 11.14 23.89 9.25
C THR B 189 11.91 24.82 10.21
N LEU B 190 11.58 24.74 11.51
CA LEU B 190 12.40 25.37 12.55
C LEU B 190 13.13 24.28 13.35
N ARG B 191 14.43 24.45 13.53
CA ARG B 191 15.22 23.48 14.28
C ARG B 191 15.91 24.12 15.50
N PHE B 192 15.57 23.63 16.69
CA PHE B 192 16.12 24.09 17.98
C PHE B 192 17.07 23.01 18.48
N TYR B 193 18.33 23.37 18.71
CA TYR B 193 19.40 22.40 18.95
C TYR B 193 20.45 22.90 19.95
N ASP B 194 21.28 21.99 20.45
CA ASP B 194 22.39 22.37 21.28
C ASP B 194 23.69 22.05 20.59
N ILE B 195 24.66 22.95 20.83
CA ILE B 195 26.07 22.75 20.49
C ILE B 195 26.38 22.87 18.99
N ALA B 196 25.82 21.96 18.18
CA ALA B 196 26.19 21.91 16.76
C ALA B 196 25.10 21.19 15.93
N THR B 197 25.18 21.37 14.60
CA THR B 197 24.38 20.57 13.64
C THR B 197 25.35 19.89 12.67
N ILE B 198 24.93 18.76 12.12
CA ILE B 198 25.72 18.15 11.06
C ILE B 198 25.16 18.80 9.77
N SER B 199 25.92 19.68 9.12
CA SER B 199 25.34 20.33 7.92
CA SER B 199 25.44 20.37 7.92
C SER B 199 25.54 19.44 6.71
N ASP B 200 26.44 18.46 6.79
CA ASP B 200 26.63 17.47 5.68
C ASP B 200 27.23 16.18 6.17
N TYR B 201 26.71 15.06 5.65
CA TYR B 201 27.32 13.78 5.86
C TYR B 201 27.44 13.08 4.52
N TYR B 202 28.68 12.75 4.15
CA TYR B 202 28.99 12.10 2.89
C TYR B 202 29.67 10.76 3.16
N VAL B 203 29.03 9.69 2.76
CA VAL B 203 29.64 8.41 2.87
C VAL B 203 30.37 8.12 1.55
N ARG B 204 31.69 8.28 1.57
CA ARG B 204 32.48 8.15 0.37
C ARG B 204 33.04 6.75 0.22
N GLN B 205 32.76 6.13 -0.92
CA GLN B 205 33.23 4.79 -1.17
C GLN B 205 34.61 4.89 -1.79
N LEU B 206 35.59 4.39 -1.05
CA LEU B 206 36.98 4.38 -1.47
C LEU B 206 37.29 3.16 -2.33
N SER B 207 36.78 1.99 -1.96
CA SER B 207 36.94 0.78 -2.77
C SER B 207 35.91 -0.27 -2.42
N LEU B 208 35.68 -1.19 -3.36
CA LEU B 208 34.71 -2.23 -3.19
C LEU B 208 35.19 -3.45 -3.95
N THR B 209 35.32 -4.57 -3.23
CA THR B 209 35.57 -5.87 -3.79
C THR B 209 34.60 -6.83 -3.12
N ASP B 210 34.55 -8.08 -3.57
CA ASP B 210 33.71 -9.08 -2.96
C ASP B 210 34.06 -9.32 -1.51
N GLU B 211 35.32 -9.07 -1.17
CA GLU B 211 35.84 -9.33 0.17
C GLU B 211 35.70 -8.14 1.14
N ASN B 212 35.77 -6.92 0.62
CA ASN B 212 35.78 -5.78 1.50
C ASN B 212 35.26 -4.49 0.85
N ALA B 213 34.54 -3.70 1.64
CA ALA B 213 34.19 -2.35 1.22
C ALA B 213 34.87 -1.33 2.13
N ARG B 214 35.62 -0.40 1.57
CA ARG B 214 36.20 0.69 2.39
C ARG B 214 35.55 2.04 2.16
N LEU B 215 35.14 2.65 3.25
CA LEU B 215 34.37 3.88 3.25
C LEU B 215 35.06 4.96 4.04
N SER B 216 34.93 6.19 3.59
CA SER B 216 35.34 7.33 4.37
C SER B 216 34.10 8.15 4.72
N ASN B 217 33.85 8.29 6.02
CA ASN B 217 32.71 9.07 6.47
C ASN B 217 33.13 10.50 6.68
N GLU B 218 32.55 11.41 5.90
CA GLU B 218 32.99 12.79 5.88
C GLU B 218 31.88 13.63 6.42
N LEU B 219 32.14 14.24 7.58
CA LEU B 219 31.18 15.11 8.22
C LEU B 219 31.61 16.56 8.26
N ILE B 220 30.64 17.43 7.97
CA ILE B 220 30.78 18.86 8.18
C ILE B 220 29.83 19.19 9.33
N VAL B 221 30.41 19.67 10.42
CA VAL B 221 29.69 19.97 11.65
C VAL B 221 29.85 21.46 11.98
N ASN B 222 28.72 22.15 12.14
CA ASN B 222 28.70 23.57 12.42
C ASN B 222 28.33 23.78 13.89
N GLN B 223 29.31 24.28 14.64
CA GLN B 223 29.13 24.50 16.05
C GLN B 223 28.75 25.93 16.30
N ILE B 224 27.66 26.12 17.05
CA ILE B 224 27.05 27.42 17.29
C ILE B 224 27.55 28.09 18.59
N VAL B 225 28.09 27.33 19.54
CA VAL B 225 28.52 27.88 20.83
C VAL B 225 29.95 28.39 20.77
N PRO B 226 30.27 29.38 21.64
CA PRO B 226 31.54 30.07 21.54
C PRO B 226 32.79 29.33 22.04
N GLN B 227 32.64 28.30 22.88
CA GLN B 227 33.80 27.60 23.45
C GLN B 227 34.30 26.34 22.70
N LYS B 228 35.48 25.83 23.06
CA LYS B 228 35.97 24.54 22.56
C LYS B 228 35.16 23.43 23.20
N ILE B 229 34.55 22.56 22.38
CA ILE B 229 33.70 21.49 22.90
C ILE B 229 34.31 20.11 22.66
N PRO B 230 34.58 19.36 23.75
CA PRO B 230 34.98 17.96 23.61
C PRO B 230 33.80 17.10 23.12
N ALA B 231 34.04 16.24 22.14
CA ALA B 231 32.98 15.41 21.57
C ALA B 231 33.51 14.07 21.13
N GLU B 232 32.60 13.10 21.00
CA GLU B 232 32.88 11.82 20.34
C GLU B 232 32.04 11.74 19.06
N VAL B 233 32.69 11.49 17.93
CA VAL B 233 31.92 11.22 16.68
C VAL B 233 31.79 9.72 16.56
N ARG B 234 30.56 9.24 16.35
CA ARG B 234 30.27 7.79 16.27
C ARG B 234 29.60 7.53 14.92
N VAL B 235 30.07 6.51 14.21
CA VAL B 235 29.39 6.09 12.98
C VAL B 235 28.95 4.64 13.21
N ASN B 236 27.65 4.39 13.13
CA ASN B 236 27.14 3.01 13.13
C ASN B 236 26.74 2.61 11.70
N VAL B 237 27.21 1.43 11.27
CA VAL B 237 26.83 0.85 10.01
C VAL B 237 26.07 -0.42 10.34
N SER B 238 24.83 -0.48 9.83
CA SER B 238 23.92 -1.60 10.08
CA SER B 238 23.98 -1.63 10.06
C SER B 238 23.26 -2.06 8.80
N LEU B 239 22.82 -3.32 8.80
CA LEU B 239 22.09 -3.86 7.67
C LEU B 239 20.92 -4.63 8.22
N ASN B 240 19.73 -4.19 7.82
CA ASN B 240 18.48 -4.78 8.28
C ASN B 240 18.39 -4.90 9.80
N GLY B 241 18.80 -3.86 10.52
CA GLY B 241 18.58 -3.84 11.95
C GLY B 241 19.68 -4.44 12.81
N THR B 242 20.73 -4.96 12.19
CA THR B 242 21.89 -5.48 12.92
C THR B 242 23.19 -4.72 12.58
N THR B 243 23.90 -4.24 13.62
CA THR B 243 25.18 -3.53 13.47
C THR B 243 26.15 -4.45 12.78
N VAL B 244 26.79 -3.93 11.73
CA VAL B 244 27.89 -4.62 11.05
C VAL B 244 29.28 -4.04 11.41
N THR B 245 29.41 -2.72 11.48
CA THR B 245 30.58 -2.08 12.08
C THR B 245 30.23 -0.77 12.82
N GLU B 246 31.08 -0.43 13.78
CA GLU B 246 30.92 0.79 14.56
C GLU B 246 32.29 1.44 14.65
N VAL B 247 32.40 2.72 14.34
CA VAL B 247 33.67 3.44 14.52
C VAL B 247 33.39 4.70 15.30
N LYS B 248 34.42 5.18 15.99
CA LYS B 248 34.33 6.38 16.82
C LYS B 248 35.66 7.10 16.89
N GLN B 249 35.58 8.38 17.22
CA GLN B 249 36.74 9.24 17.22
C GLN B 249 36.45 10.37 18.21
N GLN B 250 37.40 10.62 19.11
CA GLN B 250 37.32 11.81 19.98
C GLN B 250 37.70 13.02 19.15
N VAL B 251 36.98 14.11 19.33
CA VAL B 251 37.32 15.35 18.62
C VAL B 251 37.15 16.53 19.59
N THR B 252 37.77 17.65 19.28
CA THR B 252 37.40 18.91 19.92
C THR B 252 36.82 19.79 18.83
N LEU B 253 35.56 20.17 18.98
CA LEU B 253 34.92 21.06 18.04
C LEU B 253 35.22 22.52 18.36
N GLN B 254 35.50 23.29 17.33
CA GLN B 254 35.65 24.73 17.44
C GLN B 254 34.37 25.39 16.97
N PRO B 255 34.11 26.63 17.44
CA PRO B 255 33.03 27.44 16.87
C PRO B 255 33.14 27.51 15.34
N GLY B 256 32.01 27.44 14.66
CA GLY B 256 31.97 27.48 13.19
C GLY B 256 32.15 26.12 12.57
N ILE B 257 32.72 26.07 11.36
CA ILE B 257 32.82 24.84 10.58
C ILE B 257 33.90 23.89 11.09
N ASN B 258 33.52 22.61 11.23
CA ASN B 258 34.47 21.57 11.53
C ASN B 258 34.43 20.49 10.43
N HIS B 259 35.57 19.99 9.98
CA HIS B 259 35.63 18.86 9.05
C HIS B 259 36.18 17.63 9.77
N ILE B 260 35.37 16.57 9.83
CA ILE B 260 35.75 15.34 10.47
C ILE B 260 35.66 14.18 9.45
N THR B 261 36.63 13.28 9.47
CA THR B 261 36.63 12.06 8.63
C THR B 261 36.93 10.78 9.44
N LEU B 262 36.01 9.81 9.40
CA LEU B 262 36.22 8.52 10.07
C LEU B 262 36.10 7.44 9.02
N PRO B 263 37.13 6.60 8.93
CA PRO B 263 37.07 5.47 8.00
C PRO B 263 36.12 4.39 8.56
N ALA B 264 35.51 3.62 7.67
CA ALA B 264 34.84 2.40 8.09
C ALA B 264 35.01 1.36 6.99
N GLU B 265 35.02 0.08 7.37
CA GLU B 265 35.06 -0.99 6.40
C GLU B 265 33.92 -1.98 6.62
N VAL B 266 33.43 -2.57 5.53
CA VAL B 266 32.43 -3.63 5.64
C VAL B 266 33.01 -4.82 4.92
N THR B 267 33.19 -5.91 5.68
CA THR B 267 33.74 -7.17 5.16
C THR B 267 32.63 -7.96 4.47
N ASN B 268 32.99 -8.65 3.39
CA ASN B 268 32.04 -9.45 2.59
C ASN B 268 30.74 -8.66 2.28
N PRO B 269 30.92 -7.45 1.73
CA PRO B 269 29.78 -6.51 1.60
C PRO B 269 28.66 -7.09 0.72
N VAL B 270 27.43 -6.79 1.08
CA VAL B 270 26.30 -7.27 0.27
C VAL B 270 25.94 -6.16 -0.75
N ARG B 271 26.15 -6.44 -2.05
CA ARG B 271 26.04 -5.40 -3.07
C ARG B 271 24.58 -4.97 -3.39
N TRP B 272 24.42 -3.69 -3.67
CA TRP B 272 23.19 -3.14 -4.24
C TRP B 272 23.22 -3.54 -5.73
N MET B 273 22.18 -4.18 -6.23
N MET B 273 22.14 -4.19 -6.19
CA MET B 273 22.15 -4.46 -7.64
CA MET B 273 21.96 -4.61 -7.57
C MET B 273 20.90 -3.86 -8.26
C MET B 273 20.88 -3.74 -8.23
N PRO B 274 20.98 -3.53 -9.56
CA PRO B 274 19.89 -2.88 -10.30
C PRO B 274 18.71 -3.82 -10.59
N ASN B 275 17.55 -3.22 -10.81
CA ASN B 275 16.30 -3.96 -11.01
C ASN B 275 16.53 -5.02 -12.09
N GLY B 276 16.26 -6.27 -11.74
CA GLY B 276 16.42 -7.39 -12.63
C GLY B 276 17.63 -8.26 -12.29
N TRP B 277 18.60 -7.68 -11.58
CA TRP B 277 19.85 -8.36 -11.26
C TRP B 277 19.94 -8.73 -9.79
N GLY B 278 18.92 -8.46 -9.01
CA GLY B 278 18.93 -8.88 -7.63
C GLY B 278 18.34 -7.87 -6.66
N THR B 279 18.81 -7.95 -5.43
CA THR B 279 18.25 -7.09 -4.39
C THR B 279 18.96 -5.71 -4.43
N PRO B 280 18.18 -4.63 -4.31
CA PRO B 280 18.77 -3.26 -4.13
C PRO B 280 19.12 -3.01 -2.66
N THR B 281 20.10 -3.77 -2.18
CA THR B 281 20.51 -3.82 -0.79
C THR B 281 21.03 -2.45 -0.31
N LEU B 282 20.47 -1.97 0.80
CA LEU B 282 20.75 -0.67 1.40
C LEU B 282 21.14 -0.85 2.87
N TYR B 283 22.39 -0.50 3.18
CA TYR B 283 22.86 -0.35 4.53
C TYR B 283 22.35 0.94 5.14
N ASP B 284 22.23 0.93 6.46
CA ASP B 284 21.97 2.17 7.19
C ASP B 284 23.28 2.69 7.81
N PHE B 285 23.70 3.88 7.38
CA PHE B 285 24.90 4.53 7.96
C PHE B 285 24.42 5.64 8.81
N SER B 286 24.75 5.58 10.11
CA SER B 286 24.32 6.67 11.03
C SER B 286 25.53 7.35 11.72
N ALA B 287 25.60 8.69 11.60
CA ALA B 287 26.67 9.51 12.20
C ALA B 287 26.07 10.27 13.36
N GLN B 288 26.71 10.18 14.52
CA GLN B 288 26.24 10.93 15.68
C GLN B 288 27.36 11.85 16.29
N ILE B 289 26.96 13.00 16.84
CA ILE B 289 27.89 13.85 17.62
C ILE B 289 27.45 13.73 19.07
N ALA B 290 28.29 13.07 19.87
CA ALA B 290 27.97 12.91 21.30
C ALA B 290 28.79 13.85 22.15
N CYS B 291 28.10 14.59 23.02
CA CYS B 291 28.70 15.57 23.91
C CYS B 291 28.26 15.10 25.28
N GLY B 292 29.23 14.54 26.01
CA GLY B 292 28.90 13.78 27.20
C GLY B 292 28.00 12.64 26.79
N ASP B 293 26.87 12.51 27.50
CA ASP B 293 25.76 11.59 27.22
C ASP B 293 24.90 11.96 26.03
N ARG B 294 24.91 13.24 25.65
CA ARG B 294 23.87 13.79 24.79
C ARG B 294 24.26 13.59 23.33
N ILE B 295 23.36 13.00 22.54
CA ILE B 295 23.51 12.99 21.07
C ILE B 295 22.90 14.29 20.58
N VAL B 296 23.75 15.29 20.41
CA VAL B 296 23.30 16.62 20.06
C VAL B 296 22.93 16.71 18.57
N ALA B 297 23.57 15.88 17.75
CA ALA B 297 23.32 15.89 16.30
C ALA B 297 23.44 14.50 15.72
N GLU B 298 22.52 14.13 14.82
CA GLU B 298 22.63 12.84 14.12
C GLU B 298 22.13 12.97 12.70
N GLN B 299 22.75 12.24 11.79
CA GLN B 299 22.33 12.17 10.37
C GLN B 299 22.52 10.76 9.86
N SER B 300 21.55 10.28 9.08
CA SER B 300 21.60 8.91 8.56
C SER B 300 21.42 9.02 7.06
N HIS B 301 22.00 8.05 6.35
CA HIS B 301 21.68 7.80 4.94
C HIS B 301 21.58 6.31 4.71
N ARG B 302 20.76 5.94 3.74
CA ARG B 302 20.73 4.57 3.24
C ARG B 302 21.81 4.51 2.17
N ILE B 303 22.67 3.50 2.25
CA ILE B 303 23.82 3.43 1.35
C ILE B 303 23.78 2.11 0.59
N GLY B 304 23.92 2.18 -0.73
CA GLY B 304 24.08 0.97 -1.54
C GLY B 304 25.56 0.79 -1.91
N LEU B 305 26.13 -0.36 -1.59
CA LEU B 305 27.54 -0.68 -1.95
C LEU B 305 27.59 -1.30 -3.36
N ARG B 306 28.07 -0.52 -4.33
CA ARG B 306 28.11 -0.98 -5.69
C ARG B 306 29.13 -0.12 -6.42
N THR B 307 29.60 -0.61 -7.56
CA THR B 307 30.32 0.29 -8.44
C THR B 307 29.45 0.56 -9.65
N ILE B 308 29.53 1.81 -10.07
CA ILE B 308 28.97 2.25 -11.34
C ILE B 308 30.06 2.97 -12.12
N ARG B 309 30.35 2.47 -13.32
CA ARG B 309 31.37 3.11 -14.16
C ARG B 309 30.70 3.36 -15.52
N VAL B 310 30.75 4.61 -15.98
CA VAL B 310 30.28 4.93 -17.32
C VAL B 310 31.51 4.83 -18.23
N VAL B 311 31.42 3.94 -19.21
CA VAL B 311 32.52 3.69 -20.12
C VAL B 311 32.21 4.48 -21.40
N ASN B 312 33.06 5.47 -21.69
CA ASN B 312 32.87 6.33 -22.84
C ASN B 312 34.27 6.47 -23.51
N GLU B 313 34.54 5.57 -24.45
CA GLU B 313 35.89 5.39 -24.97
C GLU B 313 35.84 5.18 -26.48
N LYS B 314 36.92 5.61 -27.14
CA LYS B 314 37.12 5.31 -28.55
C LYS B 314 37.19 3.83 -28.75
N ASP B 315 36.44 3.34 -29.74
CA ASP B 315 36.54 1.94 -30.10
C ASP B 315 36.37 1.79 -31.59
N LYS B 316 36.29 0.54 -32.05
CA LYS B 316 36.23 0.29 -33.50
C LYS B 316 34.99 0.86 -34.19
N ASP B 317 33.97 1.19 -33.39
CA ASP B 317 32.71 1.66 -33.94
C ASP B 317 32.51 3.17 -33.81
N GLY B 318 33.44 3.83 -33.12
CA GLY B 318 33.37 5.26 -32.86
C GLY B 318 33.74 5.57 -31.42
N GLU B 319 32.72 5.90 -30.60
CA GLU B 319 32.93 6.12 -29.15
C GLU B 319 31.78 5.45 -28.38
N SER B 320 32.10 4.45 -27.55
CA SER B 320 31.10 3.73 -26.76
C SER B 320 30.44 4.67 -25.72
N PHE B 321 29.30 4.23 -25.20
CA PHE B 321 28.63 4.93 -24.10
C PHE B 321 27.77 3.90 -23.40
N TYR B 322 28.28 3.30 -22.32
CA TYR B 322 27.51 2.31 -21.59
C TYR B 322 27.83 2.32 -20.08
N PHE B 323 26.97 1.66 -19.33
CA PHE B 323 27.09 1.58 -17.89
C PHE B 323 27.58 0.17 -17.53
N GLU B 324 28.58 0.13 -16.65
CA GLU B 324 29.06 -1.10 -16.10
C GLU B 324 28.74 -1.04 -14.61
N VAL B 325 27.99 -2.03 -14.15
CA VAL B 325 27.47 -2.02 -12.79
C VAL B 325 27.98 -3.25 -12.05
N ASN B 326 28.66 -2.98 -10.92
CA ASN B 326 29.40 -4.05 -10.22
C ASN B 326 30.25 -4.90 -11.15
N GLY B 327 30.93 -4.22 -12.08
CA GLY B 327 31.87 -4.82 -13.05
C GLY B 327 31.23 -5.47 -14.27
N ILE B 328 29.90 -5.42 -14.38
CA ILE B 328 29.18 -6.08 -15.45
C ILE B 328 28.52 -5.05 -16.38
N PRO B 329 28.84 -5.08 -17.73
CA PRO B 329 28.11 -4.18 -18.66
C PRO B 329 26.61 -4.43 -18.61
N MET B 330 25.87 -3.35 -18.37
CA MET B 330 24.41 -3.44 -18.10
C MET B 330 23.75 -2.63 -19.24
N PHE B 331 23.02 -3.31 -20.09
CA PHE B 331 22.19 -2.63 -21.12
C PHE B 331 21.08 -1.86 -20.40
N ALA B 332 21.00 -0.54 -20.64
CA ALA B 332 20.01 0.36 -19.99
C ALA B 332 18.62 0.32 -20.63
N LYS B 333 17.61 0.21 -19.79
CA LYS B 333 16.23 0.08 -20.28
C LYS B 333 15.41 1.04 -19.44
N GLY B 334 14.86 2.07 -20.06
CA GLY B 334 14.08 3.02 -19.27
C GLY B 334 13.51 4.15 -20.09
N ALA B 335 13.38 5.31 -19.45
CA ALA B 335 12.65 6.44 -20.04
C ALA B 335 13.15 7.75 -19.44
N ASN B 336 12.86 8.82 -20.15
CA ASN B 336 13.02 10.19 -19.70
C ASN B 336 11.80 10.68 -18.88
N TYR B 337 12.13 11.22 -17.71
CA TYR B 337 11.20 11.71 -16.72
C TYR B 337 11.17 13.23 -16.77
N ILE B 338 9.93 13.77 -16.80
CA ILE B 338 9.60 15.20 -16.74
C ILE B 338 8.82 15.42 -15.43
N PRO B 339 8.58 16.69 -15.04
CA PRO B 339 7.80 16.87 -13.79
C PRO B 339 6.41 16.26 -13.91
N GLN B 340 5.88 15.81 -12.77
CA GLN B 340 4.59 15.05 -12.77
C GLN B 340 3.41 16.00 -12.76
N ASP B 341 3.72 17.29 -12.62
CA ASP B 341 2.68 18.29 -12.52
C ASP B 341 3.23 19.70 -12.86
N ALA B 342 2.35 20.51 -13.48
CA ALA B 342 2.56 21.96 -13.63
C ALA B 342 2.75 22.63 -12.28
N LEU B 343 2.17 22.06 -11.21
CA LEU B 343 2.29 22.61 -9.86
C LEU B 343 2.90 21.56 -8.99
N LEU B 344 4.21 21.72 -8.77
CA LEU B 344 5.01 20.67 -8.17
C LEU B 344 4.56 20.14 -6.82
N PRO B 345 4.14 21.05 -5.89
CA PRO B 345 3.73 20.55 -4.55
C PRO B 345 2.41 19.77 -4.54
N ASN B 346 1.70 19.82 -5.66
CA ASN B 346 0.50 18.96 -5.82
C ASN B 346 0.83 17.48 -5.95
N VAL B 347 2.07 17.17 -6.29
CA VAL B 347 2.45 15.78 -6.50
C VAL B 347 2.63 15.10 -5.13
N THR B 348 1.79 14.14 -4.80
CA THR B 348 1.82 13.51 -3.48
C THR B 348 2.82 12.37 -3.36
N THR B 349 3.11 11.99 -2.12
CA THR B 349 3.93 10.80 -1.88
C THR B 349 3.42 9.58 -2.66
N GLU B 350 2.10 9.38 -2.62
CA GLU B 350 1.44 8.26 -3.28
C GLU B 350 1.72 8.31 -4.79
N ARG B 351 1.70 9.52 -5.36
CA ARG B 351 1.94 9.68 -6.78
C ARG B 351 3.40 9.29 -7.17
N TYR B 352 4.38 9.72 -6.36
CA TYR B 352 5.79 9.27 -6.58
C TYR B 352 5.90 7.72 -6.49
N GLN B 353 5.33 7.13 -5.44
CA GLN B 353 5.35 5.67 -5.29
C GLN B 353 4.74 4.93 -6.49
N THR B 354 3.62 5.43 -7.00
CA THR B 354 3.01 4.77 -8.16
C THR B 354 3.85 4.85 -9.41
N LEU B 355 4.44 6.01 -9.62
CA LEU B 355 5.32 6.16 -10.77
C LEU B 355 6.52 5.20 -10.70
N PHE B 356 7.13 5.01 -9.52
CA PHE B 356 8.18 4.01 -9.42
C PHE B 356 7.70 2.55 -9.58
N ARG B 357 6.52 2.27 -9.08
CA ARG B 357 5.87 0.99 -9.38
C ARG B 357 5.71 0.80 -10.92
N ASP B 358 5.25 1.84 -11.59
CA ASP B 358 5.16 1.86 -13.06
C ASP B 358 6.48 1.55 -13.80
N MET B 359 7.61 2.15 -13.37
CA MET B 359 8.90 1.83 -13.97
C MET B 359 9.38 0.42 -13.63
N LYS B 360 9.25 0.06 -12.36
CA LYS B 360 9.68 -1.26 -11.90
C LYS B 360 8.93 -2.35 -12.64
N GLU B 361 7.61 -2.21 -12.76
CA GLU B 361 6.80 -3.24 -13.39
C GLU B 361 7.07 -3.35 -14.89
N ALA B 362 7.52 -2.25 -15.50
CA ALA B 362 7.88 -2.27 -16.91
C ALA B 362 9.31 -2.76 -17.16
N ASN B 363 9.94 -3.34 -16.13
CA ASN B 363 11.28 -3.94 -16.23
C ASN B 363 12.43 -2.93 -16.45
N MET B 364 12.20 -1.68 -16.10
CA MET B 364 13.20 -0.64 -16.30
C MET B 364 14.34 -0.72 -15.30
N ASN B 365 15.54 -0.28 -15.68
CA ASN B 365 16.64 -0.23 -14.72
C ASN B 365 17.28 1.16 -14.73
N MET B 366 16.73 2.08 -15.53
CA MET B 366 17.26 3.46 -15.56
C MET B 366 16.16 4.49 -15.78
N VAL B 367 16.30 5.66 -15.14
CA VAL B 367 15.51 6.83 -15.51
C VAL B 367 16.45 8.07 -15.72
N ARG B 368 16.16 8.91 -16.73
CA ARG B 368 16.86 10.20 -16.89
C ARG B 368 15.99 11.34 -16.38
N ILE B 369 16.51 12.10 -15.42
CA ILE B 369 15.80 13.26 -14.90
C ILE B 369 16.26 14.42 -15.77
N TRP B 370 15.43 14.66 -16.78
CA TRP B 370 15.74 15.58 -17.83
C TRP B 370 15.80 17.07 -17.34
N GLY B 371 16.71 17.81 -17.95
CA GLY B 371 17.16 19.08 -17.37
C GLY B 371 16.26 20.26 -17.61
N GLY B 372 15.03 20.05 -18.06
CA GLY B 372 14.08 21.18 -18.13
C GLY B 372 13.11 21.21 -16.97
N GLY B 373 13.28 20.28 -15.99
CA GLY B 373 12.37 20.18 -14.84
C GLY B 373 12.99 20.73 -13.54
N THR B 374 13.13 19.87 -12.54
CA THR B 374 13.79 20.20 -11.26
C THR B 374 14.73 19.07 -10.87
N TYR B 375 15.75 19.39 -10.06
CA TYR B 375 16.42 18.37 -9.28
C TYR B 375 15.31 17.82 -8.37
N GLU B 376 15.02 16.55 -8.48
CA GLU B 376 13.83 16.03 -7.84
C GLU B 376 13.95 15.92 -6.34
N ASN B 377 12.83 15.69 -5.70
CA ASN B 377 12.82 15.69 -4.24
C ASN B 377 13.57 14.49 -3.68
N ASN B 378 13.83 14.51 -2.38
CA ASN B 378 14.62 13.43 -1.77
C ASN B 378 13.83 12.09 -1.88
N LEU B 379 12.52 12.15 -1.80
CA LEU B 379 11.72 10.90 -1.96
C LEU B 379 11.92 10.18 -3.29
N PHE B 380 11.97 10.94 -4.40
CA PHE B 380 12.22 10.41 -5.75
C PHE B 380 13.49 9.56 -5.72
N TYR B 381 14.61 10.12 -5.25
CA TYR B 381 15.85 9.34 -5.20
C TYR B 381 15.84 8.12 -4.22
N ASP B 382 15.20 8.27 -3.06
CA ASP B 382 14.98 7.17 -2.12
C ASP B 382 14.21 6.03 -2.76
N LEU B 383 13.20 6.36 -3.58
CA LEU B 383 12.44 5.36 -4.31
C LEU B 383 13.26 4.65 -5.37
N ALA B 384 14.06 5.41 -6.11
CA ALA B 384 14.99 4.82 -7.09
C ALA B 384 15.98 3.90 -6.40
N ASP B 385 16.47 4.32 -5.23
CA ASP B 385 17.44 3.49 -4.46
C ASP B 385 16.85 2.11 -4.13
N GLU B 386 15.65 2.12 -3.59
CA GLU B 386 14.99 0.89 -3.14
C GLU B 386 14.29 0.06 -4.23
N ASN B 387 14.16 0.63 -5.43
CA ASN B 387 13.65 -0.10 -6.59
C ASN B 387 14.71 -0.53 -7.59
N GLY B 388 15.97 -0.18 -7.33
CA GLY B 388 17.07 -0.60 -8.20
C GLY B 388 17.10 0.13 -9.53
N ILE B 389 16.70 1.41 -9.54
CA ILE B 389 16.66 2.09 -10.85
C ILE B 389 17.76 3.12 -10.84
N LEU B 390 18.73 2.98 -11.76
CA LEU B 390 19.81 3.98 -11.93
C LEU B 390 19.24 5.32 -12.40
N VAL B 391 19.83 6.40 -11.92
CA VAL B 391 19.39 7.72 -12.25
C VAL B 391 20.48 8.52 -13.00
N TRP B 392 20.08 9.07 -14.15
CA TRP B 392 20.94 9.95 -14.97
C TRP B 392 20.40 11.34 -14.64
N GLN B 393 21.22 12.15 -13.96
CA GLN B 393 20.75 13.44 -13.48
C GLN B 393 21.30 14.57 -14.36
N ASP B 394 20.44 15.20 -15.18
CA ASP B 394 20.84 16.44 -15.88
C ASP B 394 20.92 17.56 -14.82
N PHE B 395 21.86 18.49 -15.00
CA PHE B 395 21.66 19.82 -14.40
C PHE B 395 20.46 20.50 -15.12
N MET B 396 19.86 21.50 -14.48
CA MET B 396 18.60 22.07 -15.00
C MET B 396 18.85 23.20 -16.03
N PHE B 397 19.40 22.81 -17.18
CA PHE B 397 19.62 23.68 -18.34
C PHE B 397 19.13 22.91 -19.57
N ALA B 398 18.29 23.52 -20.38
CA ALA B 398 17.70 22.72 -21.52
C ALA B 398 17.39 23.59 -22.74
N CYS B 399 18.03 23.21 -23.87
CA CYS B 399 17.63 23.57 -25.27
C CYS B 399 17.99 24.99 -25.73
N THR B 400 18.54 25.81 -24.85
CA THR B 400 18.93 27.16 -25.20
C THR B 400 20.28 27.41 -24.58
N PRO B 401 21.13 28.22 -25.24
CA PRO B 401 22.27 28.68 -24.49
C PRO B 401 21.78 29.61 -23.35
N TYR B 402 22.61 29.71 -22.31
CA TYR B 402 22.31 30.52 -21.14
C TYR B 402 23.36 31.64 -20.98
N PRO B 403 23.07 32.64 -20.15
CA PRO B 403 24.07 33.63 -19.76
C PRO B 403 25.25 32.92 -19.12
N SER B 404 26.42 33.58 -19.11
CA SER B 404 27.60 33.07 -18.47
C SER B 404 28.41 34.18 -17.79
N ASP B 405 27.72 35.23 -17.37
CA ASP B 405 28.36 36.36 -16.66
C ASP B 405 28.74 35.87 -15.25
N PRO B 406 29.78 36.48 -14.65
CA PRO B 406 30.27 36.05 -13.34
C PRO B 406 29.22 35.90 -12.28
N THR B 407 28.27 36.83 -12.16
CA THR B 407 27.29 36.75 -11.06
C THR B 407 26.29 35.59 -11.27
N PHE B 408 25.89 35.38 -12.53
CA PHE B 408 25.02 34.24 -12.86
C PHE B 408 25.77 32.92 -12.60
N LEU B 409 27.03 32.86 -13.03
CA LEU B 409 27.82 31.66 -12.83
C LEU B 409 27.99 31.36 -11.32
N LYS B 410 28.19 32.42 -10.53
CA LYS B 410 28.22 32.26 -9.05
C LYS B 410 26.96 31.63 -8.46
N ARG B 411 25.80 32.09 -8.90
CA ARG B 411 24.49 31.49 -8.59
C ARG B 411 24.39 30.02 -9.04
N VAL B 412 24.82 29.69 -10.26
CA VAL B 412 24.80 28.29 -10.69
C VAL B 412 25.71 27.42 -9.79
N GLU B 413 26.87 27.96 -9.39
CA GLU B 413 27.76 27.22 -8.51
C GLU B 413 27.09 26.80 -7.21
N ALA B 414 26.42 27.75 -6.55
CA ALA B 414 25.66 27.52 -5.32
C ALA B 414 24.68 26.34 -5.51
N GLU B 415 23.96 26.40 -6.63
CA GLU B 415 22.94 25.40 -6.97
C GLU B 415 23.56 24.01 -7.21
N ALA B 416 24.68 23.99 -7.95
CA ALA B 416 25.38 22.72 -8.25
C ALA B 416 25.87 22.13 -6.93
N VAL B 417 26.55 22.93 -6.10
CA VAL B 417 27.07 22.43 -4.81
C VAL B 417 25.92 21.90 -3.92
N TYR B 418 24.86 22.68 -3.79
CA TYR B 418 23.75 22.29 -2.94
C TYR B 418 23.18 20.93 -3.41
N ASN B 419 22.84 20.84 -4.67
CA ASN B 419 22.22 19.59 -5.12
C ASN B 419 23.15 18.37 -5.22
N ILE B 420 24.44 18.63 -5.52
CA ILE B 420 25.42 17.52 -5.51
C ILE B 420 25.52 16.96 -4.10
N ARG B 421 25.71 17.85 -3.12
CA ARG B 421 25.81 17.33 -1.74
C ARG B 421 24.52 16.68 -1.33
N ARG B 422 23.39 17.23 -1.79
CA ARG B 422 22.08 16.63 -1.42
C ARG B 422 21.89 15.22 -1.99
N LEU B 423 22.40 14.96 -3.20
CA LEU B 423 22.08 13.72 -3.91
C LEU B 423 23.20 12.63 -3.88
N ARG B 424 24.42 13.04 -3.51
CA ARG B 424 25.60 12.18 -3.74
C ARG B 424 25.68 10.93 -2.86
N ASN B 425 24.80 10.77 -1.86
CA ASN B 425 24.78 9.52 -1.09
C ASN B 425 23.81 8.46 -1.64
N HIS B 426 23.08 8.77 -2.72
CA HIS B 426 22.08 7.81 -3.28
C HIS B 426 22.71 6.76 -4.14
N ALA B 427 22.49 5.50 -3.79
CA ALA B 427 22.95 4.37 -4.60
C ALA B 427 22.56 4.52 -6.05
N SER B 428 21.35 5.02 -6.27
CA SER B 428 20.80 5.11 -7.61
C SER B 428 21.49 6.15 -8.50
N LEU B 429 22.12 7.18 -7.92
CA LEU B 429 22.70 8.24 -8.73
C LEU B 429 23.86 7.69 -9.53
N ALA B 430 23.72 7.69 -10.86
CA ALA B 430 24.70 7.04 -11.74
C ALA B 430 25.63 8.00 -12.51
N MET B 431 25.14 9.21 -12.80
CA MET B 431 25.91 10.20 -13.57
C MET B 431 25.25 11.54 -13.61
N TRP B 432 26.04 12.55 -13.93
CA TRP B 432 25.54 13.91 -14.14
C TRP B 432 25.74 14.30 -15.62
N CYS B 433 24.87 15.17 -16.10
CA CYS B 433 24.93 15.61 -17.48
C CYS B 433 24.73 17.14 -17.45
N GLY B 434 25.64 17.89 -18.08
CA GLY B 434 25.57 19.39 -18.01
C GLY B 434 24.24 19.99 -18.42
N ASN B 435 23.69 19.45 -19.49
CA ASN B 435 22.46 20.04 -20.06
C ASN B 435 21.78 19.12 -21.05
N ASN B 436 20.55 19.49 -21.42
CA ASN B 436 19.84 18.82 -22.53
C ASN B 436 19.97 19.64 -23.81
N GLU B 437 20.63 19.08 -24.83
CA GLU B 437 20.57 19.57 -26.23
C GLU B 437 21.14 20.95 -26.50
N ILE B 438 21.94 21.50 -25.61
CA ILE B 438 22.36 22.90 -25.81
C ILE B 438 23.45 22.97 -26.91
N LEU B 439 24.46 22.12 -26.86
CA LEU B 439 25.46 22.12 -27.93
C LEU B 439 24.82 21.76 -29.26
N GLU B 440 23.92 20.77 -29.27
CA GLU B 440 23.11 20.49 -30.47
C GLU B 440 22.39 21.72 -31.02
N ALA B 441 21.74 22.47 -30.15
CA ALA B 441 21.06 23.71 -30.53
C ALA B 441 22.01 24.74 -31.10
N LEU B 442 23.15 24.94 -30.42
CA LEU B 442 24.23 25.82 -30.86
C LEU B 442 24.81 25.45 -32.23
N LYS B 443 24.94 24.14 -32.52
CA LYS B 443 25.52 23.67 -33.78
C LYS B 443 24.49 23.54 -34.92
N TYR B 444 23.25 23.12 -34.61
CA TYR B 444 22.33 22.63 -35.65
C TYR B 444 20.97 23.31 -35.81
N TRP B 445 20.60 24.19 -34.89
CA TRP B 445 19.22 24.69 -34.93
C TRP B 445 19.10 26.05 -35.59
N GLY B 446 20.17 26.47 -36.26
CA GLY B 446 20.18 27.70 -37.08
C GLY B 446 20.37 29.00 -36.33
N PHE B 447 21.19 29.00 -35.27
CA PHE B 447 21.23 30.18 -34.37
C PHE B 447 21.59 31.49 -35.02
N GLU B 448 22.37 31.52 -36.10
CA GLU B 448 23.77 31.83 -36.16
C GLU B 448 23.34 32.85 -37.27
N LYS B 449 22.25 32.49 -37.98
CA LYS B 449 21.41 33.44 -38.75
C LYS B 449 20.58 34.39 -37.86
N LYS B 450 20.38 34.03 -36.59
CA LYS B 450 19.49 34.80 -35.70
C LYS B 450 20.18 35.91 -34.90
N PHE B 451 21.50 35.90 -34.90
CA PHE B 451 22.29 36.77 -34.00
C PHE B 451 23.45 37.31 -34.79
N THR B 452 24.00 38.42 -34.31
CA THR B 452 25.24 38.96 -34.85
C THR B 452 26.40 37.98 -34.67
N PRO B 453 27.42 38.09 -35.52
CA PRO B 453 28.54 37.18 -35.30
C PRO B 453 29.18 37.28 -33.89
N GLU B 454 29.29 38.48 -33.34
CA GLU B 454 29.89 38.61 -32.02
C GLU B 454 28.97 38.09 -30.89
N VAL B 455 27.65 38.33 -30.98
CA VAL B 455 26.68 37.69 -30.06
C VAL B 455 26.79 36.16 -30.07
N TYR B 456 26.86 35.56 -31.26
CA TYR B 456 26.98 34.11 -31.39
C TYR B 456 28.31 33.56 -30.83
N GLN B 457 29.42 34.24 -31.09
CA GLN B 457 30.70 33.83 -30.52
C GLN B 457 30.71 33.93 -28.98
N GLY B 458 29.95 34.92 -28.50
CA GLY B 458 29.67 35.10 -27.10
C GLY B 458 28.93 33.88 -26.52
N LEU B 459 27.91 33.41 -27.22
CA LEU B 459 27.13 32.20 -26.83
C LEU B 459 28.02 30.96 -26.72
N MET B 460 28.86 30.78 -27.75
CA MET B 460 29.83 29.66 -27.83
C MET B 460 30.78 29.63 -26.64
N HIS B 461 31.38 30.79 -26.35
CA HIS B 461 32.33 30.91 -25.26
C HIS B 461 31.62 30.73 -23.90
N GLY B 462 30.42 31.26 -23.74
CA GLY B 462 29.66 31.08 -22.50
C GLY B 462 29.30 29.61 -22.26
N TYR B 463 29.05 28.87 -23.35
CA TYR B 463 28.79 27.41 -23.29
C TYR B 463 29.93 26.73 -22.55
N ASP B 464 31.16 27.00 -22.99
CA ASP B 464 32.31 26.42 -22.37
C ASP B 464 32.45 26.83 -20.92
N LYS B 465 32.20 28.12 -20.64
CA LYS B 465 32.36 28.62 -19.28
C LYS B 465 31.49 27.79 -18.30
N LEU B 466 30.28 27.49 -18.73
CA LEU B 466 29.32 26.85 -17.86
C LEU B 466 29.49 25.29 -17.91
N PHE B 467 29.44 24.72 -19.11
CA PHE B 467 29.34 23.26 -19.21
C PHE B 467 30.65 22.53 -19.43
N ARG B 468 31.70 23.26 -19.85
CA ARG B 468 32.99 22.61 -19.92
C ARG B 468 33.93 23.02 -18.77
N GLU B 469 33.47 23.92 -17.91
CA GLU B 469 34.38 24.37 -16.86
C GLU B 469 33.75 24.36 -15.48
N LEU B 470 32.75 25.19 -15.25
CA LEU B 470 32.16 25.34 -13.91
C LEU B 470 31.53 23.99 -13.47
N LEU B 471 30.55 23.50 -14.23
CA LEU B 471 29.88 22.24 -13.83
C LEU B 471 30.81 21.02 -13.67
N PRO B 472 31.66 20.69 -14.69
CA PRO B 472 32.53 19.55 -14.46
C PRO B 472 33.50 19.69 -13.28
N SER B 473 34.04 20.89 -13.01
CA SER B 473 34.94 21.12 -11.87
CA SER B 473 34.96 21.05 -11.88
C SER B 473 34.19 20.95 -10.57
N THR B 474 32.91 21.33 -10.57
CA THR B 474 32.13 21.18 -9.37
C THR B 474 31.85 19.71 -9.07
N VAL B 475 31.52 18.95 -10.11
CA VAL B 475 31.32 17.51 -9.96
C VAL B 475 32.62 16.83 -9.50
N LYS B 476 33.74 17.28 -10.07
CA LYS B 476 35.03 16.67 -9.74
C LYS B 476 35.36 16.94 -8.27
N GLU B 477 35.03 18.13 -7.80
CA GLU B 477 35.28 18.49 -6.42
C GLU B 477 34.39 17.72 -5.43
N PHE B 478 33.08 17.64 -5.74
CA PHE B 478 32.11 17.15 -4.77
C PHE B 478 31.57 15.73 -5.01
N ASP B 479 31.83 15.20 -6.19
CA ASP B 479 31.33 13.86 -6.58
C ASP B 479 32.33 13.20 -7.48
N SER B 480 33.57 13.10 -6.97
CA SER B 480 34.77 12.80 -7.77
CA SER B 480 34.76 12.79 -7.79
C SER B 480 34.73 11.44 -8.48
N ASP B 481 33.97 10.48 -7.95
CA ASP B 481 33.89 9.17 -8.59
C ASP B 481 32.64 8.99 -9.50
N ARG B 482 31.87 10.05 -9.74
CA ARG B 482 30.70 9.91 -10.64
C ARG B 482 31.03 10.54 -11.99
N PHE B 483 30.57 9.91 -13.07
CA PHE B 483 30.75 10.43 -14.44
C PHE B 483 30.00 11.71 -14.68
N TYR B 484 30.63 12.62 -15.43
CA TYR B 484 29.95 13.85 -15.96
C TYR B 484 30.13 13.91 -17.48
N VAL B 485 29.08 14.31 -18.20
CA VAL B 485 29.23 14.64 -19.61
C VAL B 485 28.60 16.01 -19.80
N HIS B 486 29.16 16.83 -20.71
CA HIS B 486 28.76 18.23 -20.81
C HIS B 486 27.34 18.43 -21.36
N SER B 487 26.84 17.47 -22.13
CA SER B 487 25.53 17.64 -22.77
C SER B 487 25.03 16.29 -23.26
N SER B 488 23.72 16.19 -23.46
CA SER B 488 23.10 15.02 -24.11
C SER B 488 22.20 15.55 -25.24
N PRO B 489 22.44 15.10 -26.50
CA PRO B 489 23.51 14.21 -26.98
C PRO B 489 24.82 14.97 -27.07
N TYR B 490 25.90 14.35 -26.63
CA TYR B 490 27.13 15.13 -26.58
C TYR B 490 27.76 15.43 -27.95
N LEU B 491 27.56 14.54 -28.92
CA LEU B 491 28.03 14.83 -30.29
C LEU B 491 27.11 14.41 -31.43
N ALA B 492 26.53 13.22 -31.31
CA ALA B 492 25.63 12.70 -32.32
C ALA B 492 24.43 13.62 -32.55
N ASN B 493 24.03 13.70 -33.81
CA ASN B 493 22.89 14.49 -34.23
C ASN B 493 22.09 13.64 -35.23
N TRP B 494 20.78 13.72 -35.17
CA TRP B 494 19.93 12.80 -35.95
C TRP B 494 19.96 13.09 -37.47
N GLY B 495 20.46 14.28 -37.82
CA GLY B 495 20.58 14.68 -39.26
C GLY B 495 21.96 14.37 -39.82
N ARG B 496 22.83 13.83 -38.97
CA ARG B 496 24.23 13.51 -39.34
C ARG B 496 24.48 12.00 -39.18
N PRO B 497 24.18 11.20 -40.21
CA PRO B 497 24.32 9.74 -39.99
C PRO B 497 25.74 9.30 -39.62
N GLU B 498 26.76 10.06 -40.03
CA GLU B 498 28.12 9.64 -39.74
C GLU B 498 28.49 9.82 -38.24
N SER B 499 27.64 10.53 -37.51
CA SER B 499 27.85 10.80 -36.06
C SER B 499 27.27 9.76 -35.08
N TRP B 500 26.47 8.83 -35.61
CA TRP B 500 25.69 7.92 -34.80
C TRP B 500 26.51 6.92 -34.03
N GLY B 501 27.73 6.65 -34.52
CA GLY B 501 28.65 5.79 -33.81
C GLY B 501 29.37 6.42 -32.63
N THR B 502 29.11 7.70 -32.38
CA THR B 502 29.81 8.50 -31.36
C THR B 502 28.89 8.93 -30.19
N GLY B 503 28.98 8.18 -29.09
CA GLY B 503 28.26 8.52 -27.85
C GLY B 503 26.77 8.31 -27.97
N ASP B 504 26.01 9.07 -27.20
CA ASP B 504 24.55 8.87 -27.10
C ASP B 504 23.80 9.65 -28.19
N SER B 505 22.63 9.13 -28.59
CA SER B 505 21.74 9.80 -29.55
C SER B 505 20.36 10.16 -28.97
N HIS B 506 19.88 11.33 -29.38
CA HIS B 506 18.48 11.74 -29.40
C HIS B 506 18.03 11.59 -30.88
N ASN B 507 17.70 10.37 -31.25
CA ASN B 507 17.38 10.15 -32.64
C ASN B 507 15.95 10.50 -32.92
N TRP B 508 15.77 11.74 -33.37
CA TRP B 508 14.45 12.29 -33.66
C TRP B 508 14.09 12.22 -35.17
N GLY B 509 14.77 11.33 -35.90
CA GLY B 509 14.42 10.99 -37.29
C GLY B 509 12.97 10.52 -37.31
N VAL B 510 12.64 9.58 -36.44
CA VAL B 510 11.21 9.31 -36.15
C VAL B 510 10.59 10.52 -35.41
N TRP B 511 9.36 10.87 -35.78
CA TRP B 511 8.64 12.08 -35.33
C TRP B 511 9.14 13.32 -36.13
N TYR B 512 10.19 13.97 -35.64
CA TYR B 512 10.68 15.20 -36.31
C TYR B 512 11.12 15.05 -37.77
N GLY B 513 11.78 13.95 -38.11
CA GLY B 513 12.23 13.72 -39.45
C GLY B 513 11.24 12.94 -40.28
N LYS B 514 10.08 12.65 -39.70
CA LYS B 514 9.01 11.83 -40.32
C LYS B 514 9.39 10.43 -40.83
N LYS B 515 10.51 9.89 -40.33
CA LYS B 515 11.00 8.59 -40.79
C LYS B 515 10.08 7.47 -40.32
N PRO B 516 9.98 6.42 -41.12
CA PRO B 516 9.17 5.30 -40.69
C PRO B 516 9.82 4.56 -39.53
N PHE B 517 9.00 3.85 -38.74
CA PHE B 517 9.49 3.09 -37.58
C PHE B 517 10.60 2.10 -37.96
N GLU B 518 10.53 1.57 -39.18
CA GLU B 518 11.56 0.67 -39.69
C GLU B 518 12.94 1.29 -39.75
N SER B 519 13.02 2.62 -39.83
CA SER B 519 14.31 3.26 -39.82
C SER B 519 15.07 2.92 -38.52
N LEU B 520 14.34 2.58 -37.46
CA LEU B 520 14.98 2.29 -36.14
C LEU B 520 15.82 1.00 -36.17
N ASP B 521 15.53 0.13 -37.14
CA ASP B 521 16.34 -1.08 -37.41
C ASP B 521 17.71 -0.78 -38.04
N THR B 522 17.82 0.31 -38.79
CA THR B 522 19.05 0.64 -39.52
C THR B 522 19.82 1.83 -38.94
N ASP B 523 19.09 2.78 -38.35
CA ASP B 523 19.74 4.00 -37.87
C ASP B 523 20.14 3.88 -36.39
N LEU B 524 21.09 3.01 -36.12
CA LEU B 524 21.39 2.57 -34.76
C LEU B 524 22.30 3.51 -34.01
N PRO B 525 22.09 3.65 -32.69
CA PRO B 525 23.02 4.46 -31.91
C PRO B 525 23.88 3.58 -30.95
N ARG B 526 24.91 4.20 -30.34
CA ARG B 526 25.68 3.50 -29.28
C ARG B 526 24.86 3.43 -27.97
N PHE B 527 23.96 4.37 -27.83
CA PHE B 527 23.10 4.46 -26.65
C PHE B 527 21.98 5.41 -27.07
N MET B 528 20.73 4.97 -27.00
CA MET B 528 19.63 5.89 -27.31
C MET B 528 19.13 6.65 -26.06
N SER B 529 19.53 7.91 -25.91
CA SER B 529 19.14 8.66 -24.71
C SER B 529 17.77 9.34 -24.87
N GLU B 530 17.31 9.46 -26.14
CA GLU B 530 15.92 9.90 -26.44
C GLU B 530 15.50 9.39 -27.82
N PHE B 531 14.27 8.93 -27.90
CA PHE B 531 13.58 8.79 -29.22
C PHE B 531 12.13 8.67 -28.82
N GLY B 532 11.22 8.93 -29.74
CA GLY B 532 9.83 8.95 -29.30
C GLY B 532 8.78 9.18 -30.37
N PHE B 533 7.53 9.02 -29.97
CA PHE B 533 6.44 9.20 -30.91
C PHE B 533 5.21 9.58 -30.11
N GLN B 534 4.39 10.51 -30.62
CA GLN B 534 3.24 10.96 -29.80
C GLN B 534 1.96 10.10 -29.87
N SER B 535 1.08 10.27 -28.90
CA SER B 535 -0.32 9.87 -29.01
C SER B 535 -1.24 10.73 -28.17
N PHE B 536 -2.48 10.85 -28.65
CA PHE B 536 -3.57 11.34 -27.81
C PHE B 536 -3.71 10.36 -26.66
N PRO B 537 -3.94 10.89 -25.44
CA PRO B 537 -4.34 10.06 -24.31
C PRO B 537 -5.75 9.48 -24.56
N GLU B 538 -6.08 8.41 -23.82
CA GLU B 538 -7.36 7.71 -24.00
C GLU B 538 -8.52 8.64 -23.70
N MET B 539 -9.73 8.23 -24.04
CA MET B 539 -10.87 9.15 -24.01
C MET B 539 -11.23 9.68 -22.62
N LYS B 540 -11.12 8.87 -21.56
CA LYS B 540 -11.36 9.38 -20.20
C LYS B 540 -10.49 10.60 -19.82
N THR B 541 -9.29 10.62 -20.34
CA THR B 541 -8.39 11.78 -20.20
C THR B 541 -8.79 12.96 -21.09
N ILE B 542 -9.12 12.66 -22.35
CA ILE B 542 -9.64 13.70 -23.24
C ILE B 542 -10.91 14.38 -22.66
N ALA B 543 -11.80 13.58 -22.07
CA ALA B 543 -13.08 14.07 -21.49
C ALA B 543 -12.80 14.93 -20.25
N ALA B 544 -11.62 14.73 -19.64
CA ALA B 544 -11.20 15.62 -18.55
C ALA B 544 -10.76 17.04 -19.02
N PHE B 545 -10.42 17.22 -20.29
CA PHE B 545 -10.06 18.54 -20.78
C PHE B 545 -10.87 19.09 -21.95
N ALA B 546 -11.80 18.28 -22.47
CA ALA B 546 -12.58 18.66 -23.65
C ALA B 546 -14.05 18.19 -23.56
N ALA B 547 -14.94 18.87 -24.27
CA ALA B 547 -16.37 18.51 -24.28
C ALA B 547 -16.60 17.74 -25.57
N PRO B 548 -17.69 16.93 -25.67
CA PRO B 548 -17.81 16.17 -26.92
C PRO B 548 -17.80 16.98 -28.22
N GLU B 549 -18.11 18.27 -28.20
CA GLU B 549 -18.07 19.07 -29.44
C GLU B 549 -16.65 19.41 -29.91
N ASP B 550 -15.63 19.11 -29.08
CA ASP B 550 -14.23 19.43 -29.40
C ASP B 550 -13.46 18.22 -29.97
N TYR B 551 -14.17 17.09 -30.02
CA TYR B 551 -13.65 15.81 -30.51
C TYR B 551 -13.37 15.75 -32.02
N GLN B 552 -12.42 16.56 -32.47
CA GLN B 552 -11.81 16.39 -33.78
C GLN B 552 -10.32 16.59 -33.57
N ILE B 553 -9.48 15.91 -34.36
CA ILE B 553 -8.04 15.86 -34.09
C ILE B 553 -7.33 17.21 -34.23
N GLU B 554 -7.98 18.10 -34.98
CA GLU B 554 -7.45 19.46 -35.14
C GLU B 554 -8.45 20.53 -34.77
N SER B 555 -9.37 20.21 -33.86
CA SER B 555 -10.18 21.26 -33.25
C SER B 555 -9.33 22.25 -32.42
N GLU B 556 -9.97 23.33 -31.97
CA GLU B 556 -9.26 24.39 -31.25
C GLU B 556 -8.70 23.88 -29.90
N VAL B 557 -9.52 23.14 -29.18
CA VAL B 557 -9.12 22.53 -27.93
C VAL B 557 -8.02 21.47 -28.09
N MET B 558 -8.05 20.68 -29.18
CA MET B 558 -7.01 19.66 -29.37
C MET B 558 -5.68 20.26 -29.74
N ASN B 559 -5.70 21.35 -30.52
CA ASN B 559 -4.47 22.06 -30.86
C ASN B 559 -3.94 22.77 -29.62
N ALA B 560 -4.86 23.21 -28.77
CA ALA B 560 -4.56 23.84 -27.48
C ALA B 560 -3.81 22.86 -26.54
N HIS B 561 -3.99 21.56 -26.77
CA HIS B 561 -3.42 20.55 -25.90
C HIS B 561 -2.44 19.70 -26.70
N GLN B 562 -1.79 20.34 -27.67
CA GLN B 562 -0.70 19.81 -28.49
C GLN B 562 0.25 20.98 -28.58
N LYS B 563 1.53 20.77 -28.29
CA LYS B 563 2.48 21.88 -28.16
C LYS B 563 3.77 21.67 -29.00
N SER B 564 3.82 20.59 -29.77
CA SER B 564 5.02 20.32 -30.60
C SER B 564 5.09 21.20 -31.88
N SER B 565 6.31 21.39 -32.41
CA SER B 565 6.52 22.15 -33.67
C SER B 565 5.81 21.50 -34.87
N ILE B 566 5.69 20.17 -34.83
CA ILE B 566 4.86 19.43 -35.80
C ILE B 566 3.80 18.65 -35.01
N GLY B 567 2.51 18.79 -35.39
CA GLY B 567 1.37 18.41 -34.52
C GLY B 567 0.53 17.14 -34.68
N ASN B 568 -0.78 17.31 -34.51
CA ASN B 568 -1.74 16.21 -34.54
C ASN B 568 -1.90 15.59 -35.91
N SER B 569 -1.66 16.36 -36.97
CA SER B 569 -1.72 15.82 -38.34
C SER B 569 -0.64 14.76 -38.61
N LEU B 570 0.52 14.87 -37.96
CA LEU B 570 1.60 13.92 -38.20
C LEU B 570 1.23 12.51 -37.73
N ILE B 571 0.43 12.42 -36.67
CA ILE B 571 -0.06 11.14 -36.14
C ILE B 571 -0.89 10.50 -37.28
N ARG B 572 -1.76 11.30 -37.89
CA ARG B 572 -2.58 10.75 -38.98
C ARG B 572 -1.72 10.25 -40.14
N THR B 573 -0.69 11.01 -40.52
CA THR B 573 0.25 10.58 -41.55
C THR B 573 0.89 9.24 -41.23
N TYR B 574 1.43 9.13 -40.02
CA TYR B 574 2.02 7.84 -39.64
C TYR B 574 0.99 6.73 -39.57
N MET B 575 -0.19 7.04 -39.05
CA MET B 575 -1.26 6.01 -38.92
C MET B 575 -1.57 5.34 -40.28
N GLU B 576 -1.70 6.16 -41.30
CA GLU B 576 -1.95 5.77 -42.72
C GLU B 576 -0.97 4.76 -43.23
N ARG B 577 0.26 4.83 -42.73
CA ARG B 577 1.28 3.91 -43.18
C ARG B 577 1.04 2.46 -42.74
N ASP B 578 0.35 2.28 -41.62
CA ASP B 578 0.24 0.96 -41.00
C ASP B 578 -1.17 0.47 -40.69
N TYR B 579 -2.14 1.38 -40.71
CA TYR B 579 -3.52 1.12 -40.24
C TYR B 579 -4.48 1.80 -41.16
N ILE B 580 -5.70 1.30 -41.21
CA ILE B 580 -6.78 1.98 -41.86
C ILE B 580 -7.17 3.08 -40.90
N ILE B 581 -7.20 4.33 -41.37
CA ILE B 581 -7.61 5.48 -40.56
C ILE B 581 -9.10 5.49 -40.26
N PRO B 582 -9.47 5.42 -38.94
CA PRO B 582 -10.90 5.32 -38.61
C PRO B 582 -11.64 6.63 -38.80
N GLU B 583 -12.96 6.53 -38.96
CA GLU B 583 -13.82 7.70 -39.13
C GLU B 583 -14.06 8.51 -37.89
N SER B 584 -14.35 7.84 -36.77
CA SER B 584 -14.64 8.49 -35.51
C SER B 584 -13.37 8.87 -34.72
N PHE B 585 -13.46 10.02 -34.07
CA PHE B 585 -12.46 10.49 -33.12
C PHE B 585 -12.09 9.43 -32.11
N GLU B 586 -13.10 8.82 -31.49
CA GLU B 586 -12.87 7.76 -30.48
C GLU B 586 -12.03 6.59 -31.02
N ASP B 587 -12.37 6.13 -32.23
CA ASP B 587 -11.60 5.05 -32.91
C ASP B 587 -10.20 5.51 -33.32
N PHE B 588 -10.09 6.73 -33.82
CA PHE B 588 -8.78 7.33 -34.13
C PHE B 588 -7.82 7.33 -32.88
N VAL B 589 -8.34 7.74 -31.73
CA VAL B 589 -7.58 7.80 -30.46
C VAL B 589 -7.16 6.41 -30.06
N TYR B 590 -8.07 5.42 -30.17
CA TYR B 590 -7.72 4.04 -29.86
C TYR B 590 -6.60 3.53 -30.77
N VAL B 591 -6.73 3.76 -32.08
CA VAL B 591 -5.71 3.23 -33.00
C VAL B 591 -4.38 4.01 -32.80
N GLY B 592 -4.49 5.31 -32.55
CA GLY B 592 -3.28 6.09 -32.30
C GLY B 592 -2.49 5.58 -31.08
N LEU B 593 -3.18 5.07 -30.04
CA LEU B 593 -2.46 4.43 -28.90
C LEU B 593 -1.73 3.17 -29.39
N VAL B 594 -2.44 2.36 -30.18
CA VAL B 594 -1.86 1.11 -30.67
C VAL B 594 -0.61 1.41 -31.49
N LEU B 595 -0.72 2.41 -32.33
CA LEU B 595 0.31 2.82 -33.29
C LEU B 595 1.58 3.25 -32.54
N GLN B 596 1.41 4.17 -31.58
CA GLN B 596 2.56 4.63 -30.77
C GLN B 596 3.20 3.42 -30.04
N GLY B 597 2.40 2.51 -29.48
CA GLY B 597 2.93 1.29 -28.80
C GLY B 597 3.73 0.40 -29.75
N GLN B 598 3.16 0.04 -30.92
CA GLN B 598 3.81 -0.93 -31.85
C GLN B 598 5.04 -0.30 -32.48
N GLY B 599 4.92 0.96 -32.86
CA GLY B 599 6.06 1.62 -33.55
C GLY B 599 7.24 1.77 -32.59
N MET B 600 6.94 2.24 -31.38
CA MET B 600 8.02 2.43 -30.41
C MET B 600 8.63 1.13 -29.92
N ARG B 601 7.82 0.10 -29.72
CA ARG B 601 8.31 -1.19 -29.28
CA ARG B 601 8.41 -1.14 -29.25
C ARG B 601 9.26 -1.75 -30.34
N HIS B 602 8.93 -1.46 -31.61
CA HIS B 602 9.83 -1.89 -32.72
C HIS B 602 11.21 -1.29 -32.52
N GLY B 603 11.26 -0.06 -32.03
CA GLY B 603 12.57 0.57 -31.82
C GLY B 603 13.27 0.00 -30.60
N LEU B 604 12.52 -0.15 -29.50
CA LEU B 604 13.10 -0.74 -28.26
C LEU B 604 13.76 -2.12 -28.51
N GLU B 605 13.07 -2.94 -29.30
CA GLU B 605 13.53 -4.25 -29.71
C GLU B 605 14.79 -4.13 -30.58
N ALA B 606 14.80 -3.22 -31.55
CA ALA B 606 16.05 -3.00 -32.38
C ALA B 606 17.29 -2.64 -31.55
N HIS B 607 17.10 -1.83 -30.53
CA HIS B 607 18.19 -1.40 -29.65
C HIS B 607 18.78 -2.55 -28.86
N ARG B 608 17.92 -3.34 -28.21
CA ARG B 608 18.30 -4.59 -27.51
C ARG B 608 18.91 -5.60 -28.45
N ARG B 609 18.29 -5.77 -29.60
CA ARG B 609 18.78 -6.78 -30.59
C ARG B 609 20.22 -6.45 -31.00
N ASN B 610 20.53 -5.16 -31.07
CA ASN B 610 21.85 -4.72 -31.53
C ASN B 610 22.90 -4.45 -30.41
N ARG B 611 22.73 -5.09 -29.28
CA ARG B 611 23.78 -5.10 -28.26
C ARG B 611 24.87 -6.06 -28.79
N PRO B 612 26.16 -5.67 -28.66
CA PRO B 612 26.75 -4.60 -27.86
C PRO B 612 26.99 -3.30 -28.59
N TYR B 613 26.76 -3.26 -29.92
CA TYR B 613 26.85 -1.97 -30.62
C TYR B 613 26.05 -0.87 -29.91
N CYS B 614 24.78 -1.17 -29.63
CA CYS B 614 23.90 -0.35 -28.81
C CYS B 614 23.92 -0.90 -27.39
N MET B 615 24.00 0.01 -26.42
CA MET B 615 24.04 -0.40 -25.00
C MET B 615 22.95 0.22 -24.11
N GLY B 616 21.96 0.85 -24.71
CA GLY B 616 20.86 1.30 -23.90
C GLY B 616 19.79 2.03 -24.66
N THR B 617 18.62 2.12 -24.08
CA THR B 617 17.53 2.86 -24.71
C THR B 617 16.67 3.50 -23.62
N LEU B 618 16.57 4.81 -23.66
CA LEU B 618 15.64 5.59 -22.80
C LEU B 618 14.67 6.29 -23.71
N TYR B 619 13.45 5.79 -23.77
CA TYR B 619 12.49 6.52 -24.64
C TYR B 619 12.04 7.90 -24.09
N TRP B 620 11.64 8.78 -25.01
CA TRP B 620 11.02 10.04 -24.68
C TRP B 620 9.50 9.84 -24.93
N GLN B 621 8.64 9.91 -23.90
CA GLN B 621 8.94 10.25 -22.48
C GLN B 621 8.10 9.32 -21.58
N LEU B 622 8.45 9.22 -20.31
CA LEU B 622 7.71 8.36 -19.39
C LEU B 622 6.30 8.92 -19.16
N ASN B 623 6.20 10.23 -18.89
CA ASN B 623 5.07 10.78 -18.16
C ASN B 623 4.61 12.17 -18.62
N ASP B 624 3.49 12.65 -18.07
CA ASP B 624 2.92 13.95 -18.45
C ASP B 624 2.72 14.79 -17.18
N SER B 625 2.87 16.12 -17.34
CA SER B 625 2.65 17.13 -16.29
C SER B 625 1.23 17.72 -16.30
N TRP B 626 0.45 17.41 -17.33
CA TRP B 626 -0.94 17.86 -17.46
C TRP B 626 -1.64 17.09 -18.59
N PRO B 627 -2.98 17.21 -18.73
CA PRO B 627 -3.66 16.42 -19.81
C PRO B 627 -3.28 17.02 -21.17
N VAL B 628 -2.65 16.22 -22.05
CA VAL B 628 -2.11 16.78 -23.26
C VAL B 628 -1.86 15.63 -24.23
N VAL B 629 -1.70 15.97 -25.49
CA VAL B 629 -1.18 15.05 -26.52
C VAL B 629 0.37 15.13 -26.47
N SER B 630 0.99 14.00 -26.21
CA SER B 630 2.46 13.95 -26.06
C SER B 630 3.07 12.59 -26.31
N TRP B 631 4.38 12.52 -26.07
CA TRP B 631 5.18 11.33 -26.31
C TRP B 631 5.09 10.31 -25.14
N SER B 632 4.34 10.66 -24.10
CA SER B 632 4.32 9.90 -22.88
C SER B 632 3.80 8.46 -23.06
N SER B 633 4.28 7.54 -22.20
CA SER B 633 3.70 6.19 -22.14
C SER B 633 2.64 6.06 -21.04
N ILE B 634 2.59 7.05 -20.13
CA ILE B 634 1.59 7.11 -19.03
C ILE B 634 1.04 8.54 -19.05
N ASP B 635 -0.29 8.71 -19.16
CA ASP B 635 -0.86 10.04 -19.23
C ASP B 635 -0.87 10.68 -17.82
N TYR B 636 -1.31 11.93 -17.76
CA TYR B 636 -1.29 12.70 -16.51
C TYR B 636 -2.05 12.02 -15.34
N TYR B 637 -3.14 11.29 -15.65
CA TYR B 637 -3.98 10.64 -14.65
C TYR B 637 -3.50 9.27 -14.24
N GLY B 638 -2.35 8.90 -14.80
CA GLY B 638 -1.65 7.65 -14.44
C GLY B 638 -2.07 6.44 -15.27
N ASN B 639 -2.81 6.68 -16.34
CA ASN B 639 -3.31 5.55 -17.15
C ASN B 639 -2.17 5.11 -18.07
N TRP B 640 -1.85 3.82 -18.10
CA TRP B 640 -0.87 3.30 -19.01
C TRP B 640 -1.44 3.35 -20.43
N LYS B 641 -0.71 3.99 -21.35
CA LYS B 641 -1.04 3.91 -22.78
C LYS B 641 -0.53 2.54 -23.26
N ALA B 642 -0.86 2.17 -24.50
CA ALA B 642 -0.32 0.92 -25.11
C ALA B 642 1.19 0.85 -24.99
N LEU B 643 1.83 1.99 -25.18
CA LEU B 643 3.27 2.06 -25.10
C LEU B 643 3.85 1.50 -23.79
N HIS B 644 3.20 1.78 -22.67
CA HIS B 644 3.81 1.31 -21.40
C HIS B 644 3.79 -0.22 -21.31
N TYR B 645 2.67 -0.83 -21.69
CA TYR B 645 2.62 -2.32 -21.77
C TYR B 645 3.63 -2.86 -22.77
N GLN B 646 3.79 -2.14 -23.88
CA GLN B 646 4.77 -2.60 -24.91
C GLN B 646 6.19 -2.49 -24.43
N ALA B 647 6.46 -1.46 -23.64
CA ALA B 647 7.84 -1.28 -23.10
C ALA B 647 8.08 -2.38 -22.05
N LYS B 648 7.08 -2.67 -21.22
CA LYS B 648 7.20 -3.81 -20.26
C LYS B 648 7.63 -5.08 -21.03
N ARG B 649 6.93 -5.34 -22.14
CA ARG B 649 7.24 -6.54 -22.98
C ARG B 649 8.60 -6.50 -23.66
N ALA B 650 8.96 -5.35 -24.25
CA ALA B 650 10.20 -5.21 -24.96
C ALA B 650 11.40 -5.21 -24.01
N PHE B 651 11.14 -4.91 -22.72
CA PHE B 651 12.17 -4.88 -21.65
C PHE B 651 12.28 -6.16 -20.79
N ALA B 652 11.44 -7.13 -21.11
CA ALA B 652 11.45 -8.42 -20.40
C ALA B 652 12.86 -9.02 -20.40
N PRO B 653 13.32 -9.58 -19.24
CA PRO B 653 14.71 -10.04 -19.14
C PRO B 653 15.10 -11.00 -20.25
N VAL B 654 14.20 -11.92 -20.59
CA VAL B 654 14.37 -12.83 -21.78
C VAL B 654 13.32 -12.46 -22.83
N LEU B 655 13.79 -12.13 -24.03
CA LEU B 655 12.92 -11.72 -25.14
C LEU B 655 13.24 -12.53 -26.39
N ILE B 656 12.23 -13.16 -26.95
CA ILE B 656 12.33 -13.68 -28.34
C ILE B 656 11.90 -12.55 -29.25
N ASN B 657 12.79 -12.20 -30.20
CA ASN B 657 12.60 -11.10 -31.12
C ASN B 657 12.69 -11.59 -32.59
N PRO B 658 11.55 -11.92 -33.20
CA PRO B 658 11.43 -12.13 -34.67
C PRO B 658 11.57 -10.77 -35.34
N ILE B 659 12.44 -10.66 -36.32
CA ILE B 659 12.57 -9.45 -37.09
C ILE B 659 12.49 -9.84 -38.58
N GLN B 660 11.57 -9.20 -39.29
CA GLN B 660 11.39 -9.51 -40.68
C GLN B 660 11.82 -8.31 -41.53
N GLN B 661 12.70 -8.59 -42.48
CA GLN B 661 13.25 -7.59 -43.41
C GLN B 661 13.54 -8.26 -44.74
N ASN B 662 13.30 -7.52 -45.83
CA ASN B 662 13.59 -8.00 -47.19
C ASN B 662 13.02 -9.39 -47.42
N ASP B 663 11.76 -9.62 -47.04
CA ASP B 663 11.08 -10.90 -47.24
C ASP B 663 11.80 -12.11 -46.59
N SER B 664 12.53 -11.84 -45.50
CA SER B 664 13.14 -12.88 -44.70
C SER B 664 12.88 -12.64 -43.19
N LEU B 665 12.73 -13.75 -42.47
CA LEU B 665 12.55 -13.75 -41.02
C LEU B 665 13.84 -14.22 -40.31
N SER B 666 14.23 -13.50 -39.29
CA SER B 666 15.29 -13.92 -38.37
C SER B 666 14.69 -13.89 -36.99
N VAL B 667 15.13 -14.82 -36.14
CA VAL B 667 14.70 -14.85 -34.76
C VAL B 667 15.90 -14.71 -33.85
N TYR B 668 15.84 -13.71 -32.96
CA TYR B 668 16.92 -13.45 -32.01
C TYR B 668 16.43 -13.76 -30.62
N LEU B 669 17.33 -14.34 -29.84
CA LEU B 669 17.08 -14.55 -28.41
C LEU B 669 17.96 -13.54 -27.69
N ILE B 670 17.30 -12.75 -26.83
CA ILE B 670 17.95 -11.61 -26.15
C ILE B 670 17.79 -11.88 -24.64
N SER B 671 18.89 -11.83 -23.90
CA SER B 671 18.81 -12.06 -22.47
C SER B 671 19.62 -11.01 -21.74
N ASP B 672 19.01 -10.44 -20.71
CA ASP B 672 19.69 -9.55 -19.78
C ASP B 672 19.90 -10.25 -18.45
N ARG B 673 19.77 -11.57 -18.45
CA ARG B 673 20.02 -12.35 -17.23
C ARG B 673 21.53 -12.46 -16.97
N LEU B 674 21.91 -12.66 -15.71
CA LEU B 674 23.35 -12.85 -15.36
C LEU B 674 23.84 -14.30 -15.55
N ASP B 675 22.89 -15.21 -15.65
CA ASP B 675 23.16 -16.62 -15.88
C ASP B 675 22.93 -16.98 -17.36
N THR B 676 23.75 -17.88 -17.89
CA THR B 676 23.53 -18.45 -19.21
C THR B 676 22.42 -19.51 -19.16
N MET B 677 21.65 -19.69 -20.24
CA MET B 677 20.65 -20.76 -20.34
C MET B 677 21.13 -21.77 -21.40
N GLU B 678 20.97 -23.05 -21.09
CA GLU B 678 21.55 -24.13 -21.90
C GLU B 678 20.51 -25.14 -22.35
N GLN B 679 20.78 -25.79 -23.48
CA GLN B 679 19.91 -26.81 -23.99
C GLN B 679 18.47 -26.31 -24.07
N MET B 680 18.30 -25.14 -24.69
CA MET B 680 17.01 -24.55 -24.89
C MET B 680 16.47 -24.99 -26.24
N THR B 681 15.15 -25.01 -26.35
CA THR B 681 14.47 -25.26 -27.62
C THR B 681 13.58 -24.06 -28.05
N LEU B 682 13.76 -23.62 -29.30
CA LEU B 682 12.84 -22.64 -29.90
C LEU B 682 11.82 -23.40 -30.74
N GLU B 683 10.55 -23.18 -30.46
CA GLU B 683 9.48 -23.80 -31.21
C GLU B 683 8.58 -22.73 -31.80
N MET B 684 8.32 -22.84 -33.10
CA MET B 684 7.53 -21.88 -33.88
C MET B 684 6.42 -22.58 -34.67
N LYS B 685 5.25 -21.98 -34.70
CA LYS B 685 4.25 -22.47 -35.67
C LYS B 685 3.46 -21.37 -36.34
N VAL B 686 3.10 -21.60 -37.58
CA VAL B 686 2.15 -20.69 -38.27
C VAL B 686 0.70 -21.08 -37.96
N VAL B 687 -0.07 -20.09 -37.53
CA VAL B 687 -1.46 -20.29 -37.15
C VAL B 687 -2.32 -19.31 -37.94
N ASP B 688 -3.40 -19.80 -38.53
CA ASP B 688 -4.29 -18.89 -39.20
C ASP B 688 -5.17 -18.15 -38.19
N PHE B 689 -5.88 -17.12 -38.67
CA PHE B 689 -6.76 -16.34 -37.80
C PHE B 689 -7.94 -17.09 -37.18
N ASP B 690 -8.11 -18.37 -37.55
CA ASP B 690 -9.07 -19.24 -36.86
C ASP B 690 -8.46 -20.22 -35.89
N GLY B 691 -7.14 -20.23 -35.81
CA GLY B 691 -6.47 -21.03 -34.79
C GLY B 691 -5.96 -22.33 -35.36
N LYS B 692 -6.14 -22.54 -36.66
CA LYS B 692 -5.62 -23.73 -37.34
C LYS B 692 -4.15 -23.57 -37.74
N THR B 693 -3.33 -24.55 -37.41
CA THR B 693 -1.91 -24.57 -37.73
C THR B 693 -1.71 -24.82 -39.22
N LEU B 694 -0.83 -24.04 -39.86
CA LEU B 694 -0.47 -24.24 -41.28
C LEU B 694 0.91 -24.90 -41.34
N GLY B 695 1.00 -26.05 -42.03
CA GLY B 695 2.23 -26.85 -42.00
C GLY B 695 2.52 -27.46 -40.64
N LYS B 696 3.77 -27.90 -40.44
CA LYS B 696 4.19 -28.49 -39.16
C LYS B 696 4.90 -27.48 -38.24
N LYS B 697 5.05 -27.83 -36.96
CA LYS B 697 5.93 -27.08 -36.05
C LYS B 697 7.35 -27.05 -36.62
N ILE B 698 8.07 -25.98 -36.28
CA ILE B 698 9.49 -25.84 -36.54
C ILE B 698 10.14 -25.89 -35.16
N GLN B 699 11.17 -26.71 -35.04
CA GLN B 699 11.89 -26.82 -33.79
C GLN B 699 13.38 -26.62 -33.98
N VAL B 700 13.95 -25.79 -33.13
CA VAL B 700 15.38 -25.58 -33.11
C VAL B 700 15.82 -25.94 -31.70
N HIS B 701 16.59 -27.02 -31.61
CA HIS B 701 16.98 -27.61 -30.35
C HIS B 701 18.40 -27.21 -30.02
N SER B 702 18.84 -27.52 -28.80
CA SER B 702 20.27 -27.40 -28.42
C SER B 702 20.79 -25.96 -28.44
N LEU B 703 19.90 -25.03 -28.09
CA LEU B 703 20.25 -23.61 -28.11
C LEU B 703 20.79 -23.12 -26.77
N GLU B 704 21.78 -22.26 -26.84
CA GLU B 704 22.33 -21.66 -25.64
C GLU B 704 21.95 -20.18 -25.68
N VAL B 705 21.57 -19.62 -24.53
CA VAL B 705 21.28 -18.15 -24.43
C VAL B 705 22.26 -17.56 -23.41
N PRO B 706 23.43 -17.13 -23.88
CA PRO B 706 24.42 -16.59 -22.93
C PRO B 706 23.92 -15.33 -22.17
N ALA B 707 24.34 -15.18 -20.93
CA ALA B 707 23.99 -14.00 -20.12
C ALA B 707 24.29 -12.73 -20.90
N ASN B 708 23.38 -11.76 -20.82
CA ASN B 708 23.65 -10.42 -21.36
C ASN B 708 24.09 -10.42 -22.83
N THR B 709 23.33 -11.13 -23.67
CA THR B 709 23.64 -11.20 -25.12
C THR B 709 22.35 -11.21 -25.96
N SER B 710 22.53 -10.89 -27.25
CA SER B 710 21.50 -11.00 -28.27
C SER B 710 22.12 -11.85 -29.37
N LYS B 711 21.49 -12.98 -29.72
CA LYS B 711 22.02 -13.85 -30.76
C LYS B 711 20.92 -14.32 -31.70
N CYS B 712 21.23 -14.36 -32.99
CA CYS B 712 20.41 -14.94 -34.04
C CYS B 712 20.46 -16.46 -33.99
N VAL B 713 19.29 -17.09 -33.83
CA VAL B 713 19.19 -18.56 -33.70
C VAL B 713 18.47 -19.24 -34.90
N TYR B 714 17.94 -18.44 -35.81
CA TYR B 714 17.09 -18.96 -36.90
C TYR B 714 16.88 -17.88 -37.97
N ARG B 715 17.00 -18.30 -39.23
CA ARG B 715 16.77 -17.45 -40.39
C ARG B 715 16.08 -18.26 -41.48
N ALA B 716 15.04 -17.70 -42.07
CA ALA B 716 14.32 -18.35 -43.17
C ALA B 716 13.73 -17.29 -44.10
N LYS B 717 13.91 -17.45 -45.40
CA LYS B 717 13.20 -16.59 -46.35
C LYS B 717 11.69 -16.96 -46.38
N LEU B 718 10.84 -15.97 -46.64
CA LEU B 718 9.39 -16.23 -46.74
C LEU B 718 8.97 -16.95 -48.03
N ASP B 719 9.68 -16.67 -49.12
CA ASP B 719 9.40 -17.29 -50.42
C ASP B 719 9.65 -18.80 -50.42
N GLY B 720 8.57 -19.54 -50.66
CA GLY B 720 8.62 -21.00 -50.63
C GLY B 720 8.20 -21.53 -49.27
N TRP B 721 7.98 -20.64 -48.31
CA TRP B 721 7.47 -21.02 -47.00
C TRP B 721 6.02 -20.54 -46.93
N LEU B 722 5.83 -19.23 -47.06
CA LEU B 722 4.49 -18.64 -46.97
C LEU B 722 4.14 -17.84 -48.20
N THR B 723 2.94 -18.05 -48.73
CA THR B 723 2.47 -17.28 -49.88
C THR B 723 2.09 -15.88 -49.43
N PRO B 724 2.09 -14.89 -50.35
CA PRO B 724 1.60 -13.56 -49.93
C PRO B 724 0.18 -13.56 -49.31
N GLU B 725 -0.69 -14.49 -49.76
CA GLU B 725 -2.01 -14.67 -49.17
C GLU B 725 -1.91 -15.17 -47.72
N ASP B 726 -1.10 -16.19 -47.49
CA ASP B 726 -0.82 -16.72 -46.13
C ASP B 726 -0.35 -15.59 -45.18
N CYS B 727 0.51 -14.72 -45.68
CA CYS B 727 1.05 -13.60 -44.89
C CYS B 727 -0.01 -12.61 -44.40
N ARG B 728 -1.13 -12.53 -45.09
CA ARG B 728 -2.25 -11.65 -44.70
C ARG B 728 -3.24 -12.32 -43.78
N ARG B 729 -3.08 -13.62 -43.56
CA ARG B 729 -4.14 -14.41 -42.90
C ARG B 729 -3.64 -15.33 -41.81
N SER B 730 -2.39 -15.16 -41.39
CA SER B 730 -1.85 -15.99 -40.33
C SER B 730 -0.80 -15.22 -39.52
N PHE B 731 -0.35 -15.84 -38.43
CA PHE B 731 0.69 -15.25 -37.59
C PHE B 731 1.64 -16.36 -37.15
N LEU B 732 2.82 -15.98 -36.66
CA LEU B 732 3.78 -16.93 -36.14
C LEU B 732 3.76 -16.87 -34.63
N LYS B 733 3.60 -18.04 -34.01
CA LYS B 733 3.67 -18.18 -32.58
C LYS B 733 5.06 -18.73 -32.27
N LEU B 734 5.75 -18.15 -31.29
CA LEU B 734 7.10 -18.52 -30.97
C LEU B 734 7.17 -18.76 -29.46
N ILE B 735 7.72 -19.90 -29.05
CA ILE B 735 7.95 -20.15 -27.62
C ILE B 735 9.37 -20.63 -27.44
N LEU B 736 9.96 -20.24 -26.32
CA LEU B 736 11.27 -20.70 -25.89
C LEU B 736 11.09 -21.58 -24.67
N LYS B 737 11.63 -22.80 -24.75
CA LYS B 737 11.50 -23.81 -23.69
C LYS B 737 12.85 -24.28 -23.15
N ASP B 738 12.89 -24.56 -21.83
CA ASP B 738 14.07 -25.20 -21.23
C ASP B 738 14.15 -26.70 -21.59
N LYS B 739 15.28 -27.34 -21.27
CA LYS B 739 15.49 -28.78 -21.52
C LYS B 739 14.31 -29.63 -21.02
N SER B 740 13.69 -29.20 -19.92
CA SER B 740 12.57 -29.95 -19.37
C SER B 740 11.27 -29.66 -20.10
N GLY B 741 11.24 -28.66 -20.97
CA GLY B 741 10.00 -28.33 -21.71
C GLY B 741 9.12 -27.26 -21.08
N HIS B 742 9.64 -26.60 -20.06
CA HIS B 742 9.00 -25.46 -19.43
C HIS B 742 9.22 -24.20 -20.30
N GLN B 743 8.15 -23.45 -20.52
CA GLN B 743 8.17 -22.22 -21.29
C GLN B 743 8.81 -21.05 -20.51
N VAL B 744 9.83 -20.43 -21.12
CA VAL B 744 10.58 -19.31 -20.57
C VAL B 744 10.20 -17.95 -21.23
N ALA B 745 9.71 -18.01 -22.46
CA ALA B 745 9.30 -16.81 -23.20
C ALA B 745 8.38 -17.18 -24.33
N GLU B 746 7.56 -16.22 -24.75
CA GLU B 746 6.77 -16.40 -25.95
C GLU B 746 6.71 -15.09 -26.72
N SER B 747 6.42 -15.19 -28.02
CA SER B 747 6.22 -14.02 -28.89
CA SER B 747 6.16 -14.00 -28.83
C SER B 747 5.16 -14.36 -29.95
N VAL B 748 4.65 -13.33 -30.61
CA VAL B 748 3.79 -13.47 -31.77
C VAL B 748 4.34 -12.50 -32.83
N HIS B 749 4.39 -12.96 -34.08
CA HIS B 749 4.85 -12.12 -35.18
C HIS B 749 3.80 -12.10 -36.32
N PHE B 750 3.51 -10.90 -36.83
CA PHE B 750 2.66 -10.74 -38.01
C PHE B 750 3.56 -10.46 -39.19
N PHE B 751 3.19 -11.01 -40.36
CA PHE B 751 4.03 -10.94 -41.55
C PHE B 751 3.74 -9.73 -42.45
N ARG B 752 2.69 -9.00 -42.12
CA ARG B 752 2.28 -7.87 -42.90
C ARG B 752 1.86 -6.76 -41.96
N LYS B 753 1.81 -5.54 -42.48
CA LYS B 753 1.25 -4.40 -41.76
C LYS B 753 -0.19 -4.65 -41.41
N THR B 754 -0.60 -4.08 -40.28
CA THR B 754 -1.97 -4.30 -39.79
C THR B 754 -3.05 -3.91 -40.81
N LYS B 755 -2.87 -2.78 -41.51
CA LYS B 755 -3.88 -2.41 -42.56
C LYS B 755 -4.03 -3.47 -43.67
N ASP B 756 -3.01 -4.31 -43.84
CA ASP B 756 -2.97 -5.33 -44.87
C ASP B 756 -3.44 -6.71 -44.39
N LEU B 757 -3.66 -6.85 -43.07
CA LEU B 757 -4.18 -8.12 -42.55
C LEU B 757 -5.65 -8.28 -42.90
N GLN B 758 -6.06 -9.53 -43.16
CA GLN B 758 -7.46 -9.81 -43.43
C GLN B 758 -8.08 -10.24 -42.10
N LEU B 759 -8.40 -9.24 -41.27
CA LEU B 759 -8.90 -9.49 -39.93
C LEU B 759 -10.33 -10.00 -39.94
N PRO B 760 -10.63 -11.04 -39.13
CA PRO B 760 -12.00 -11.56 -39.18
C PRO B 760 -12.93 -10.73 -38.31
N PRO B 761 -14.25 -10.80 -38.57
CA PRO B 761 -15.33 -10.14 -37.80
C PRO B 761 -15.56 -10.98 -36.51
N THR B 762 -14.54 -10.96 -35.69
CA THR B 762 -14.44 -11.84 -34.56
C THR B 762 -15.43 -11.44 -33.49
N SER B 763 -15.84 -12.44 -32.73
CA SER B 763 -16.77 -12.25 -31.66
C SER B 763 -15.96 -12.36 -30.32
N VAL B 764 -15.96 -11.29 -29.51
CA VAL B 764 -15.17 -11.31 -28.27
C VAL B 764 -16.11 -11.40 -27.08
N SER B 765 -16.02 -12.47 -26.32
CA SER B 765 -16.85 -12.57 -25.13
C SER B 765 -15.98 -12.54 -23.88
N TYR B 766 -16.59 -12.22 -22.73
CA TYR B 766 -15.87 -12.29 -21.44
C TYR B 766 -16.84 -12.60 -20.30
N GLN B 767 -16.31 -13.25 -19.27
CA GLN B 767 -17.01 -13.41 -17.99
C GLN B 767 -16.33 -12.48 -16.97
N MET B 768 -17.12 -11.89 -16.06
CA MET B 768 -16.64 -10.89 -15.08
C MET B 768 -16.84 -11.40 -13.66
N LYS B 769 -15.79 -11.29 -12.85
CA LYS B 769 -15.87 -11.57 -11.41
C LYS B 769 -15.50 -10.25 -10.73
N GLN B 770 -16.51 -9.53 -10.25
CA GLN B 770 -16.28 -8.27 -9.60
C GLN B 770 -16.46 -8.33 -8.06
N THR B 771 -15.43 -7.88 -7.36
CA THR B 771 -15.55 -7.66 -5.92
C THR B 771 -15.00 -6.27 -5.68
N ASP B 772 -15.40 -5.58 -4.62
CA ASP B 772 -14.84 -4.23 -4.43
C ASP B 772 -13.28 -4.28 -4.34
N GLY B 773 -12.64 -3.30 -4.96
CA GLY B 773 -11.19 -3.32 -5.22
C GLY B 773 -10.78 -3.92 -6.57
N LYS B 774 -11.61 -4.83 -7.12
CA LYS B 774 -11.13 -5.72 -8.18
C LYS B 774 -12.19 -6.22 -9.13
N CYS B 775 -11.80 -6.30 -10.40
CA CYS B 775 -12.59 -6.92 -11.47
CA CYS B 775 -12.59 -6.92 -11.43
C CYS B 775 -11.70 -7.92 -12.18
N GLU B 776 -12.12 -9.19 -12.21
CA GLU B 776 -11.40 -10.23 -12.94
C GLU B 776 -12.20 -10.56 -14.21
N LEU B 777 -11.58 -10.37 -15.38
CA LEU B 777 -12.21 -10.74 -16.67
C LEU B 777 -11.55 -11.97 -17.24
N THR B 778 -12.36 -12.85 -17.83
CA THR B 778 -11.79 -13.92 -18.64
C THR B 778 -12.27 -13.71 -20.06
N LEU B 779 -11.35 -13.46 -20.98
CA LEU B 779 -11.76 -13.13 -22.35
C LEU B 779 -11.58 -14.31 -23.28
N PHE B 780 -12.46 -14.39 -24.27
CA PHE B 780 -12.36 -15.47 -25.22
C PHE B 780 -12.80 -15.03 -26.60
N SER B 781 -12.12 -15.56 -27.62
CA SER B 781 -12.46 -15.32 -29.03
C SER B 781 -12.06 -16.56 -29.83
N SER B 782 -12.97 -17.11 -30.65
CA SER B 782 -12.59 -18.23 -31.54
C SER B 782 -11.71 -17.77 -32.69
N MET B 783 -11.66 -16.46 -32.93
CA MET B 783 -10.78 -15.95 -33.97
CA MET B 783 -10.86 -15.89 -34.03
C MET B 783 -9.92 -14.81 -33.46
N LEU B 784 -8.83 -14.54 -34.15
CA LEU B 784 -7.94 -13.42 -33.78
C LEU B 784 -8.68 -12.09 -33.58
N ALA B 785 -8.50 -11.46 -32.40
CA ALA B 785 -8.79 -10.04 -32.23
C ALA B 785 -7.48 -9.27 -32.01
N LYS B 786 -7.25 -8.25 -32.86
CA LYS B 786 -6.01 -7.50 -32.94
C LYS B 786 -5.96 -6.29 -31.96
N ASP B 787 -4.90 -6.23 -31.15
CA ASP B 787 -4.66 -5.08 -30.27
C ASP B 787 -5.83 -4.67 -29.40
N ILE B 788 -6.30 -5.63 -28.65
CA ILE B 788 -7.45 -5.47 -27.75
C ILE B 788 -7.17 -4.39 -26.71
N PHE B 789 -8.15 -3.50 -26.56
CA PHE B 789 -8.12 -2.47 -25.55
C PHE B 789 -9.37 -2.57 -24.70
N ILE B 790 -9.15 -2.87 -23.43
CA ILE B 790 -10.20 -2.96 -22.43
C ILE B 790 -10.27 -1.59 -21.79
N GLU B 791 -11.34 -0.90 -22.11
CA GLU B 791 -11.48 0.48 -21.77
C GLU B 791 -12.51 0.58 -20.65
N THR B 792 -12.10 1.24 -19.58
CA THR B 792 -13.02 1.50 -18.46
C THR B 792 -13.00 2.97 -18.14
N PRO B 793 -14.06 3.45 -17.45
CA PRO B 793 -14.16 4.88 -17.22
C PRO B 793 -13.46 5.36 -15.94
N LEU B 794 -12.93 4.46 -15.13
CA LEU B 794 -12.25 4.87 -13.90
C LEU B 794 -10.85 5.40 -14.16
N GLN B 795 -10.63 6.67 -13.80
CA GLN B 795 -9.31 7.27 -13.91
C GLN B 795 -8.29 6.50 -13.09
N GLY B 796 -7.14 6.20 -13.68
CA GLY B 796 -6.03 5.52 -12.98
C GLY B 796 -6.15 4.01 -12.68
N ALA B 797 -7.20 3.38 -13.18
CA ALA B 797 -7.37 1.93 -13.01
C ALA B 797 -6.17 1.22 -13.62
N ARG B 798 -5.68 0.20 -12.91
CA ARG B 798 -4.51 -0.58 -13.26
C ARG B 798 -4.97 -1.93 -13.84
N TYR B 799 -4.25 -2.43 -14.84
CA TYR B 799 -4.63 -3.72 -15.48
C TYR B 799 -3.47 -4.69 -15.44
N SER B 800 -3.74 -5.99 -15.22
CA SER B 800 -2.63 -6.97 -15.30
C SER B 800 -2.03 -6.94 -16.71
N ASP B 801 -2.87 -6.69 -17.75
CA ASP B 801 -2.41 -6.56 -19.14
C ASP B 801 -3.49 -5.79 -19.92
N ASN B 802 -3.06 -5.22 -21.02
CA ASN B 802 -3.96 -4.49 -21.88
C ASN B 802 -3.22 -4.29 -23.19
N PHE B 803 -3.93 -3.88 -24.24
CA PHE B 803 -3.29 -3.71 -25.57
C PHE B 803 -2.51 -4.92 -26.07
N PHE B 804 -3.21 -6.07 -26.10
CA PHE B 804 -2.61 -7.32 -26.50
C PHE B 804 -3.48 -7.93 -27.60
N ASP B 805 -2.87 -8.77 -28.43
CA ASP B 805 -3.67 -9.63 -29.33
C ASP B 805 -4.29 -10.79 -28.57
N LEU B 806 -5.59 -10.97 -28.82
CA LEU B 806 -6.31 -12.13 -28.31
C LEU B 806 -6.30 -13.22 -29.39
N LEU B 807 -5.57 -14.30 -29.14
CA LEU B 807 -5.29 -15.32 -30.17
C LEU B 807 -6.49 -16.25 -30.28
N PRO B 808 -6.75 -16.81 -31.49
CA PRO B 808 -7.99 -17.63 -31.65
C PRO B 808 -8.03 -18.81 -30.68
N GLY B 809 -9.08 -18.92 -29.87
CA GLY B 809 -9.23 -20.07 -28.93
C GLY B 809 -8.34 -20.09 -27.69
N GLU B 810 -7.56 -19.02 -27.50
CA GLU B 810 -6.70 -18.93 -26.31
C GLU B 810 -7.24 -17.92 -25.32
N ARG B 811 -7.85 -18.44 -24.25
CA ARG B 811 -8.50 -17.67 -23.18
C ARG B 811 -7.51 -16.73 -22.45
N LYS B 812 -7.98 -15.53 -22.08
CA LYS B 812 -7.10 -14.56 -21.43
C LYS B 812 -7.72 -13.92 -20.19
N LYS B 813 -7.06 -14.07 -19.05
CA LYS B 813 -7.56 -13.44 -17.83
C LYS B 813 -6.89 -12.08 -17.63
N VAL B 814 -7.69 -11.05 -17.36
CA VAL B 814 -7.19 -9.70 -17.06
C VAL B 814 -7.76 -9.28 -15.72
N ILE B 815 -6.89 -8.81 -14.82
CA ILE B 815 -7.37 -8.29 -13.56
C ILE B 815 -7.29 -6.78 -13.60
N ILE B 816 -8.36 -6.12 -13.20
CA ILE B 816 -8.43 -4.66 -13.18
C ILE B 816 -8.59 -4.25 -11.72
N THR B 817 -7.66 -3.44 -11.23
CA THR B 817 -7.77 -2.94 -9.85
C THR B 817 -7.99 -1.44 -9.80
N SER B 818 -8.82 -1.00 -8.85
CA SER B 818 -9.00 0.40 -8.53
C SER B 818 -9.76 0.55 -7.21
N PRO B 819 -9.30 1.48 -6.33
CA PRO B 819 -10.01 1.67 -5.07
C PRO B 819 -11.47 2.08 -5.31
N ARG B 820 -11.78 2.51 -6.54
CA ARG B 820 -13.14 2.89 -6.94
C ARG B 820 -14.04 1.76 -7.47
N ILE B 821 -13.54 0.52 -7.54
CA ILE B 821 -14.42 -0.69 -7.71
C ILE B 821 -14.84 -1.09 -6.26
N LYS B 822 -16.12 -1.34 -5.96
CA LYS B 822 -16.83 -2.39 -6.75
C LYS B 822 -18.32 -2.74 -6.54
N LYS B 823 -18.55 -3.82 -5.78
CA LYS B 823 -19.69 -4.75 -5.95
C LYS B 823 -21.04 -4.12 -6.35
N GLY B 824 -21.61 -4.65 -7.45
CA GLY B 824 -22.76 -4.03 -8.15
C GLY B 824 -23.00 -2.69 -7.48
N GLU B 825 -22.18 -1.68 -7.76
CA GLU B 825 -21.87 -1.12 -9.07
C GLU B 825 -20.95 -1.89 -10.06
N GLU B 826 -21.57 -2.48 -11.10
CA GLU B 826 -20.84 -3.15 -12.22
C GLU B 826 -19.98 -2.11 -12.98
N LEU B 827 -18.71 -2.44 -13.16
CA LEU B 827 -17.79 -1.58 -13.92
C LEU B 827 -18.11 -1.59 -15.45
N PRO B 828 -18.47 -0.43 -16.03
CA PRO B 828 -18.54 -0.37 -17.49
C PRO B 828 -17.21 -0.83 -18.14
N VAL B 829 -17.32 -1.71 -19.13
CA VAL B 829 -16.19 -2.31 -19.84
C VAL B 829 -16.53 -2.17 -21.35
N ASN B 830 -15.62 -1.54 -22.09
CA ASN B 830 -15.74 -1.42 -23.53
C ASN B 830 -14.51 -2.04 -24.19
N ILE B 831 -14.67 -3.18 -24.87
CA ILE B 831 -13.53 -3.85 -25.49
C ILE B 831 -13.39 -3.41 -26.95
N LYS B 832 -12.29 -2.72 -27.29
CA LYS B 832 -12.10 -2.30 -28.66
C LYS B 832 -11.07 -3.22 -29.30
N HIS B 833 -11.16 -3.41 -30.62
CA HIS B 833 -10.08 -4.10 -31.36
C HIS B 833 -10.09 -3.59 -32.79
N ILE B 834 -9.02 -3.88 -33.55
CA ILE B 834 -8.70 -3.11 -34.74
C ILE B 834 -9.79 -3.30 -35.84
N ARG B 835 -10.32 -4.53 -35.91
CA ARG B 835 -11.35 -4.82 -36.94
C ARG B 835 -12.56 -3.90 -36.82
N GLU B 836 -12.93 -3.52 -35.59
CA GLU B 836 -14.07 -2.68 -35.35
C GLU B 836 -13.96 -1.25 -35.82
N THR B 837 -12.78 -0.84 -36.22
CA THR B 837 -12.53 0.57 -36.44
C THR B 837 -12.69 1.01 -37.90
N TYR B 838 -13.00 0.08 -38.81
CA TYR B 838 -13.21 0.44 -40.20
C TYR B 838 -14.38 -0.36 -40.88
N LYS B 839 -14.84 0.22 -41.97
CA LYS B 839 -15.95 -0.26 -42.77
C LYS B 839 -15.38 -0.65 -44.13
N GLU B 840 -15.57 -1.92 -44.47
CA GLU B 840 -15.28 -2.46 -45.79
C GLU B 840 -16.42 -2.13 -46.74
N HIS B 841 -16.03 -1.79 -47.98
CA HIS B 841 -16.98 -1.57 -49.06
C HIS B 841 -16.97 -2.67 -50.13
N HIS B 842 -18.00 -2.67 -50.98
CA HIS B 842 -18.08 -3.64 -52.10
C HIS B 842 -16.88 -3.49 -53.04
C1 MNM C . -21.14 -14.39 21.75
C2 MNM C . -20.14 -14.11 22.88
C3 MNM C . -22.37 -13.46 21.86
O4 MNM C . -21.58 -15.76 21.80
O5 MNM C . -19.25 -15.20 23.16
N6 MNM C . -20.79 -13.84 24.16
O7 MNM C . -22.79 -13.04 20.55
C8 MNM C . -22.16 -12.25 22.82
C9 MNM C . -23.36 -11.27 22.85
C10 MNM C . -21.85 -12.81 24.21
O11 MNM C . -24.51 -11.91 23.38
C1 EDO D . -24.27 -16.29 24.65
O1 EDO D . -22.96 -15.78 24.33
C2 EDO D . -25.35 -15.58 23.83
O2 EDO D . -25.14 -15.89 22.44
C1 EDO E . 7.15 -17.92 14.11
O1 EDO E . 6.65 -16.83 13.28
C2 EDO E . 6.41 -18.06 15.44
O2 EDO E . 5.12 -18.73 15.25
C1 EDO F . -16.61 -4.61 9.40
O1 EDO F . -17.50 -4.68 10.55
C2 EDO F . -16.05 -6.00 9.03
O2 EDO F . -16.88 -7.11 9.45
C1 EDO G . -29.99 -22.50 -10.52
O1 EDO G . -31.34 -22.67 -10.04
C2 EDO G . -29.69 -23.46 -11.65
O2 EDO G . -30.33 -24.75 -11.39
C1 EDO H . -37.36 8.11 19.32
O1 EDO H . -36.88 7.57 20.54
C2 EDO H . -37.57 7.08 18.24
O2 EDO H . -38.54 6.10 18.65
C1 EDO I . -17.05 -20.29 33.57
O1 EDO I . -18.12 -19.38 33.94
C2 EDO I . -17.37 -21.72 33.99
O2 EDO I . -17.28 -21.82 35.43
C1 EDO J . -15.11 -9.15 36.26
O1 EDO J . -15.32 -7.95 35.50
C2 EDO J . -16.36 -10.01 36.28
O2 EDO J . -17.58 -9.29 35.99
C1 EDO K . 6.63 -20.69 20.52
O1 EDO K . 7.70 -19.73 20.43
C2 EDO K . 5.44 -20.26 19.64
O2 EDO K . 4.77 -19.11 20.26
C1 EDO L . -28.69 -31.33 -11.79
O1 EDO L . -29.85 -30.53 -11.49
C2 EDO L . -29.08 -32.81 -11.68
O2 EDO L . -29.45 -33.17 -10.33
C1 EDO M . -20.31 11.61 34.63
O1 EDO M . -18.87 11.63 34.74
C2 EDO M . -21.00 11.73 35.99
O2 EDO M . -20.04 11.91 37.04
C1 EDO N . 1.04 -2.41 23.72
O1 EDO N . 1.76 -3.39 22.98
C2 EDO N . 1.28 -2.75 25.19
O2 EDO N . 0.10 -2.86 26.02
C1 EDO O . 3.64 -16.92 7.78
O1 EDO O . 3.96 -16.88 6.33
C2 EDO O . 3.52 -18.25 8.50
O2 EDO O . 2.61 -19.26 7.90
BR BR P . -0.31 -38.32 -8.32
BR BR Q . 11.89 -40.42 6.97
BR BR R . -15.24 9.43 35.64
BR BR S . -7.11 -28.74 29.52
BR BR T . -0.97 -36.15 -3.13
BR BR U . -19.42 11.60 41.99
C1 EDO V . -25.29 -14.17 29.14
O1 EDO V . -25.65 -13.94 30.51
C2 EDO V . -23.79 -14.07 28.91
O2 EDO V . -23.04 -14.51 30.04
CL CL W . -8.38 -18.40 1.47
BR BR X . -33.16 -35.61 27.77
C1 EDO Y . 19.54 -6.90 17.80
O1 EDO Y . 19.19 -5.79 18.63
C2 EDO Y . 19.56 -6.34 16.38
O2 EDO Y . 20.29 -7.23 15.57
C1 EDO Z . -16.98 11.00 31.51
O1 EDO Z . -17.78 11.37 30.39
C2 EDO Z . -16.34 12.28 31.98
O2 EDO Z . -16.44 13.19 30.89
CL CL AA . -34.89 -6.62 -2.31
C1 MNM BA . 12.72 17.68 -24.87
C2 MNM BA . 13.76 16.64 -25.29
C3 MNM BA . 11.50 17.68 -25.81
O4 MNM BA . 13.23 19.04 -24.85
O5 MNM BA . 15.07 16.80 -24.69
N6 MNM BA . 13.91 16.52 -26.77
O7 MNM BA . 10.30 17.79 -25.04
C8 MNM BA . 11.45 16.41 -26.72
C9 MNM BA . 10.18 16.38 -27.57
C10 MNM BA . 12.73 16.31 -27.58
O11 MNM BA . 10.27 17.42 -28.61
C1 EDO CA . 2.96 10.96 -13.94
O1 EDO CA . 3.34 12.33 -14.24
C2 EDO CA . 1.80 10.49 -14.86
O2 EDO CA . 2.12 10.73 -16.25
C1 EDO DA . 31.15 -2.78 -25.35
O1 EDO DA . 31.02 -1.60 -26.19
C2 EDO DA . 29.80 -3.05 -24.70
O2 EDO DA . 29.83 -4.22 -23.85
C1 EDO EA . 26.63 5.50 -3.20
O1 EDO EA . 26.33 6.86 -3.66
C2 EDO EA . 26.07 5.20 -1.80
O2 EDO EA . 24.68 4.76 -1.74
C1 EDO FA . -3.57 13.68 -10.74
O1 EDO FA . -4.96 13.36 -10.59
C2 EDO FA . -2.87 12.61 -11.56
O2 EDO FA . -2.64 11.39 -10.83
C1 EDO GA . -5.75 37.33 -1.51
O1 EDO GA . -5.48 38.66 -2.05
C2 EDO GA . -5.80 36.33 -2.67
O2 EDO GA . -6.03 37.10 -3.85
C1 EDO HA . 20.10 -6.47 -24.88
O1 EDO HA . 19.25 -6.19 -23.69
C2 EDO HA . 20.69 -7.90 -24.92
O2 EDO HA . 21.38 -8.35 -23.73
C1 EDO IA . -0.02 44.16 0.82
O1 EDO IA . 0.54 44.44 -0.48
C2 EDO IA . -0.68 42.78 0.79
O2 EDO IA . -1.57 42.82 -0.33
C1 EDO JA . 20.99 8.83 0.70
O1 EDO JA . 20.85 10.31 0.82
C2 EDO JA . 19.77 7.93 1.04
O2 EDO JA . 19.21 7.87 2.41
C1 EDO KA . 14.19 18.43 -32.71
O1 EDO KA . 14.49 17.90 -34.01
C2 EDO KA . 14.77 17.49 -31.64
O2 EDO KA . 16.04 17.02 -32.11
C1 EDO LA . 4.99 -7.30 -35.20
O1 EDO LA . 4.26 -8.50 -35.45
C2 EDO LA . 4.18 -6.18 -35.76
O2 EDO LA . 4.58 -6.24 -37.15
C1 EDO MA . 31.96 14.51 -24.51
O1 EDO MA . 33.03 15.23 -23.85
C2 EDO MA . 31.90 13.08 -23.98
O2 EDO MA . 33.05 12.40 -24.46
C1 EDO NA . 9.44 43.39 -9.72
O1 EDO NA . 10.58 43.12 -8.89
C2 EDO NA . 8.20 43.52 -8.87
O2 EDO NA . 8.51 43.32 -7.47
C1 EDO OA . 26.20 18.34 -30.91
O1 EDO OA . 27.17 17.79 -31.84
C2 EDO OA . 25.16 17.30 -30.46
O2 EDO OA . 24.19 17.05 -31.49
C1 EDO PA . 12.81 21.42 -28.40
O1 EDO PA . 11.78 21.18 -27.44
C2 EDO PA . 13.44 20.11 -28.83
O2 EDO PA . 13.85 19.35 -27.68
C1 EDO QA . 19.29 -5.77 -16.21
O1 EDO QA . 19.10 -4.86 -15.12
C2 EDO QA . 19.04 -5.00 -17.51
O2 EDO QA . 20.02 -5.11 -18.55
BR BR RA . 21.24 30.63 15.90
BR BR SA . 9.56 -7.89 -45.40
BR BR TA . 33.48 18.43 -19.86
BR BR UA . 22.85 28.32 10.95
C1 EDO VA . 2.00 40.05 9.47
O1 EDO VA . 3.18 39.47 8.95
C2 EDO VA . 1.40 40.85 8.33
O2 EDO VA . -0.01 40.69 8.34
CL CL WA . 9.52 -7.29 -37.65
C1 EDO XA . -3.93 -4.94 -11.92
O1 EDO XA . -4.41 -6.23 -11.58
C2 EDO XA . -2.42 -5.10 -12.07
O2 EDO XA . -1.81 -4.44 -10.97
C1 EDO YA . 6.25 -7.08 -41.56
O1 EDO YA . 5.26 -6.05 -41.75
C2 EDO YA . 6.99 -6.87 -40.24
O2 EDO YA . 6.08 -7.04 -39.13
C1 EDO ZA . 20.33 34.91 21.10
O1 EDO ZA . 19.98 36.16 21.70
C2 EDO ZA . 21.79 34.87 20.65
O2 EDO ZA . 21.98 33.95 19.54
C1 EDO AB . 6.60 13.84 -1.67
O1 EDO AB . 5.89 14.12 -0.47
C2 EDO AB . 6.25 14.92 -2.69
O2 EDO AB . 5.23 15.78 -2.19
CL CL BB . 34.85 2.17 -5.87
C1 EDO CB . 21.63 -18.85 -37.05
O1 EDO CB . 22.94 -18.28 -37.00
C2 EDO CB . 20.96 -18.37 -38.32
O2 EDO CB . 20.26 -19.47 -38.92
CL CL DB . -16.94 -6.34 -1.70
#